data_8K0K
#
_entry.id   8K0K
#
_cell.length_a   238.853
_cell.length_b   95.077
_cell.length_c   204.031
_cell.angle_alpha   90.00
_cell.angle_beta   93.16
_cell.angle_gamma   90.00
#
_symmetry.space_group_name_H-M   'C 1 2 1'
#
loop_
_entity.id
_entity.type
_entity.pdbx_description
1 polymer Csy1
2 polymer Csy2
3 polymer Csy3
4 polymer Csy4
5 polymer 'RNA (60-MER)'
#
loop_
_entity_poly.entity_id
_entity_poly.type
_entity_poly.pdbx_seq_one_letter_code
_entity_poly.pdbx_strand_id
1 'polypeptide(L)'
;MIKEMIEDFISKGGLIFTHSGRYTNTNNSCFIFNKNDIGVDTKVDMYTPKSAGIKNEEGENLWQVLNKANMFYRIYSGEL
GEELQYLLKSCCTAKEDVTTLPQIYFKNGEGYDILVPIGNAHNLISGTEYLWEHKYYNTFTQKLGGSNPQNCTHACNKMR
GGFKQFNCTPPQVEDNYNA
;
A
2 'polypeptide(L)'
;MRKFIIVKNVKVDGINAKSSDITVGMPPATTFCGLGETMSIKTGIVVKAVSYGSVKFEVRGSRFNTSVTKFAWQDRGNGG
KANNNSPIQPKPLADGVFTLCFEVEWEDCAEVLVDKVTNFINTARIAGGTIASFNKPFVKVAKDAEELASVKNAMMPCYV
VVDCGVEVNIFEDAVNRKLQPMVNGYKKLEKIVDNKHMRDKFTPAYLATPTYTMIGYKMVSNVDNFDQALWQYGENTKVK
TIGGIYND
;
B
3 'polypeptide(L)'
;MTKLKAPAVLAYSRKINPTNALMFAVNWSDRDNTTAVMVGTKTVAGTQSVRGNPNDADKGNIQTVNFANLPHNKNTLLVK
YNVKFVGDVFKAELGGGEYSNTLQTALENTDFGTLAYRYVYNIAAGRTLWRNRVGAESIETVITVNDQTFTFSDLLVNEF
DEDVDVAEIADMVAGVLSGEGFVTLKVEHYMLLGEGSEVFPSQEFVENSKLSKQLFDLNGQAAMHDQKIGNAIRTIDTWY
EDATTPIAVEPYGSVVRNGVAYRAGNKTDLFTLMDGAVNGKSLTEEDQMFVTANLIRGGVFGGGKD
;
C,D,E,F,G,H
4 'polypeptide(L)'
;MYNTISITVVDADDVGVNFVVSKVLSTLHNKGIFNGEVGVTFPRMDKNVGDIITLFSKTGVDRKVLTSTLNTLTDFIHIG
KPKEADKVKTYRKVDTKSKGKLIRRCIKRKGVSAETAESLYGNYKGEKCKLPYIVVNSKSTGQRFSMFLEECENSEKFNS
YGLCIVSC
;
I
5 'polyribonucleotide' CUUAAAGAGUCAACCCUUUGCUUAUCUUCCCUAUUUAAAUGUUAGCAGCCGCAUAGGCUG J
#
# COMPACT_ATOMS: atom_id res chain seq x y z
N MET A 1 -60.88 -27.65 -11.56
CA MET A 1 -59.93 -27.31 -12.60
C MET A 1 -58.75 -28.30 -12.69
N ILE A 2 -58.32 -28.83 -11.53
CA ILE A 2 -57.01 -29.48 -11.45
C ILE A 2 -56.91 -30.67 -12.38
N LYS A 3 -57.90 -31.58 -12.31
CA LYS A 3 -57.93 -32.70 -13.23
C LYS A 3 -57.95 -32.22 -14.69
N GLU A 4 -58.67 -31.13 -14.95
CA GLU A 4 -58.72 -30.59 -16.30
C GLU A 4 -57.34 -30.11 -16.76
N MET A 5 -56.61 -29.44 -15.88
CA MET A 5 -55.26 -29.01 -16.24
C MET A 5 -54.37 -30.20 -16.52
N ILE A 6 -54.44 -31.25 -15.68
CA ILE A 6 -53.63 -32.44 -15.91
C ILE A 6 -53.97 -33.05 -17.26
N GLU A 7 -55.26 -33.12 -17.59
CA GLU A 7 -55.67 -33.71 -18.87
C GLU A 7 -55.20 -32.87 -20.05
N ASP A 8 -55.36 -31.55 -19.95
CA ASP A 8 -54.87 -30.65 -21.00
C ASP A 8 -53.37 -30.80 -21.19
N PHE A 9 -52.63 -31.02 -20.10
CA PHE A 9 -51.19 -31.27 -20.21
C PHE A 9 -50.93 -32.60 -20.90
N ILE A 10 -51.72 -33.63 -20.59
CA ILE A 10 -51.50 -34.95 -21.17
C ILE A 10 -51.78 -34.94 -22.66
N SER A 11 -52.77 -34.15 -23.10
CA SER A 11 -53.12 -34.12 -24.51
C SER A 11 -51.94 -33.65 -25.36
N LYS A 12 -51.20 -32.67 -24.87
CA LYS A 12 -50.02 -32.17 -25.56
C LYS A 12 -48.84 -33.11 -25.28
N GLY A 13 -47.62 -32.66 -25.58
CA GLY A 13 -46.46 -33.54 -25.44
C GLY A 13 -46.33 -34.16 -24.06
N GLY A 14 -46.65 -33.38 -23.02
CA GLY A 14 -46.76 -33.83 -21.65
C GLY A 14 -45.61 -34.66 -21.11
N LEU A 15 -44.55 -34.00 -20.63
CA LEU A 15 -43.46 -34.71 -19.97
C LEU A 15 -43.15 -34.05 -18.64
N ILE A 16 -42.93 -34.87 -17.62
CA ILE A 16 -42.63 -34.40 -16.27
C ILE A 16 -41.32 -35.06 -15.83
N PHE A 17 -40.37 -34.25 -15.37
CA PHE A 17 -39.03 -34.74 -15.13
C PHE A 17 -38.37 -33.95 -14.01
N THR A 18 -37.33 -34.55 -13.44
CA THR A 18 -36.53 -33.94 -12.39
C THR A 18 -35.08 -33.80 -12.80
N HIS A 19 -34.66 -34.37 -13.92
CA HIS A 19 -33.35 -34.16 -14.50
C HIS A 19 -33.50 -34.07 -16.02
N SER A 20 -32.66 -33.26 -16.64
CA SER A 20 -32.72 -33.13 -18.09
C SER A 20 -31.39 -32.62 -18.63
N GLY A 21 -31.09 -33.01 -19.85
CA GLY A 21 -29.98 -32.45 -20.58
C GLY A 21 -30.32 -31.21 -21.37
N ARG A 22 -31.58 -30.77 -21.29
CA ARG A 22 -31.99 -29.60 -22.04
C ARG A 22 -31.47 -28.31 -21.42
N TYR A 23 -31.15 -28.32 -20.13
CA TYR A 23 -30.49 -27.17 -19.52
C TYR A 23 -29.11 -26.95 -20.12
N THR A 24 -28.43 -28.03 -20.52
CA THR A 24 -27.14 -27.90 -21.18
C THR A 24 -27.28 -27.48 -22.64
N ASN A 25 -28.35 -27.91 -23.30
CA ASN A 25 -28.49 -27.65 -24.74
C ASN A 25 -29.96 -27.69 -25.11
N THR A 26 -30.46 -26.58 -25.66
CA THR A 26 -31.88 -26.43 -25.94
C THR A 26 -32.41 -27.48 -26.91
N ASN A 27 -31.53 -28.12 -27.68
CA ASN A 27 -31.99 -29.19 -28.56
C ASN A 27 -31.46 -30.55 -28.09
N ASN A 28 -31.85 -30.95 -26.88
CA ASN A 28 -31.44 -32.25 -26.34
C ASN A 28 -32.62 -33.17 -26.06
N SER A 29 -33.64 -32.69 -25.36
CA SER A 29 -34.86 -33.46 -25.07
C SER A 29 -34.55 -34.85 -24.50
N CYS A 30 -33.64 -34.88 -23.53
CA CYS A 30 -33.41 -36.07 -22.71
C CYS A 30 -33.91 -35.77 -21.30
N PHE A 31 -34.96 -36.48 -20.88
CA PHE A 31 -35.60 -36.26 -19.60
C PHE A 31 -35.54 -37.52 -18.75
N ILE A 32 -35.45 -37.33 -17.44
CA ILE A 32 -35.32 -38.43 -16.48
C ILE A 32 -36.09 -38.06 -15.22
N PHE A 33 -36.93 -38.98 -14.74
CA PHE A 33 -37.73 -38.77 -13.52
C PHE A 33 -37.24 -39.75 -12.45
N ASN A 34 -36.30 -39.29 -11.63
CA ASN A 34 -35.72 -40.10 -10.56
C ASN A 34 -36.73 -40.21 -9.43
N LYS A 35 -37.38 -41.37 -9.32
CA LYS A 35 -38.46 -41.55 -8.35
C LYS A 35 -37.96 -41.32 -6.92
N ASN A 36 -36.75 -41.78 -6.62
CA ASN A 36 -36.21 -41.70 -5.26
C ASN A 36 -35.99 -40.26 -4.79
N ASP A 37 -36.13 -39.28 -5.67
CA ASP A 37 -35.93 -37.88 -5.30
C ASP A 37 -37.20 -37.18 -4.83
N ILE A 38 -38.37 -37.77 -5.10
CA ILE A 38 -39.63 -37.05 -4.88
C ILE A 38 -39.89 -36.94 -3.38
N GLY A 39 -39.93 -35.70 -2.88
CA GLY A 39 -40.23 -35.44 -1.49
C GLY A 39 -41.31 -34.39 -1.35
N VAL A 40 -41.58 -33.96 -0.11
CA VAL A 40 -42.69 -33.05 0.11
C VAL A 40 -42.42 -31.67 -0.48
N ASP A 41 -41.15 -31.33 -0.74
CA ASP A 41 -40.79 -30.02 -1.27
C ASP A 41 -40.17 -30.07 -2.66
N THR A 42 -39.89 -31.26 -3.20
CA THR A 42 -39.18 -31.37 -4.46
C THR A 42 -39.88 -30.59 -5.56
N LYS A 43 -39.15 -29.65 -6.16
CA LYS A 43 -39.64 -28.95 -7.34
C LYS A 43 -39.40 -29.80 -8.58
N VAL A 44 -40.27 -29.62 -9.57
CA VAL A 44 -40.31 -30.50 -10.74
C VAL A 44 -40.40 -29.65 -11.99
N ASP A 45 -39.74 -30.11 -13.06
CA ASP A 45 -39.84 -29.43 -14.34
C ASP A 45 -40.74 -30.21 -15.30
N MET A 46 -41.26 -29.49 -16.29
CA MET A 46 -42.19 -30.07 -17.26
C MET A 46 -41.84 -29.55 -18.65
N TYR A 47 -42.04 -30.40 -19.64
CA TYR A 47 -41.95 -30.00 -21.04
C TYR A 47 -43.29 -30.21 -21.73
N THR A 48 -43.67 -29.21 -22.54
CA THR A 48 -44.75 -29.28 -23.49
C THR A 48 -44.39 -28.33 -24.62
N PRO A 49 -44.79 -28.62 -25.85
CA PRO A 49 -44.35 -27.79 -26.99
C PRO A 49 -44.81 -26.34 -26.84
N LYS A 50 -43.86 -25.42 -27.01
CA LYS A 50 -44.08 -23.98 -26.82
C LYS A 50 -44.55 -23.62 -25.42
N SER A 51 -44.42 -24.55 -24.47
CA SER A 51 -44.86 -24.36 -23.10
C SER A 51 -46.31 -23.89 -23.04
N ALA A 52 -47.16 -24.54 -23.83
CA ALA A 52 -48.57 -24.20 -23.91
C ALA A 52 -49.38 -24.97 -22.88
N GLY A 53 -50.47 -24.35 -22.42
CA GLY A 53 -51.33 -24.96 -21.44
C GLY A 53 -52.34 -23.97 -20.88
N ILE A 54 -53.52 -24.46 -20.51
CA ILE A 54 -54.57 -23.56 -20.01
C ILE A 54 -54.13 -22.93 -18.69
N LYS A 55 -54.68 -21.76 -18.40
CA LYS A 55 -54.39 -21.04 -17.17
C LYS A 55 -55.63 -21.06 -16.29
N ASN A 56 -55.43 -21.21 -14.98
CA ASN A 56 -56.56 -21.18 -14.07
C ASN A 56 -57.00 -19.74 -13.86
N GLU A 57 -58.05 -19.56 -13.06
CA GLU A 57 -58.64 -18.23 -12.88
C GLU A 57 -57.64 -17.22 -12.32
N GLU A 58 -56.58 -17.69 -11.64
CA GLU A 58 -55.52 -16.82 -11.17
C GLU A 58 -54.40 -16.65 -12.18
N GLY A 59 -54.51 -17.26 -13.36
CA GLY A 59 -53.54 -17.09 -14.42
C GLY A 59 -52.34 -18.00 -14.36
N GLU A 60 -52.41 -19.10 -13.62
CA GLU A 60 -51.31 -20.06 -13.50
C GLU A 60 -51.56 -21.27 -14.40
N ASN A 61 -50.49 -21.81 -14.96
CA ASN A 61 -50.57 -23.06 -15.71
C ASN A 61 -50.19 -24.21 -14.79
N LEU A 62 -50.18 -25.42 -15.34
CA LEU A 62 -49.98 -26.62 -14.51
C LEU A 62 -48.65 -26.58 -13.79
N TRP A 63 -47.59 -26.12 -14.46
CA TRP A 63 -46.28 -26.10 -13.81
C TRP A 63 -46.28 -25.21 -12.58
N GLN A 64 -47.00 -24.08 -12.65
CA GLN A 64 -47.04 -23.18 -11.50
C GLN A 64 -47.88 -23.76 -10.37
N VAL A 65 -48.92 -24.52 -10.71
CA VAL A 65 -49.79 -25.08 -9.68
C VAL A 65 -49.11 -26.24 -8.97
N LEU A 66 -48.42 -27.10 -9.72
CA LEU A 66 -47.80 -28.27 -9.11
C LEU A 66 -46.67 -27.88 -8.15
N ASN A 67 -46.00 -26.76 -8.39
CA ASN A 67 -44.88 -26.35 -7.57
C ASN A 67 -45.30 -25.38 -6.47
N LYS A 68 -46.60 -25.28 -6.18
CA LYS A 68 -47.11 -24.58 -5.02
C LYS A 68 -47.72 -25.58 -4.06
N ALA A 69 -47.59 -25.30 -2.76
CA ALA A 69 -48.34 -26.00 -1.70
C ALA A 69 -48.17 -27.52 -1.78
N ASN A 70 -46.98 -27.96 -2.18
CA ASN A 70 -46.66 -29.39 -2.25
C ASN A 70 -47.69 -30.18 -3.05
N MET A 71 -48.34 -29.50 -4.00
CA MET A 71 -49.39 -30.13 -4.78
C MET A 71 -48.87 -31.36 -5.53
N PHE A 72 -47.64 -31.29 -6.03
CA PHE A 72 -47.11 -32.42 -6.79
C PHE A 72 -46.92 -33.63 -5.90
N TYR A 73 -46.47 -33.43 -4.66
CA TYR A 73 -46.34 -34.56 -3.74
C TYR A 73 -47.72 -35.08 -3.35
N ARG A 74 -48.64 -34.18 -3.00
CA ARG A 74 -49.97 -34.61 -2.58
C ARG A 74 -50.68 -35.41 -3.68
N ILE A 75 -50.38 -35.12 -4.94
CA ILE A 75 -50.98 -35.90 -6.01
C ILE A 75 -50.17 -37.18 -6.27
N TYR A 76 -48.85 -37.07 -6.25
CA TYR A 76 -47.98 -38.20 -6.56
C TYR A 76 -48.09 -39.31 -5.52
N SER A 77 -48.42 -38.95 -4.28
CA SER A 77 -48.47 -39.91 -3.18
C SER A 77 -49.88 -40.40 -2.89
N GLY A 78 -50.85 -40.11 -3.75
CA GLY A 78 -52.19 -40.64 -3.64
C GLY A 78 -53.13 -39.87 -2.73
N GLU A 79 -52.71 -38.73 -2.18
CA GLU A 79 -53.54 -38.00 -1.24
C GLU A 79 -54.72 -37.29 -1.90
N LEU A 80 -54.76 -37.24 -3.24
CA LEU A 80 -55.88 -36.62 -3.94
C LEU A 80 -56.60 -37.60 -4.85
N GLY A 81 -56.49 -38.90 -4.57
CA GLY A 81 -57.18 -39.91 -5.34
C GLY A 81 -56.28 -40.57 -6.37
N GLU A 82 -56.76 -41.71 -6.87
CA GLU A 82 -55.99 -42.51 -7.81
C GLU A 82 -56.13 -42.05 -9.26
N GLU A 83 -57.20 -41.32 -9.59
CA GLU A 83 -57.32 -40.78 -10.94
C GLU A 83 -56.21 -39.78 -11.21
N LEU A 84 -56.09 -38.78 -10.34
CA LEU A 84 -55.02 -37.80 -10.47
C LEU A 84 -53.64 -38.45 -10.32
N GLN A 85 -53.53 -39.42 -9.41
CA GLN A 85 -52.24 -40.09 -9.24
C GLN A 85 -51.82 -40.78 -10.52
N TYR A 86 -52.74 -41.52 -11.16
CA TYR A 86 -52.41 -42.17 -12.42
C TYR A 86 -52.06 -41.14 -13.49
N LEU A 87 -52.88 -40.09 -13.63
CA LEU A 87 -52.65 -39.11 -14.68
C LEU A 87 -51.28 -38.45 -14.52
N LEU A 88 -50.93 -38.06 -13.29
CA LEU A 88 -49.65 -37.41 -13.07
C LEU A 88 -48.49 -38.37 -13.23
N LYS A 89 -48.60 -39.59 -12.69
CA LYS A 89 -47.51 -40.55 -12.79
C LYS A 89 -47.25 -40.95 -14.23
N SER A 90 -48.27 -40.98 -15.07
CA SER A 90 -48.09 -41.44 -16.45
C SER A 90 -47.16 -40.52 -17.23
N CYS A 91 -47.11 -39.23 -16.87
CA CYS A 91 -46.24 -38.29 -17.56
C CYS A 91 -44.78 -38.41 -17.15
N CYS A 92 -44.49 -39.05 -16.02
CA CYS A 92 -43.12 -39.10 -15.51
C CYS A 92 -42.29 -40.15 -16.22
N THR A 93 -42.35 -40.20 -17.54
CA THR A 93 -41.65 -41.20 -18.32
C THR A 93 -40.29 -40.69 -18.78
N ALA A 94 -39.33 -41.61 -18.84
CA ALA A 94 -37.96 -41.26 -19.22
C ALA A 94 -37.83 -41.15 -20.73
N LYS A 95 -36.85 -40.35 -21.15
CA LYS A 95 -36.57 -40.11 -22.57
C LYS A 95 -35.05 -40.08 -22.71
N GLU A 96 -34.48 -41.17 -23.22
CA GLU A 96 -33.02 -41.25 -23.34
C GLU A 96 -32.57 -40.50 -24.59
N ASP A 97 -31.50 -39.70 -24.45
CA ASP A 97 -30.90 -38.97 -25.57
C ASP A 97 -29.54 -38.48 -25.13
N VAL A 98 -28.50 -38.85 -25.87
CA VAL A 98 -27.13 -38.54 -25.49
C VAL A 98 -26.44 -37.57 -26.44
N THR A 99 -27.06 -37.22 -27.56
CA THR A 99 -26.40 -36.31 -28.51
C THR A 99 -26.13 -34.97 -27.86
N THR A 100 -24.99 -34.38 -28.23
CA THR A 100 -24.47 -33.09 -27.75
C THR A 100 -24.03 -33.15 -26.29
N LEU A 101 -24.54 -34.10 -25.51
CA LEU A 101 -24.19 -34.15 -24.09
C LEU A 101 -22.73 -34.54 -23.90
N PRO A 102 -22.10 -34.07 -22.83
CA PRO A 102 -20.72 -34.47 -22.54
C PRO A 102 -20.65 -35.94 -22.14
N GLN A 103 -19.46 -36.50 -22.29
CA GLN A 103 -19.20 -37.89 -21.91
C GLN A 103 -17.82 -37.97 -21.27
N ILE A 104 -17.77 -38.36 -20.02
CA ILE A 104 -16.48 -38.51 -19.34
C ILE A 104 -16.31 -39.94 -18.88
N TYR A 105 -15.05 -40.38 -18.79
CA TYR A 105 -14.76 -41.60 -18.08
C TYR A 105 -14.62 -41.30 -16.60
N PHE A 106 -15.04 -42.25 -15.77
CA PHE A 106 -14.90 -42.11 -14.33
C PHE A 106 -14.52 -43.45 -13.73
N LYS A 107 -13.52 -43.44 -12.85
CA LYS A 107 -12.91 -44.64 -12.33
C LYS A 107 -13.84 -45.31 -11.34
N ASN A 108 -14.31 -46.52 -11.67
CA ASN A 108 -15.16 -47.32 -10.81
C ASN A 108 -14.40 -48.60 -10.46
N GLY A 109 -13.90 -48.67 -9.22
CA GLY A 109 -13.19 -49.83 -8.73
C GLY A 109 -12.12 -50.34 -9.67
N GLU A 110 -11.17 -49.48 -10.01
CA GLU A 110 -10.09 -49.82 -10.97
C GLU A 110 -10.65 -50.27 -12.33
N GLY A 111 -11.89 -49.86 -12.62
CA GLY A 111 -12.43 -49.86 -13.97
C GLY A 111 -13.02 -48.50 -14.25
N TYR A 112 -13.76 -48.42 -15.35
CA TYR A 112 -14.31 -47.15 -15.81
C TYR A 112 -15.77 -47.32 -16.23
N ASP A 113 -16.57 -46.33 -15.82
CA ASP A 113 -17.91 -46.08 -16.33
C ASP A 113 -17.89 -44.81 -17.17
N ILE A 114 -18.65 -44.81 -18.26
CA ILE A 114 -18.87 -43.58 -19.02
C ILE A 114 -20.07 -42.87 -18.41
N LEU A 115 -19.85 -41.63 -17.96
CA LEU A 115 -20.89 -40.81 -17.37
C LEU A 115 -21.31 -39.72 -18.34
N VAL A 116 -22.62 -39.54 -18.45
CA VAL A 116 -23.23 -38.53 -19.32
C VAL A 116 -24.02 -37.59 -18.42
N PRO A 117 -23.45 -36.46 -17.99
CA PRO A 117 -24.10 -35.64 -16.96
C PRO A 117 -25.30 -34.87 -17.50
N ILE A 118 -26.36 -34.82 -16.69
CA ILE A 118 -27.52 -33.99 -16.96
C ILE A 118 -27.85 -33.22 -15.69
N GLY A 119 -28.48 -32.05 -15.87
CA GLY A 119 -28.74 -31.16 -14.76
C GLY A 119 -30.02 -31.49 -14.02
N ASN A 120 -30.08 -31.04 -12.77
CA ASN A 120 -31.20 -31.34 -11.87
C ASN A 120 -32.12 -30.14 -11.77
N ALA A 121 -33.41 -30.37 -12.05
CA ALA A 121 -34.38 -29.26 -12.06
C ALA A 121 -34.57 -28.66 -10.68
N HIS A 122 -34.53 -29.49 -9.63
CA HIS A 122 -34.77 -28.97 -8.30
C HIS A 122 -33.72 -27.93 -7.93
N ASN A 123 -32.46 -28.27 -8.13
CA ASN A 123 -31.37 -27.35 -7.67
C ASN A 123 -31.51 -25.99 -8.36
N LEU A 124 -32.12 -25.92 -9.54
CA LEU A 124 -32.18 -24.59 -10.18
C LEU A 124 -33.48 -23.86 -9.82
N ILE A 125 -34.64 -24.49 -9.96
CA ILE A 125 -35.94 -23.86 -9.54
C ILE A 125 -35.91 -23.51 -8.05
N SER A 126 -35.67 -24.50 -7.19
CA SER A 126 -35.66 -24.27 -5.75
C SER A 126 -34.48 -23.42 -5.32
N GLY A 127 -33.25 -23.84 -5.64
CA GLY A 127 -32.09 -23.12 -5.13
C GLY A 127 -31.99 -21.70 -5.63
N THR A 128 -32.46 -21.43 -6.86
CA THR A 128 -32.55 -20.04 -7.29
C THR A 128 -33.47 -19.25 -6.38
N GLU A 129 -34.68 -19.78 -6.15
CA GLU A 129 -35.61 -19.11 -5.24
C GLU A 129 -35.00 -18.97 -3.84
N TYR A 130 -34.20 -19.94 -3.41
CA TYR A 130 -33.67 -19.93 -2.04
C TYR A 130 -32.57 -18.88 -1.89
N LEU A 131 -31.57 -18.92 -2.78
CA LEU A 131 -30.54 -17.89 -2.78
C LEU A 131 -31.14 -16.51 -2.93
N TRP A 132 -32.26 -16.39 -3.64
CA TRP A 132 -32.94 -15.11 -3.72
C TRP A 132 -33.52 -14.71 -2.37
N GLU A 133 -34.21 -15.64 -1.71
CA GLU A 133 -34.78 -15.36 -0.39
C GLU A 133 -33.71 -14.94 0.60
N HIS A 134 -32.63 -15.72 0.69
CA HIS A 134 -31.62 -15.53 1.71
C HIS A 134 -30.52 -14.57 1.29
N LYS A 135 -30.76 -13.77 0.25
CA LYS A 135 -29.89 -12.66 -0.11
C LYS A 135 -28.44 -13.12 -0.28
N TYR A 136 -28.26 -14.17 -1.06
CA TYR A 136 -26.93 -14.63 -1.47
C TYR A 136 -26.60 -13.99 -2.81
N TYR A 137 -25.52 -13.20 -2.84
CA TYR A 137 -25.18 -12.43 -4.03
C TYR A 137 -23.97 -12.95 -4.77
N ASN A 138 -23.16 -13.84 -4.18
CA ASN A 138 -21.98 -14.37 -4.85
C ASN A 138 -22.39 -15.35 -5.94
N THR A 139 -22.95 -14.84 -7.04
CA THR A 139 -23.60 -15.70 -7.99
C THR A 139 -23.58 -15.07 -9.38
N PHE A 140 -23.50 -15.93 -10.40
CA PHE A 140 -23.78 -15.53 -11.77
C PHE A 140 -25.25 -15.76 -12.08
N THR A 141 -25.85 -14.83 -12.82
CA THR A 141 -27.19 -15.04 -13.36
C THR A 141 -27.08 -15.62 -14.77
N GLN A 142 -27.82 -16.68 -15.04
CA GLN A 142 -27.73 -17.39 -16.31
C GLN A 142 -29.15 -17.69 -16.78
N LYS A 143 -29.56 -17.07 -17.88
CA LYS A 143 -30.86 -17.34 -18.49
C LYS A 143 -30.73 -18.53 -19.44
N LEU A 144 -31.67 -19.46 -19.36
CA LEU A 144 -31.60 -20.70 -20.11
C LEU A 144 -32.60 -20.70 -21.25
N GLY A 145 -32.23 -21.29 -22.41
CA GLY A 145 -33.12 -21.32 -23.59
C GLY A 145 -33.32 -19.94 -24.16
N GLY A 146 -32.27 -19.30 -24.66
CA GLY A 146 -32.33 -17.89 -25.05
C GLY A 146 -33.43 -17.49 -26.01
N SER A 147 -33.90 -16.25 -25.87
CA SER A 147 -34.71 -15.52 -26.87
C SER A 147 -36.09 -16.18 -26.97
N ASN A 148 -36.12 -17.49 -27.19
CA ASN A 148 -37.41 -18.22 -27.17
C ASN A 148 -37.35 -19.24 -26.04
N PRO A 149 -37.51 -18.83 -24.76
CA PRO A 149 -37.50 -19.77 -23.64
C PRO A 149 -38.66 -20.75 -23.65
N GLN A 150 -39.86 -20.29 -24.02
CA GLN A 150 -41.05 -21.14 -23.96
C GLN A 150 -40.94 -22.36 -24.86
N ASN A 151 -40.01 -22.36 -25.81
CA ASN A 151 -39.75 -23.53 -26.64
C ASN A 151 -38.85 -24.55 -25.93
N CYS A 152 -38.39 -24.22 -24.73
CA CYS A 152 -37.40 -25.03 -24.01
C CYS A 152 -37.99 -25.82 -22.85
N THR A 153 -38.58 -25.14 -21.86
CA THR A 153 -38.97 -25.77 -20.61
C THR A 153 -39.87 -24.82 -19.85
N HIS A 154 -40.85 -25.38 -19.12
CA HIS A 154 -41.81 -24.53 -18.41
C HIS A 154 -41.12 -23.70 -17.33
N ALA A 155 -40.11 -24.25 -16.67
CA ALA A 155 -39.34 -23.48 -15.70
C ALA A 155 -38.56 -22.35 -16.37
N CYS A 156 -37.92 -22.65 -17.50
CA CYS A 156 -37.28 -21.59 -18.28
C CYS A 156 -38.32 -20.60 -18.79
N ASN A 157 -39.50 -21.10 -19.15
CA ASN A 157 -40.51 -20.23 -19.75
C ASN A 157 -41.09 -19.25 -18.74
N LYS A 158 -41.24 -19.67 -17.49
CA LYS A 158 -41.87 -18.80 -16.50
C LYS A 158 -40.87 -18.15 -15.55
N MET A 159 -39.61 -18.57 -15.54
CA MET A 159 -38.58 -17.89 -14.78
C MET A 159 -37.60 -17.22 -15.73
N ARG A 160 -38.09 -16.26 -16.52
CA ARG A 160 -37.26 -15.67 -17.57
C ARG A 160 -36.13 -14.80 -17.02
N GLY A 161 -36.17 -14.45 -15.73
CA GLY A 161 -35.11 -13.62 -15.17
C GLY A 161 -33.77 -14.32 -15.11
N GLY A 162 -33.77 -15.64 -15.07
CA GLY A 162 -32.56 -16.42 -15.04
C GLY A 162 -32.41 -17.23 -13.76
N PHE A 163 -31.46 -18.15 -13.81
CA PHE A 163 -31.14 -19.01 -12.68
C PHE A 163 -29.80 -18.61 -12.08
N LYS A 164 -29.68 -18.78 -10.77
CA LYS A 164 -28.47 -18.38 -10.06
C LYS A 164 -27.50 -19.55 -10.00
N GLN A 165 -26.24 -19.28 -10.35
CA GLN A 165 -25.16 -20.25 -10.29
C GLN A 165 -24.13 -19.76 -9.28
N PHE A 166 -23.55 -20.69 -8.52
CA PHE A 166 -22.55 -20.34 -7.54
C PHE A 166 -21.28 -19.84 -8.23
N ASN A 167 -20.92 -18.58 -7.98
CA ASN A 167 -19.69 -18.01 -8.53
C ASN A 167 -18.51 -18.68 -7.85
N CYS A 168 -17.94 -19.69 -8.51
CA CYS A 168 -16.86 -20.50 -7.93
C CYS A 168 -15.48 -19.96 -8.28
N THR A 169 -15.30 -18.65 -8.30
CA THR A 169 -13.97 -18.09 -8.52
C THR A 169 -13.10 -18.34 -7.29
N PRO A 170 -11.86 -18.76 -7.48
CA PRO A 170 -10.97 -19.00 -6.34
C PRO A 170 -10.24 -17.72 -5.96
N PRO A 171 -9.72 -17.62 -4.74
CA PRO A 171 -8.88 -16.49 -4.39
C PRO A 171 -7.59 -16.52 -5.17
N GLN A 172 -7.04 -15.34 -5.44
CA GLN A 172 -5.87 -15.19 -6.27
C GLN A 172 -4.68 -14.74 -5.43
N VAL A 173 -3.51 -15.33 -5.71
CA VAL A 173 -2.28 -14.84 -5.11
C VAL A 173 -2.08 -13.40 -5.52
N GLU A 174 -1.94 -12.52 -4.53
CA GLU A 174 -1.74 -11.10 -4.83
C GLU A 174 -0.48 -10.90 -5.66
N ASP A 175 -0.44 -9.78 -6.38
CA ASP A 175 0.68 -9.52 -7.29
C ASP A 175 2.01 -9.44 -6.53
N ASN A 176 2.00 -8.80 -5.37
CA ASN A 176 3.22 -8.51 -4.62
C ASN A 176 3.60 -9.69 -3.74
N TYR A 177 4.79 -10.24 -3.97
CA TYR A 177 5.31 -11.33 -3.14
C TYR A 177 6.83 -11.36 -3.17
N MET B 1 9.16 -44.72 -0.53
CA MET B 1 8.83 -43.86 0.61
C MET B 1 7.56 -43.06 0.30
N ARG B 2 7.75 -41.88 -0.29
CA ARG B 2 6.61 -41.08 -0.76
C ARG B 2 7.17 -39.97 -1.64
N LYS B 3 6.94 -40.10 -2.94
CA LYS B 3 7.50 -39.20 -3.95
C LYS B 3 6.39 -38.36 -4.56
N PHE B 4 6.68 -37.08 -4.77
CA PHE B 4 5.77 -36.15 -5.44
C PHE B 4 6.52 -35.41 -6.54
N ILE B 5 5.77 -34.98 -7.55
CA ILE B 5 6.30 -34.13 -8.60
C ILE B 5 5.41 -32.89 -8.69
N ILE B 6 6.04 -31.71 -8.68
CA ILE B 6 5.35 -30.43 -8.64
C ILE B 6 5.58 -29.70 -9.95
N VAL B 7 4.52 -29.10 -10.48
CA VAL B 7 4.58 -28.23 -11.65
C VAL B 7 3.93 -26.91 -11.27
N LYS B 8 4.74 -25.88 -11.10
CA LYS B 8 4.24 -24.57 -10.69
C LYS B 8 3.89 -23.71 -11.91
N ASN B 9 3.00 -22.75 -11.68
CA ASN B 9 2.63 -21.72 -12.64
C ASN B 9 2.27 -22.32 -14.00
N VAL B 10 1.16 -23.04 -14.00
CA VAL B 10 0.58 -23.57 -15.23
C VAL B 10 -0.42 -22.53 -15.72
N LYS B 11 0.03 -21.65 -16.62
CA LYS B 11 -0.86 -20.69 -17.23
C LYS B 11 -1.76 -21.41 -18.24
N VAL B 12 -3.08 -21.34 -18.02
CA VAL B 12 -4.04 -22.03 -18.86
C VAL B 12 -5.06 -21.01 -19.36
N ASP B 13 -5.30 -21.01 -20.66
CA ASP B 13 -6.19 -20.05 -21.31
C ASP B 13 -7.30 -20.79 -22.03
N GLY B 14 -8.55 -20.49 -21.69
CA GLY B 14 -9.68 -21.08 -22.36
C GLY B 14 -10.38 -22.21 -21.61
N ILE B 15 -10.35 -22.19 -20.28
CA ILE B 15 -10.97 -23.24 -19.47
C ILE B 15 -12.48 -23.25 -19.66
N ASN B 16 -13.05 -24.45 -19.76
CA ASN B 16 -14.50 -24.62 -19.69
C ASN B 16 -14.92 -24.50 -18.23
N ALA B 17 -15.30 -23.28 -17.83
CA ALA B 17 -15.51 -22.95 -16.43
C ALA B 17 -16.82 -23.46 -15.85
N LYS B 18 -17.72 -24.01 -16.67
CA LYS B 18 -18.96 -24.58 -16.17
C LYS B 18 -18.69 -25.99 -15.67
N SER B 19 -18.71 -26.18 -14.35
CA SER B 19 -18.56 -27.52 -13.78
C SER B 19 -19.89 -28.24 -13.65
N SER B 20 -20.99 -27.50 -13.56
CA SER B 20 -22.34 -28.06 -13.55
C SER B 20 -23.28 -26.92 -13.87
N ASP B 21 -24.60 -27.19 -13.81
CA ASP B 21 -25.56 -26.17 -14.18
C ASP B 21 -25.65 -25.05 -13.16
N ILE B 22 -25.15 -25.26 -11.94
CA ILE B 22 -25.24 -24.31 -10.85
C ILE B 22 -23.87 -23.94 -10.28
N THR B 23 -22.80 -24.39 -10.92
CA THR B 23 -21.44 -24.02 -10.49
C THR B 23 -20.62 -23.64 -11.70
N VAL B 24 -20.15 -22.40 -11.74
CA VAL B 24 -19.33 -21.87 -12.81
C VAL B 24 -18.12 -21.18 -12.19
N GLY B 25 -16.92 -21.65 -12.54
CA GLY B 25 -15.72 -21.05 -12.03
C GLY B 25 -14.53 -21.98 -11.96
N MET B 26 -13.96 -22.12 -10.77
CA MET B 26 -12.81 -23.00 -10.60
C MET B 26 -13.17 -24.42 -11.03
N PRO B 27 -12.37 -25.04 -11.90
CA PRO B 27 -12.62 -26.45 -12.25
C PRO B 27 -12.58 -27.31 -11.00
N PRO B 28 -13.49 -28.27 -10.89
CA PRO B 28 -13.61 -29.05 -9.66
C PRO B 28 -12.55 -30.13 -9.56
N ALA B 29 -12.52 -30.79 -8.39
CA ALA B 29 -11.52 -31.82 -8.14
C ALA B 29 -11.64 -32.99 -9.10
N THR B 30 -12.87 -33.31 -9.55
CA THR B 30 -13.04 -34.36 -10.55
C THR B 30 -12.18 -34.10 -11.79
N THR B 31 -12.04 -32.84 -12.17
CA THR B 31 -11.26 -32.50 -13.35
C THR B 31 -9.79 -32.82 -13.15
N PHE B 32 -9.22 -32.44 -12.00
CA PHE B 32 -7.79 -32.67 -11.78
C PHE B 32 -7.49 -34.15 -11.52
N CYS B 33 -8.43 -34.87 -10.90
CA CYS B 33 -8.28 -36.32 -10.77
C CYS B 33 -8.31 -36.98 -12.14
N GLY B 34 -9.20 -36.53 -13.03
CA GLY B 34 -9.22 -37.06 -14.38
C GLY B 34 -7.95 -36.74 -15.14
N LEU B 35 -7.38 -35.55 -14.90
CA LEU B 35 -6.10 -35.20 -15.51
C LEU B 35 -5.00 -36.16 -15.05
N GLY B 36 -4.92 -36.38 -13.73
CA GLY B 36 -3.93 -37.32 -13.20
C GLY B 36 -4.09 -38.71 -13.77
N GLU B 37 -5.34 -39.17 -13.91
CA GLU B 37 -5.56 -40.50 -14.47
C GLU B 37 -5.21 -40.54 -15.96
N THR B 38 -5.48 -39.46 -16.70
CA THR B 38 -5.07 -39.40 -18.09
C THR B 38 -3.56 -39.55 -18.22
N MET B 39 -2.82 -38.88 -17.34
CA MET B 39 -1.37 -38.99 -17.34
C MET B 39 -0.93 -40.41 -17.00
N SER B 40 -1.61 -41.01 -16.02
CA SER B 40 -1.33 -42.39 -15.66
C SER B 40 -1.48 -43.30 -16.88
N ILE B 41 -2.54 -43.09 -17.66
CA ILE B 41 -2.76 -43.92 -18.85
C ILE B 41 -1.70 -43.64 -19.90
N LYS B 42 -1.32 -42.37 -20.07
CA LYS B 42 -0.48 -42.00 -21.21
C LYS B 42 1.01 -42.26 -20.97
N THR B 43 1.46 -42.26 -19.72
CA THR B 43 2.88 -42.46 -19.41
C THR B 43 3.17 -43.79 -18.75
N GLY B 44 2.23 -44.35 -17.98
CA GLY B 44 2.46 -45.54 -17.22
C GLY B 44 2.79 -45.29 -15.76
N ILE B 45 3.14 -44.05 -15.41
CA ILE B 45 3.39 -43.71 -14.01
C ILE B 45 2.11 -43.86 -13.21
N VAL B 46 2.20 -44.52 -12.07
CA VAL B 46 1.05 -44.64 -11.17
C VAL B 46 0.91 -43.35 -10.38
N VAL B 47 -0.31 -42.80 -10.37
CA VAL B 47 -0.59 -41.51 -9.74
C VAL B 47 -1.49 -41.77 -8.54
N LYS B 48 -0.94 -41.63 -7.34
CA LYS B 48 -1.69 -41.89 -6.12
C LYS B 48 -2.75 -40.83 -5.88
N ALA B 49 -2.34 -39.56 -5.85
CA ALA B 49 -3.26 -38.47 -5.59
C ALA B 49 -2.74 -37.20 -6.26
N VAL B 50 -3.58 -36.17 -6.27
CA VAL B 50 -3.23 -34.88 -6.85
C VAL B 50 -3.70 -33.77 -5.91
N SER B 51 -2.93 -32.69 -5.89
CA SER B 51 -3.28 -31.48 -5.14
C SER B 51 -3.06 -30.29 -6.05
N TYR B 52 -4.07 -29.44 -6.17
CA TYR B 52 -4.02 -28.32 -7.09
C TYR B 52 -4.34 -27.03 -6.35
N GLY B 53 -3.73 -25.95 -6.82
CA GLY B 53 -3.97 -24.65 -6.24
C GLY B 53 -4.08 -23.55 -7.27
N SER B 54 -4.97 -22.60 -7.06
CA SER B 54 -5.12 -21.48 -7.97
C SER B 54 -4.13 -20.37 -7.60
N VAL B 55 -3.39 -19.90 -8.60
CA VAL B 55 -2.53 -18.72 -8.46
C VAL B 55 -3.20 -17.48 -9.01
N LYS B 56 -3.76 -17.59 -10.22
CA LYS B 56 -4.60 -16.54 -10.76
C LYS B 56 -5.83 -17.19 -11.40
N PHE B 57 -6.94 -16.46 -11.43
CA PHE B 57 -8.12 -17.01 -12.07
C PHE B 57 -9.11 -15.88 -12.37
N GLU B 58 -9.74 -15.98 -13.54
CA GLU B 58 -10.72 -14.99 -13.96
C GLU B 58 -11.68 -15.64 -14.94
N VAL B 59 -12.97 -15.60 -14.62
CA VAL B 59 -14.01 -15.98 -15.56
C VAL B 59 -14.23 -14.83 -16.53
N ARG B 60 -14.34 -15.14 -17.82
CA ARG B 60 -14.58 -14.09 -18.80
C ARG B 60 -16.00 -13.55 -18.66
N GLY B 61 -16.13 -12.24 -18.78
CA GLY B 61 -17.39 -11.56 -18.66
C GLY B 61 -17.31 -10.48 -17.60
N SER B 62 -18.46 -10.13 -17.06
CA SER B 62 -18.55 -9.11 -16.03
C SER B 62 -18.68 -9.78 -14.66
N ARG B 63 -19.07 -9.00 -13.65
CA ARG B 63 -19.08 -9.51 -12.28
C ARG B 63 -20.17 -10.53 -12.05
N PHE B 64 -21.35 -10.32 -12.64
CA PHE B 64 -22.52 -11.14 -12.38
C PHE B 64 -23.01 -11.89 -13.61
N ASN B 65 -22.29 -11.83 -14.73
CA ASN B 65 -22.70 -12.49 -15.94
C ASN B 65 -21.45 -12.99 -16.66
N THR B 66 -21.46 -14.26 -17.06
CA THR B 66 -20.31 -14.81 -17.75
C THR B 66 -20.38 -14.50 -19.24
N SER B 67 -19.21 -14.49 -19.87
CA SER B 67 -19.14 -14.22 -21.30
C SER B 67 -19.78 -15.33 -22.12
N VAL B 68 -20.31 -14.95 -23.24
CA VAL B 68 -20.79 -15.87 -24.25
C VAL B 68 -19.64 -16.22 -25.19
N THR B 69 -19.61 -17.45 -25.71
CA THR B 69 -18.71 -17.78 -26.80
C THR B 69 -19.52 -17.88 -28.09
N LYS B 70 -18.97 -17.34 -29.17
CA LYS B 70 -19.69 -17.26 -30.44
C LYS B 70 -19.70 -18.63 -31.11
N PHE B 71 -20.88 -19.25 -31.16
CA PHE B 71 -21.00 -20.57 -31.76
C PHE B 71 -20.86 -20.49 -33.28
N ALA B 72 -20.04 -21.37 -33.84
CA ALA B 72 -19.87 -21.51 -35.27
C ALA B 72 -20.66 -22.71 -35.79
N TRP B 73 -21.18 -22.59 -37.01
CA TRP B 73 -21.99 -23.64 -37.61
C TRP B 73 -21.20 -24.93 -37.76
N GLN B 74 -21.86 -26.05 -37.56
CA GLN B 74 -21.14 -27.29 -37.31
C GLN B 74 -21.88 -28.54 -37.75
N ASP B 75 -23.20 -28.44 -37.97
CA ASP B 75 -24.02 -29.61 -38.21
C ASP B 75 -24.52 -29.64 -39.65
N ARG B 76 -24.82 -30.85 -40.13
CA ARG B 76 -25.32 -31.05 -41.47
C ARG B 76 -26.75 -30.50 -41.59
N GLY B 77 -27.15 -30.25 -42.83
CA GLY B 77 -28.49 -29.73 -43.09
C GLY B 77 -28.73 -28.33 -42.61
N ASN B 78 -27.68 -27.50 -42.54
CA ASN B 78 -27.81 -26.13 -42.09
C ASN B 78 -27.31 -25.12 -43.12
N GLY B 79 -26.99 -25.57 -44.33
CA GLY B 79 -26.48 -24.66 -45.35
C GLY B 79 -27.45 -23.55 -45.71
N GLY B 80 -28.75 -23.85 -45.70
CA GLY B 80 -29.75 -22.83 -45.87
C GLY B 80 -29.84 -21.84 -44.73
N LYS B 81 -28.94 -21.92 -43.73
CA LYS B 81 -28.97 -21.03 -42.58
C LYS B 81 -27.60 -20.54 -42.15
N ALA B 82 -26.52 -20.98 -42.80
CA ALA B 82 -25.16 -20.61 -42.42
C ALA B 82 -24.81 -19.17 -42.77
N ASN B 83 -25.76 -18.41 -43.32
CA ASN B 83 -25.56 -17.00 -43.60
C ASN B 83 -25.98 -16.10 -42.45
N ASN B 84 -26.36 -16.69 -41.31
CA ASN B 84 -26.77 -15.93 -40.14
C ASN B 84 -26.08 -16.48 -38.90
N ASN B 85 -26.04 -15.66 -37.86
CA ASN B 85 -25.40 -16.04 -36.61
C ASN B 85 -25.97 -17.36 -36.09
N SER B 86 -25.10 -18.31 -35.80
CA SER B 86 -25.53 -19.60 -35.33
C SER B 86 -26.22 -19.48 -33.97
N PRO B 87 -27.30 -20.22 -33.74
CA PRO B 87 -27.90 -20.24 -32.39
C PRO B 87 -26.88 -20.70 -31.37
N ILE B 88 -27.20 -20.44 -30.11
CA ILE B 88 -26.13 -20.34 -29.13
C ILE B 88 -26.51 -20.86 -27.75
N GLN B 89 -25.79 -21.88 -27.29
CA GLN B 89 -25.84 -22.43 -25.94
C GLN B 89 -24.84 -21.71 -25.05
N PRO B 90 -25.05 -21.72 -23.73
CA PRO B 90 -24.11 -21.04 -22.84
C PRO B 90 -22.89 -21.92 -22.57
N LYS B 91 -21.71 -21.29 -22.61
CA LYS B 91 -20.45 -22.01 -22.45
C LYS B 91 -19.42 -21.06 -21.85
N PRO B 92 -19.55 -20.72 -20.57
CA PRO B 92 -18.59 -19.79 -19.97
C PRO B 92 -17.17 -20.34 -19.98
N LEU B 93 -16.23 -19.49 -20.41
CA LEU B 93 -14.80 -19.79 -20.42
C LEU B 93 -14.09 -18.94 -19.38
N ALA B 94 -12.90 -19.38 -19.01
CA ALA B 94 -12.11 -18.69 -18.00
C ALA B 94 -10.63 -18.81 -18.34
N ASP B 95 -9.80 -18.10 -17.57
CA ASP B 95 -8.36 -18.09 -17.76
C ASP B 95 -7.68 -18.09 -16.40
N GLY B 96 -6.63 -18.88 -16.27
CA GLY B 96 -6.03 -19.01 -14.95
C GLY B 96 -4.59 -19.46 -14.95
N VAL B 97 -4.05 -19.54 -13.74
CA VAL B 97 -2.69 -19.98 -13.45
C VAL B 97 -2.75 -20.85 -12.20
N PHE B 98 -2.37 -22.13 -12.34
CA PHE B 98 -2.44 -23.11 -11.28
C PHE B 98 -1.06 -23.66 -10.94
N THR B 99 -0.99 -24.29 -9.77
CA THR B 99 0.17 -25.07 -9.33
C THR B 99 -0.31 -26.47 -8.99
N LEU B 100 0.33 -27.48 -9.57
CA LEU B 100 -0.06 -28.88 -9.41
C LEU B 100 0.99 -29.66 -8.65
N CYS B 101 0.54 -30.69 -7.94
CA CYS B 101 1.42 -31.62 -7.24
C CYS B 101 0.83 -33.02 -7.32
N PHE B 102 1.55 -33.94 -7.97
CA PHE B 102 1.10 -35.32 -8.11
C PHE B 102 1.94 -36.23 -7.21
N GLU B 103 1.27 -37.02 -6.39
CA GLU B 103 1.97 -38.10 -5.67
C GLU B 103 2.06 -39.31 -6.59
N VAL B 104 3.28 -39.83 -6.76
CA VAL B 104 3.53 -40.86 -7.76
C VAL B 104 4.32 -42.01 -7.16
N GLU B 105 4.14 -43.19 -7.75
CA GLU B 105 4.99 -44.36 -7.49
C GLU B 105 6.18 -44.26 -8.41
N TRP B 106 7.34 -43.90 -7.87
CA TRP B 106 8.56 -43.85 -8.67
C TRP B 106 9.72 -44.42 -7.90
N GLU B 107 10.47 -45.30 -8.58
CA GLU B 107 11.68 -45.92 -8.07
C GLU B 107 12.93 -45.50 -8.84
N ASP B 108 12.77 -45.05 -10.09
CA ASP B 108 13.86 -44.70 -10.99
C ASP B 108 14.51 -43.37 -10.60
N CYS B 109 15.25 -42.77 -11.53
CA CYS B 109 15.86 -41.47 -11.27
C CYS B 109 14.90 -40.35 -11.65
N ALA B 110 15.11 -39.18 -11.04
CA ALA B 110 14.16 -38.08 -11.15
C ALA B 110 14.09 -37.51 -12.55
N GLU B 111 15.21 -37.49 -13.27
CA GLU B 111 15.23 -36.88 -14.60
C GLU B 111 14.27 -37.58 -15.56
N VAL B 112 14.23 -38.91 -15.51
CA VAL B 112 13.34 -39.67 -16.38
C VAL B 112 11.88 -39.32 -16.08
N LEU B 113 11.52 -39.31 -14.80
CA LEU B 113 10.17 -38.96 -14.39
C LEU B 113 9.79 -37.57 -14.88
N VAL B 114 10.67 -36.60 -14.65
CA VAL B 114 10.37 -35.22 -15.04
C VAL B 114 10.19 -35.10 -16.55
N ASP B 115 11.04 -35.77 -17.32
CA ASP B 115 10.93 -35.69 -18.77
C ASP B 115 9.64 -36.33 -19.28
N LYS B 116 9.27 -37.49 -18.72
CA LYS B 116 8.01 -38.12 -19.14
C LYS B 116 6.83 -37.23 -18.77
N VAL B 117 6.87 -36.61 -17.59
CA VAL B 117 5.78 -35.75 -17.15
C VAL B 117 5.64 -34.54 -18.08
N THR B 118 6.76 -33.91 -18.41
CA THR B 118 6.72 -32.76 -19.31
C THR B 118 6.21 -33.15 -20.69
N ASN B 119 6.66 -34.29 -21.21
CA ASN B 119 6.23 -34.73 -22.53
C ASN B 119 4.74 -35.08 -22.54
N PHE B 120 4.19 -35.50 -21.40
CA PHE B 120 2.74 -35.66 -21.34
C PHE B 120 2.03 -34.31 -21.31
N ILE B 121 2.44 -33.42 -20.39
CA ILE B 121 1.75 -32.14 -20.24
C ILE B 121 1.68 -31.41 -21.57
N ASN B 122 2.76 -31.48 -22.36
CA ASN B 122 2.79 -30.83 -23.67
C ASN B 122 1.68 -31.31 -24.60
N THR B 123 1.03 -32.44 -24.31
CA THR B 123 -0.05 -32.96 -25.14
C THR B 123 -1.41 -32.86 -24.49
N ALA B 124 -1.52 -32.20 -23.34
CA ALA B 124 -2.74 -32.19 -22.56
C ALA B 124 -3.39 -30.81 -22.57
N ARG B 125 -4.60 -30.76 -22.04
CA ARG B 125 -5.29 -29.55 -21.64
C ARG B 125 -5.61 -29.64 -20.14
N ILE B 126 -6.25 -28.60 -19.62
CA ILE B 126 -6.77 -28.61 -18.26
C ILE B 126 -8.19 -28.06 -18.33
N ALA B 127 -9.18 -28.92 -18.04
CA ALA B 127 -10.59 -28.54 -18.12
C ALA B 127 -10.90 -27.92 -19.48
N GLY B 128 -10.31 -28.49 -20.54
CA GLY B 128 -10.47 -27.98 -21.88
C GLY B 128 -9.59 -26.82 -22.25
N GLY B 129 -8.90 -26.20 -21.29
CA GLY B 129 -8.12 -25.01 -21.58
C GLY B 129 -6.73 -25.34 -22.13
N THR B 130 -6.33 -24.57 -23.13
CA THR B 130 -4.99 -24.70 -23.71
C THR B 130 -3.94 -24.32 -22.67
N ILE B 131 -2.95 -25.19 -22.48
CA ILE B 131 -1.85 -24.91 -21.56
C ILE B 131 -0.82 -24.06 -22.29
N ALA B 132 -0.60 -22.85 -21.79
CA ALA B 132 0.27 -21.90 -22.47
C ALA B 132 1.72 -22.01 -22.02
N SER B 133 1.97 -22.27 -20.74
CA SER B 133 3.32 -22.31 -20.21
C SER B 133 3.29 -22.88 -18.80
N PHE B 134 4.30 -23.66 -18.47
CA PHE B 134 4.46 -24.19 -17.13
C PHE B 134 5.94 -24.20 -16.77
N ASN B 135 6.21 -24.12 -15.46
CA ASN B 135 7.60 -24.19 -15.01
C ASN B 135 8.12 -25.62 -15.16
N LYS B 136 9.43 -25.77 -14.98
CA LYS B 136 10.05 -27.08 -15.06
C LYS B 136 9.60 -27.93 -13.87
N PRO B 137 9.00 -29.09 -14.08
CA PRO B 137 8.55 -29.91 -12.95
C PRO B 137 9.74 -30.39 -12.14
N PHE B 138 9.55 -30.47 -10.82
CA PHE B 138 10.63 -30.94 -9.95
C PHE B 138 10.08 -31.93 -8.95
N VAL B 139 10.94 -32.86 -8.52
CA VAL B 139 10.56 -33.96 -7.65
C VAL B 139 10.94 -33.63 -6.20
N LYS B 140 10.10 -34.07 -5.27
CA LYS B 140 10.41 -34.04 -3.84
C LYS B 140 9.96 -35.35 -3.22
N VAL B 141 10.34 -35.55 -1.96
CA VAL B 141 10.12 -36.82 -1.27
C VAL B 141 9.96 -36.53 0.22
N ALA B 142 9.19 -37.38 0.89
CA ALA B 142 8.89 -37.20 2.31
C ALA B 142 8.85 -38.55 3.00
N LYS B 143 9.51 -38.62 4.17
CA LYS B 143 9.46 -39.81 5.01
C LYS B 143 8.48 -39.61 6.16
N ASP B 144 8.79 -38.69 7.06
CA ASP B 144 7.91 -38.35 8.17
C ASP B 144 7.07 -37.11 7.81
N ALA B 145 6.17 -36.75 8.72
CA ALA B 145 5.31 -35.59 8.49
C ALA B 145 6.06 -34.26 8.50
N GLU B 146 7.38 -34.28 8.75
CA GLU B 146 8.17 -33.06 8.68
C GLU B 146 8.54 -32.71 7.24
N GLU B 147 9.01 -33.70 6.48
CA GLU B 147 9.31 -33.48 5.07
C GLU B 147 8.04 -33.28 4.24
N LEU B 148 6.91 -33.81 4.70
CA LEU B 148 5.65 -33.53 4.03
C LEU B 148 5.33 -32.04 4.05
N ALA B 149 5.67 -31.36 5.14
CA ALA B 149 5.50 -29.91 5.21
C ALA B 149 6.39 -29.19 4.20
N SER B 150 7.60 -29.71 3.95
CA SER B 150 8.46 -29.11 2.94
C SER B 150 7.89 -29.32 1.55
N VAL B 151 7.37 -30.52 1.26
CA VAL B 151 6.70 -30.75 -0.02
C VAL B 151 5.52 -29.80 -0.16
N LYS B 152 4.77 -29.61 0.92
CA LYS B 152 3.63 -28.70 0.92
C LYS B 152 4.06 -27.28 0.56
N ASN B 153 4.99 -26.72 1.33
CA ASN B 153 5.44 -25.35 1.09
C ASN B 153 6.22 -25.20 -0.21
N ALA B 154 6.63 -26.30 -0.84
CA ALA B 154 7.26 -26.21 -2.16
C ALA B 154 6.29 -25.70 -3.22
N MET B 155 4.99 -25.86 -3.01
CA MET B 155 3.99 -25.35 -3.95
C MET B 155 3.77 -23.85 -3.83
N MET B 156 4.32 -23.22 -2.79
CA MET B 156 4.02 -21.83 -2.53
C MET B 156 4.49 -20.94 -3.68
N PRO B 157 3.72 -19.91 -4.05
CA PRO B 157 2.42 -19.61 -3.44
C PRO B 157 1.23 -20.07 -4.27
N CYS B 158 0.17 -20.51 -3.60
CA CYS B 158 -1.08 -20.92 -4.26
C CYS B 158 -2.11 -21.24 -3.18
N TYR B 159 -3.39 -21.21 -3.59
CA TYR B 159 -4.51 -21.52 -2.71
C TYR B 159 -5.03 -22.91 -3.07
N VAL B 160 -4.88 -23.87 -2.17
CA VAL B 160 -5.30 -25.24 -2.43
C VAL B 160 -6.67 -25.48 -1.81
N VAL B 161 -7.30 -26.58 -2.23
CA VAL B 161 -8.71 -26.85 -1.97
C VAL B 161 -8.80 -27.96 -0.92
N VAL B 162 -9.53 -27.69 0.17
CA VAL B 162 -9.77 -28.66 1.22
C VAL B 162 -11.27 -28.95 1.28
N ASP B 163 -11.60 -30.18 1.69
CA ASP B 163 -12.98 -30.66 1.73
C ASP B 163 -13.49 -30.56 3.16
N CYS B 164 -14.50 -29.70 3.38
CA CYS B 164 -15.10 -29.52 4.70
C CYS B 164 -16.51 -30.10 4.79
N GLY B 165 -16.86 -31.01 3.88
CA GLY B 165 -18.10 -31.75 3.98
C GLY B 165 -19.37 -30.94 3.96
N VAL B 166 -20.51 -31.63 3.96
CA VAL B 166 -21.82 -30.99 3.89
C VAL B 166 -22.54 -31.22 5.22
N GLU B 167 -22.97 -30.12 5.85
CA GLU B 167 -23.77 -30.24 7.07
C GLU B 167 -25.25 -30.43 6.73
N VAL B 168 -25.90 -29.37 6.24
CA VAL B 168 -27.29 -29.47 5.79
C VAL B 168 -27.31 -29.84 4.32
N ASN B 169 -27.15 -28.84 3.45
CA ASN B 169 -27.09 -29.06 2.02
C ASN B 169 -26.31 -27.92 1.39
N ILE B 170 -26.14 -27.99 0.07
CA ILE B 170 -25.31 -27.03 -0.67
C ILE B 170 -25.74 -25.60 -0.38
N PHE B 171 -27.03 -25.30 -0.56
CA PHE B 171 -27.47 -23.93 -0.53
C PHE B 171 -27.44 -23.37 0.88
N GLU B 172 -27.99 -24.12 1.84
CA GLU B 172 -27.94 -23.70 3.23
C GLU B 172 -26.49 -23.57 3.72
N ASP B 173 -25.62 -24.49 3.31
CA ASP B 173 -24.23 -24.40 3.74
C ASP B 173 -23.54 -23.18 3.13
N ALA B 174 -23.84 -22.87 1.87
CA ALA B 174 -23.28 -21.66 1.28
C ALA B 174 -23.73 -20.42 2.04
N VAL B 175 -25.02 -20.36 2.41
CA VAL B 175 -25.53 -19.17 3.07
C VAL B 175 -24.99 -19.06 4.50
N ASN B 176 -24.98 -20.16 5.23
CA ASN B 176 -24.64 -20.13 6.66
C ASN B 176 -23.15 -20.28 6.92
N ARG B 177 -22.51 -21.29 6.32
CA ARG B 177 -21.10 -21.57 6.55
C ARG B 177 -20.18 -20.72 5.69
N LYS B 178 -20.71 -19.91 4.77
CA LYS B 178 -19.92 -19.04 3.90
C LYS B 178 -18.79 -19.81 3.21
N LEU B 179 -19.14 -20.98 2.66
CA LEU B 179 -18.21 -21.79 1.89
C LEU B 179 -18.67 -21.84 0.44
N GLN B 180 -18.08 -22.74 -0.33
CA GLN B 180 -18.28 -22.76 -1.78
C GLN B 180 -18.59 -24.19 -2.25
N PRO B 181 -19.73 -24.41 -2.91
CA PRO B 181 -20.02 -25.74 -3.46
C PRO B 181 -19.00 -26.17 -4.50
N MET B 182 -18.89 -27.49 -4.66
CA MET B 182 -18.01 -28.07 -5.66
C MET B 182 -18.42 -29.48 -6.05
N VAL B 183 -18.48 -29.74 -7.36
CA VAL B 183 -18.74 -31.07 -7.89
C VAL B 183 -17.67 -32.01 -7.33
N ASN B 184 -18.08 -32.97 -6.49
CA ASN B 184 -17.15 -33.97 -5.98
C ASN B 184 -17.34 -35.35 -6.58
N GLY B 185 -18.43 -35.58 -7.30
CA GLY B 185 -18.64 -36.88 -7.91
C GLY B 185 -19.91 -36.91 -8.73
N TYR B 186 -20.43 -38.11 -8.94
CA TYR B 186 -21.64 -38.26 -9.74
C TYR B 186 -22.54 -39.35 -9.14
N LYS B 187 -23.83 -39.21 -9.42
CA LYS B 187 -24.85 -40.16 -9.02
C LYS B 187 -25.46 -40.73 -10.29
N LYS B 188 -25.48 -42.05 -10.40
CA LYS B 188 -25.94 -42.72 -11.61
C LYS B 188 -27.47 -42.77 -11.62
N LEU B 189 -28.07 -42.22 -12.67
CA LEU B 189 -29.52 -42.15 -12.79
C LEU B 189 -30.12 -43.28 -13.59
N GLU B 190 -29.45 -43.73 -14.66
CA GLU B 190 -29.96 -44.80 -15.51
C GLU B 190 -28.84 -45.31 -16.39
N LYS B 191 -28.81 -46.63 -16.60
CA LYS B 191 -27.84 -47.22 -17.51
C LYS B 191 -28.23 -46.96 -18.95
N ILE B 192 -27.24 -46.63 -19.77
CA ILE B 192 -27.46 -46.38 -21.20
C ILE B 192 -27.35 -47.70 -21.94
N VAL B 193 -28.30 -47.96 -22.83
CA VAL B 193 -28.47 -49.29 -23.40
C VAL B 193 -27.49 -49.54 -24.54
N ASP B 194 -27.43 -48.62 -25.50
CA ASP B 194 -26.70 -48.83 -26.74
C ASP B 194 -25.53 -47.85 -26.85
N ASN B 195 -24.34 -48.40 -27.09
CA ASN B 195 -23.13 -47.61 -27.24
C ASN B 195 -22.88 -47.19 -28.69
N LYS B 196 -23.93 -47.20 -29.51
CA LYS B 196 -23.86 -46.66 -30.88
C LYS B 196 -23.22 -45.27 -30.91
N HIS B 197 -23.48 -44.45 -29.89
CA HIS B 197 -23.11 -43.04 -29.90
C HIS B 197 -22.13 -42.67 -28.79
N MET B 198 -21.41 -43.63 -28.23
CA MET B 198 -20.57 -43.37 -27.07
C MET B 198 -19.09 -43.34 -27.44
N ARG B 199 -18.28 -42.90 -26.47
CA ARG B 199 -16.83 -42.90 -26.65
C ARG B 199 -16.27 -44.31 -26.77
N ASP B 200 -16.98 -45.30 -26.25
CA ASP B 200 -16.58 -46.70 -26.33
C ASP B 200 -17.74 -47.51 -26.91
N LYS B 201 -17.40 -48.67 -27.46
CA LYS B 201 -18.39 -49.66 -27.82
C LYS B 201 -18.68 -50.63 -26.69
N PHE B 202 -17.92 -50.57 -25.59
CA PHE B 202 -17.98 -51.64 -24.60
C PHE B 202 -18.10 -51.13 -23.17
N THR B 203 -17.50 -49.99 -22.87
CA THR B 203 -17.46 -49.49 -21.49
C THR B 203 -18.89 -49.26 -20.98
N PRO B 204 -19.18 -49.64 -19.72
CA PRO B 204 -20.52 -49.38 -19.17
C PRO B 204 -20.84 -47.89 -19.20
N ALA B 205 -22.08 -47.57 -19.58
CA ALA B 205 -22.51 -46.20 -19.75
C ALA B 205 -23.71 -45.91 -18.86
N TYR B 206 -23.75 -44.69 -18.30
CA TYR B 206 -24.84 -44.28 -17.42
C TYR B 206 -25.12 -42.80 -17.63
N LEU B 207 -26.41 -42.45 -17.65
CA LEU B 207 -26.79 -41.07 -17.39
C LEU B 207 -26.55 -40.75 -15.93
N ALA B 208 -25.95 -39.59 -15.66
CA ALA B 208 -25.56 -39.23 -14.31
C ALA B 208 -25.98 -37.81 -13.99
N THR B 209 -25.83 -37.44 -12.73
CA THR B 209 -26.05 -36.07 -12.29
C THR B 209 -25.04 -35.78 -11.19
N PRO B 210 -24.48 -34.58 -11.13
CA PRO B 210 -23.35 -34.35 -10.22
C PRO B 210 -23.75 -34.41 -8.75
N THR B 211 -22.79 -34.85 -7.94
CA THR B 211 -22.85 -34.79 -6.49
C THR B 211 -21.78 -33.80 -6.01
N TYR B 212 -22.13 -33.00 -5.01
CA TYR B 212 -21.26 -31.94 -4.55
C TYR B 212 -20.82 -32.17 -3.11
N THR B 213 -19.79 -31.42 -2.72
CA THR B 213 -19.38 -31.23 -1.34
C THR B 213 -19.17 -29.74 -1.13
N MET B 214 -18.75 -29.38 0.08
CA MET B 214 -18.48 -27.99 0.40
C MET B 214 -16.98 -27.84 0.67
N ILE B 215 -16.32 -27.01 -0.12
CA ILE B 215 -14.87 -26.90 -0.08
C ILE B 215 -14.47 -25.55 0.50
N GLY B 216 -13.17 -25.41 0.72
CA GLY B 216 -12.61 -24.14 1.15
C GLY B 216 -11.23 -23.98 0.55
N TYR B 217 -10.81 -22.74 0.35
CA TYR B 217 -9.48 -22.47 -0.23
C TYR B 217 -8.54 -21.99 0.88
N LYS B 218 -7.31 -22.49 0.89
CA LYS B 218 -6.36 -22.13 1.96
C LYS B 218 -4.93 -22.17 1.41
N MET B 219 -4.06 -21.32 1.94
CA MET B 219 -2.66 -21.25 1.45
C MET B 219 -1.95 -22.52 1.84
N VAL B 220 -1.44 -23.27 0.87
CA VAL B 220 -0.83 -24.59 1.16
C VAL B 220 -0.09 -24.53 2.49
N SER B 221 0.60 -23.43 2.76
CA SER B 221 1.31 -23.29 4.04
C SER B 221 0.32 -23.46 5.19
N ASN B 222 -0.65 -22.55 5.30
CA ASN B 222 -1.52 -22.56 6.47
C ASN B 222 -2.21 -23.91 6.67
N VAL B 223 -2.25 -24.75 5.64
CA VAL B 223 -2.76 -26.11 5.81
C VAL B 223 -1.73 -26.91 6.61
N ASP B 224 -2.21 -27.60 7.65
CA ASP B 224 -1.32 -28.38 8.50
C ASP B 224 -1.08 -29.77 7.92
N ASN B 225 -2.13 -30.58 7.85
CA ASN B 225 -2.04 -31.91 7.27
C ASN B 225 -2.16 -31.81 5.76
N PHE B 226 -1.05 -32.02 5.05
CA PHE B 226 -1.08 -31.94 3.59
C PHE B 226 -1.96 -33.01 2.98
N ASP B 227 -2.13 -34.15 3.68
CA ASP B 227 -3.04 -35.18 3.19
C ASP B 227 -4.47 -34.65 3.05
N GLN B 228 -4.88 -33.72 3.92
CA GLN B 228 -6.20 -33.12 3.82
C GLN B 228 -6.40 -32.34 2.52
N ALA B 229 -5.34 -32.12 1.73
CA ALA B 229 -5.44 -31.33 0.50
C ALA B 229 -5.05 -32.11 -0.75
N LEU B 230 -4.86 -33.43 -0.63
CA LEU B 230 -4.53 -34.29 -1.77
C LEU B 230 -5.77 -35.06 -2.19
N TRP B 231 -6.23 -34.82 -3.41
CA TRP B 231 -7.47 -35.39 -3.92
C TRP B 231 -7.19 -36.64 -4.73
N GLN B 232 -8.06 -37.64 -4.58
CA GLN B 232 -8.00 -38.85 -5.38
C GLN B 232 -9.40 -39.43 -5.51
N TYR B 233 -9.55 -40.32 -6.50
CA TYR B 233 -10.78 -41.06 -6.73
C TYR B 233 -11.16 -41.90 -5.51
N GLY B 234 -12.29 -42.60 -5.57
CA GLY B 234 -12.57 -43.57 -4.55
C GLY B 234 -14.00 -44.03 -4.40
N GLU B 235 -14.47 -44.01 -3.16
CA GLU B 235 -15.69 -44.72 -2.77
C GLU B 235 -16.92 -44.12 -3.44
N ASN B 236 -17.76 -45.00 -4.00
CA ASN B 236 -19.11 -44.64 -4.45
C ASN B 236 -19.09 -43.68 -5.64
N THR B 237 -18.06 -43.79 -6.49
CA THR B 237 -17.87 -42.91 -7.65
C THR B 237 -17.95 -41.43 -7.24
N LYS B 238 -17.18 -41.08 -6.22
CA LYS B 238 -16.88 -39.71 -5.85
C LYS B 238 -15.36 -39.55 -5.86
N VAL B 239 -14.89 -38.40 -5.39
CA VAL B 239 -13.48 -38.17 -5.12
C VAL B 239 -13.40 -37.51 -3.75
N LYS B 240 -12.27 -37.67 -3.09
CA LYS B 240 -12.10 -37.08 -1.76
C LYS B 240 -10.62 -36.96 -1.44
N THR B 241 -10.34 -36.36 -0.29
CA THR B 241 -8.97 -36.12 0.15
C THR B 241 -8.45 -37.30 0.96
N ILE B 242 -7.12 -37.45 0.95
CA ILE B 242 -6.48 -38.51 1.72
C ILE B 242 -6.72 -38.30 3.21
N GLY B 243 -6.74 -37.06 3.66
CA GLY B 243 -6.89 -36.77 5.08
C GLY B 243 -8.30 -36.43 5.51
N GLY B 244 -9.29 -36.75 4.67
CA GLY B 244 -10.67 -36.54 5.05
C GLY B 244 -11.07 -35.08 5.19
N ILE B 245 -12.11 -34.87 5.99
CA ILE B 245 -12.70 -33.55 6.14
C ILE B 245 -11.73 -32.61 6.86
N TYR B 246 -11.73 -31.34 6.45
CA TYR B 246 -10.75 -30.38 6.96
C TYR B 246 -11.21 -29.79 8.28
N ASN B 247 -10.45 -30.07 9.33
CA ASN B 247 -10.42 -29.32 10.57
C ASN B 247 -9.14 -29.68 11.31
N ASP B 248 -8.01 -29.58 10.61
CA ASP B 248 -6.70 -30.03 11.08
C ASP B 248 -6.70 -31.50 11.48
N THR C 2 -24.32 -50.61 -47.64
CA THR C 2 -24.08 -50.07 -49.01
C THR C 2 -23.21 -48.81 -48.89
N LYS C 3 -23.82 -47.65 -49.05
CA LYS C 3 -23.07 -46.37 -48.92
C LYS C 3 -22.55 -46.28 -47.48
N LEU C 4 -21.28 -45.91 -47.30
CA LEU C 4 -20.75 -45.72 -45.93
C LEU C 4 -21.24 -44.36 -45.44
N LYS C 5 -22.29 -44.35 -44.62
CA LYS C 5 -22.87 -43.06 -44.14
C LYS C 5 -22.06 -42.58 -42.93
N ALA C 6 -22.24 -41.31 -42.55
CA ALA C 6 -21.49 -40.72 -41.46
C ALA C 6 -22.12 -41.05 -40.12
N PRO C 7 -21.34 -41.04 -39.04
CA PRO C 7 -21.91 -41.23 -37.70
C PRO C 7 -22.86 -40.10 -37.35
N ALA C 8 -23.61 -40.30 -36.26
CA ALA C 8 -24.47 -39.23 -35.77
C ALA C 8 -23.65 -38.01 -35.38
N VAL C 9 -22.55 -38.23 -34.67
CA VAL C 9 -21.59 -37.17 -34.35
C VAL C 9 -20.20 -37.68 -34.70
N LEU C 10 -19.43 -36.85 -35.39
CA LEU C 10 -18.03 -37.11 -35.69
C LEU C 10 -17.23 -35.91 -35.20
N ALA C 11 -16.32 -36.13 -34.27
CA ALA C 11 -15.69 -35.05 -33.55
C ALA C 11 -14.17 -35.16 -33.62
N TYR C 12 -13.52 -34.06 -33.97
CA TYR C 12 -12.07 -33.95 -33.95
C TYR C 12 -11.67 -32.78 -33.07
N SER C 13 -10.54 -32.91 -32.39
CA SER C 13 -10.04 -31.79 -31.62
C SER C 13 -9.29 -30.82 -32.54
N ARG C 14 -9.20 -29.57 -32.10
CA ARG C 14 -8.44 -28.58 -32.85
C ARG C 14 -6.95 -28.91 -32.78
N LYS C 15 -6.23 -28.57 -33.86
CA LYS C 15 -4.81 -28.86 -33.95
C LYS C 15 -3.94 -27.61 -33.97
N ILE C 16 -4.53 -26.44 -34.22
CA ILE C 16 -3.85 -25.16 -34.04
C ILE C 16 -4.36 -24.57 -32.74
N ASN C 17 -3.52 -24.58 -31.70
CA ASN C 17 -3.92 -24.16 -30.37
C ASN C 17 -3.17 -22.90 -29.98
N PRO C 18 -3.73 -21.72 -30.22
CA PRO C 18 -3.10 -20.48 -29.76
C PRO C 18 -3.49 -20.15 -28.33
N THR C 19 -2.64 -19.35 -27.69
CA THR C 19 -2.93 -18.85 -26.36
C THR C 19 -3.57 -17.47 -26.49
N ASN C 20 -3.83 -16.85 -25.34
CA ASN C 20 -4.26 -15.46 -25.35
C ASN C 20 -3.10 -14.56 -25.77
N ALA C 21 -3.42 -13.47 -26.45
CA ALA C 21 -2.43 -12.46 -26.79
C ALA C 21 -2.43 -11.39 -25.72
N LEU C 22 -1.31 -11.23 -25.02
CA LEU C 22 -1.16 -10.13 -24.08
C LEU C 22 -0.58 -8.91 -24.80
N MET C 23 -1.03 -7.73 -24.39
CA MET C 23 -0.69 -6.47 -25.06
C MET C 23 0.13 -5.61 -24.13
N PHE C 24 1.35 -5.27 -24.55
CA PHE C 24 2.25 -4.37 -23.86
C PHE C 24 2.51 -3.16 -24.74
N ALA C 25 3.12 -2.14 -24.13
CA ALA C 25 3.53 -0.93 -24.84
C ALA C 25 5.03 -0.75 -24.69
N VAL C 26 5.72 -0.45 -25.79
CA VAL C 26 7.16 -0.23 -25.80
C VAL C 26 7.47 0.92 -26.73
N ASN C 27 8.75 1.31 -26.74
CA ASN C 27 9.29 2.22 -27.73
C ASN C 27 10.05 1.43 -28.78
N TRP C 28 9.90 1.84 -30.05
CA TRP C 28 10.34 1.02 -31.17
C TRP C 28 11.83 0.69 -31.10
N SER C 29 12.64 1.55 -30.48
CA SER C 29 14.08 1.33 -30.38
C SER C 29 14.52 1.02 -28.94
N ASP C 30 13.58 0.62 -28.09
CA ASP C 30 13.84 0.22 -26.70
C ASP C 30 12.81 -0.86 -26.36
N ARG C 31 13.02 -2.06 -26.89
CA ARG C 31 12.05 -3.15 -26.79
C ARG C 31 12.22 -4.00 -25.55
N ASP C 32 13.16 -3.67 -24.67
CA ASP C 32 13.38 -4.42 -23.44
C ASP C 32 12.80 -3.73 -22.22
N ASN C 33 12.23 -2.54 -22.38
CA ASN C 33 11.46 -1.88 -21.32
C ASN C 33 10.01 -1.90 -21.76
N THR C 34 9.33 -3.00 -21.45
CA THR C 34 7.92 -3.19 -21.77
C THR C 34 7.06 -2.77 -20.58
N THR C 35 5.85 -2.31 -20.88
CA THR C 35 4.86 -2.00 -19.87
C THR C 35 3.48 -2.43 -20.36
N ALA C 36 2.68 -2.95 -19.44
CA ALA C 36 1.40 -3.54 -19.83
C ALA C 36 0.39 -2.45 -20.16
N VAL C 37 -0.42 -2.72 -21.19
CA VAL C 37 -1.50 -1.82 -21.58
C VAL C 37 -2.74 -2.19 -20.77
N MET C 38 -3.21 -1.29 -19.93
CA MET C 38 -4.31 -1.56 -19.03
C MET C 38 -5.62 -1.07 -19.61
N VAL C 39 -6.68 -1.81 -19.33
CA VAL C 39 -8.03 -1.43 -19.79
C VAL C 39 -8.60 -0.41 -18.81
N GLY C 40 -9.08 0.72 -19.35
CA GLY C 40 -9.72 1.74 -18.56
C GLY C 40 -11.19 1.88 -18.94
N THR C 41 -11.90 2.71 -18.17
CA THR C 41 -13.31 2.98 -18.41
C THR C 41 -13.52 4.47 -18.58
N LYS C 42 -14.42 4.85 -19.49
CA LYS C 42 -14.70 6.26 -19.73
C LYS C 42 -16.15 6.45 -20.10
N THR C 43 -16.65 7.67 -19.82
CA THR C 43 -17.96 8.10 -20.28
C THR C 43 -17.90 8.45 -21.76
N VAL C 44 -19.02 8.25 -22.45
CA VAL C 44 -19.15 8.51 -23.87
C VAL C 44 -20.57 9.00 -24.11
N ALA C 45 -20.72 10.28 -24.47
CA ALA C 45 -22.02 10.83 -24.82
C ALA C 45 -22.13 10.90 -26.33
N GLY C 46 -23.29 10.52 -26.87
CA GLY C 46 -23.49 10.58 -28.30
C GLY C 46 -24.91 10.90 -28.70
N THR C 47 -25.19 10.74 -30.00
CA THR C 47 -26.48 11.05 -30.58
C THR C 47 -27.20 9.76 -30.99
N GLN C 48 -28.45 9.93 -31.40
CA GLN C 48 -29.28 8.81 -31.85
C GLN C 48 -29.29 8.74 -33.37
N SER C 49 -28.15 8.36 -33.93
CA SER C 49 -27.96 8.36 -35.38
C SER C 49 -28.27 6.98 -35.97
N VAL C 50 -29.48 6.51 -35.69
CA VAL C 50 -29.93 5.18 -36.10
C VAL C 50 -30.79 5.32 -37.36
N ARG C 51 -30.55 4.42 -38.32
CA ARG C 51 -31.17 4.51 -39.64
C ARG C 51 -32.70 4.59 -39.57
N GLY C 52 -33.31 3.89 -38.62
CA GLY C 52 -34.75 3.85 -38.56
C GLY C 52 -35.43 5.19 -38.35
N ASN C 53 -35.38 5.69 -37.12
CA ASN C 53 -36.32 6.72 -36.66
C ASN C 53 -35.63 8.06 -36.49
N PRO C 54 -36.02 9.09 -37.25
CA PRO C 54 -35.52 10.45 -37.00
C PRO C 54 -36.23 11.18 -35.87
N ASN C 55 -37.37 10.68 -35.39
CA ASN C 55 -38.18 11.43 -34.44
C ASN C 55 -37.52 11.56 -33.07
N ASP C 56 -36.42 10.85 -32.82
CA ASP C 56 -35.72 10.95 -31.55
C ASP C 56 -34.24 11.31 -31.73
N ALA C 57 -33.89 11.87 -32.89
CA ALA C 57 -32.51 12.31 -33.11
C ALA C 57 -32.16 13.56 -32.32
N ASP C 58 -33.15 14.26 -31.75
CA ASP C 58 -32.86 15.41 -30.91
C ASP C 58 -32.54 15.03 -29.48
N LYS C 59 -32.73 13.77 -29.09
CA LYS C 59 -32.31 13.29 -27.79
C LYS C 59 -30.91 12.68 -27.89
N GLY C 60 -30.24 12.60 -26.74
CA GLY C 60 -28.90 12.05 -26.66
C GLY C 60 -28.88 10.68 -26.01
N ASN C 61 -27.67 10.14 -25.89
CA ASN C 61 -27.48 8.92 -25.11
C ASN C 61 -26.10 8.95 -24.46
N ILE C 62 -26.11 8.97 -23.12
CA ILE C 62 -24.88 8.77 -22.36
C ILE C 62 -24.62 7.27 -22.25
N GLN C 63 -23.36 6.92 -22.13
CA GLN C 63 -22.91 5.55 -22.23
C GLN C 63 -21.58 5.49 -21.49
N THR C 64 -21.19 4.29 -21.05
CA THR C 64 -19.86 4.15 -20.50
C THR C 64 -19.23 2.90 -21.08
N VAL C 65 -17.96 3.00 -21.48
CA VAL C 65 -17.30 1.95 -22.24
C VAL C 65 -15.89 1.74 -21.75
N ASN C 66 -15.37 0.54 -22.01
CA ASN C 66 -13.96 0.29 -21.83
C ASN C 66 -13.19 0.85 -23.02
N PHE C 67 -11.92 1.19 -22.76
CA PHE C 67 -11.03 1.69 -23.78
C PHE C 67 -9.62 1.29 -23.41
N ALA C 68 -8.75 1.24 -24.41
CA ALA C 68 -7.35 0.89 -24.20
C ALA C 68 -6.49 1.72 -25.15
N ASN C 69 -5.44 2.33 -24.61
CA ASN C 69 -4.59 3.22 -25.39
C ASN C 69 -3.14 2.94 -25.07
N LEU C 70 -2.27 3.25 -26.03
CA LEU C 70 -0.85 3.35 -25.73
C LEU C 70 -0.62 4.55 -24.84
N PRO C 71 0.36 4.48 -23.94
CA PRO C 71 0.73 5.67 -23.16
C PRO C 71 1.26 6.76 -24.07
N HIS C 72 1.25 7.99 -23.57
CA HIS C 72 1.69 9.11 -24.37
C HIS C 72 3.20 9.21 -24.52
N ASN C 73 3.95 8.22 -24.01
CA ASN C 73 5.40 8.21 -24.15
C ASN C 73 5.90 6.89 -24.72
N LYS C 74 5.02 6.08 -25.30
CA LYS C 74 5.40 4.87 -26.03
C LYS C 74 4.66 4.86 -27.35
N ASN C 75 5.37 4.54 -28.43
CA ASN C 75 4.82 4.59 -29.78
C ASN C 75 4.53 3.21 -30.37
N THR C 76 4.86 2.14 -29.66
CA THR C 76 4.82 0.79 -30.23
C THR C 76 3.92 -0.12 -29.42
N LEU C 77 3.00 -0.79 -30.11
CA LEU C 77 2.19 -1.85 -29.51
C LEU C 77 2.91 -3.19 -29.69
N LEU C 78 3.05 -3.93 -28.60
CA LEU C 78 3.71 -5.23 -28.61
C LEU C 78 2.71 -6.31 -28.20
N VAL C 79 2.47 -7.27 -29.08
CA VAL C 79 1.50 -8.33 -28.85
C VAL C 79 2.22 -9.66 -28.74
N LYS C 80 2.01 -10.38 -27.65
CA LYS C 80 2.71 -11.63 -27.39
C LYS C 80 1.72 -12.80 -27.28
N TYR C 81 2.07 -13.93 -27.89
CA TYR C 81 1.33 -15.16 -27.68
C TYR C 81 2.16 -16.35 -28.16
N ASN C 82 1.61 -17.55 -28.00
CA ASN C 82 2.21 -18.79 -28.46
C ASN C 82 1.18 -19.59 -29.24
N VAL C 83 1.65 -20.42 -30.17
CA VAL C 83 0.80 -21.29 -30.95
C VAL C 83 1.40 -22.69 -30.94
N LYS C 84 0.60 -23.68 -30.53
CA LYS C 84 1.03 -25.08 -30.54
C LYS C 84 0.32 -25.81 -31.67
N PHE C 85 1.09 -26.38 -32.59
CA PHE C 85 0.56 -27.25 -33.63
C PHE C 85 0.73 -28.69 -33.21
N VAL C 86 -0.29 -29.50 -33.47
CA VAL C 86 -0.39 -30.87 -32.99
C VAL C 86 -0.68 -31.81 -34.16
N GLY C 87 -0.12 -33.01 -34.10
CA GLY C 87 -0.30 -34.01 -35.13
C GLY C 87 -1.54 -34.87 -34.90
N ASP C 88 -1.54 -36.04 -35.55
CA ASP C 88 -2.64 -37.01 -35.45
C ASP C 88 -3.97 -36.40 -35.89
N VAL C 89 -3.94 -35.64 -36.98
CA VAL C 89 -5.06 -34.81 -37.39
C VAL C 89 -6.26 -35.65 -37.84
N PHE C 90 -6.12 -36.97 -37.82
CA PHE C 90 -7.19 -37.84 -38.29
C PHE C 90 -7.81 -38.72 -37.22
N LYS C 91 -7.22 -38.78 -36.02
CA LYS C 91 -7.82 -39.54 -34.92
C LYS C 91 -9.07 -38.83 -34.43
N ALA C 92 -10.24 -39.39 -34.75
CA ALA C 92 -11.49 -38.80 -34.29
C ALA C 92 -11.61 -38.91 -32.78
N GLU C 93 -12.25 -37.91 -32.17
CA GLU C 93 -12.44 -37.88 -30.73
C GLU C 93 -13.76 -38.51 -30.31
N LEU C 94 -14.77 -38.49 -31.17
CA LEU C 94 -16.03 -39.16 -30.87
C LEU C 94 -16.63 -39.92 -32.05
N GLY C 95 -16.34 -39.52 -33.29
CA GLY C 95 -16.81 -40.27 -34.43
C GLY C 95 -16.33 -41.71 -34.42
N GLY C 96 -16.99 -42.50 -35.25
CA GLY C 96 -16.78 -43.94 -35.26
C GLY C 96 -15.41 -44.36 -35.76
N GLY C 97 -15.33 -45.60 -36.26
CA GLY C 97 -14.07 -46.12 -36.73
C GLY C 97 -14.01 -46.24 -38.24
N GLU C 98 -15.04 -46.83 -38.85
CA GLU C 98 -14.98 -47.13 -40.28
C GLU C 98 -14.95 -45.86 -41.12
N TYR C 99 -15.95 -44.99 -40.94
CA TYR C 99 -16.00 -43.75 -41.70
C TYR C 99 -14.73 -42.92 -41.49
N SER C 100 -14.34 -42.72 -40.23
CA SER C 100 -13.18 -41.88 -39.95
C SER C 100 -11.89 -42.49 -40.50
N ASN C 101 -11.77 -43.83 -40.45
CA ASN C 101 -10.53 -44.44 -40.92
C ASN C 101 -10.44 -44.45 -42.44
N THR C 102 -11.53 -44.76 -43.14
CA THR C 102 -11.50 -44.67 -44.59
C THR C 102 -11.32 -43.23 -45.05
N LEU C 103 -11.78 -42.26 -44.26
CA LEU C 103 -11.51 -40.86 -44.59
C LEU C 103 -10.04 -40.52 -44.38
N GLN C 104 -9.44 -41.01 -43.28
CA GLN C 104 -8.01 -40.85 -43.07
C GLN C 104 -7.23 -41.44 -44.24
N THR C 105 -7.72 -42.56 -44.78
CA THR C 105 -7.07 -43.19 -45.93
C THR C 105 -7.24 -42.35 -47.19
N ALA C 106 -8.43 -41.77 -47.40
CA ALA C 106 -8.67 -41.01 -48.62
C ALA C 106 -7.96 -39.67 -48.63
N LEU C 107 -7.48 -39.18 -47.48
CA LEU C 107 -6.89 -37.86 -47.38
C LEU C 107 -5.40 -37.89 -47.04
N GLU C 108 -4.76 -39.06 -47.08
CA GLU C 108 -3.34 -39.12 -46.77
C GLU C 108 -2.47 -38.46 -47.84
N ASN C 109 -3.03 -38.16 -49.02
CA ASN C 109 -2.30 -37.50 -50.09
C ASN C 109 -2.60 -36.01 -50.16
N THR C 110 -2.90 -35.38 -49.02
CA THR C 110 -3.30 -33.98 -49.00
C THR C 110 -2.08 -33.08 -48.85
N ASP C 111 -2.09 -31.95 -49.57
CA ASP C 111 -0.98 -31.01 -49.59
C ASP C 111 -0.81 -30.31 -48.25
N PHE C 112 -0.04 -30.93 -47.35
CA PHE C 112 0.17 -30.35 -46.03
C PHE C 112 1.18 -29.21 -46.05
N GLY C 113 2.09 -29.21 -47.03
CA GLY C 113 3.02 -28.10 -47.16
C GLY C 113 2.30 -26.77 -47.33
N THR C 114 1.27 -26.74 -48.18
CA THR C 114 0.55 -25.50 -48.44
C THR C 114 -0.25 -25.05 -47.22
N LEU C 115 -0.92 -25.99 -46.55
CA LEU C 115 -1.68 -25.65 -45.34
C LEU C 115 -0.75 -25.09 -44.27
N ALA C 116 0.36 -25.78 -44.00
CA ALA C 116 1.32 -25.30 -43.02
C ALA C 116 1.86 -23.93 -43.42
N TYR C 117 2.11 -23.73 -44.71
CA TYR C 117 2.62 -22.45 -45.17
C TYR C 117 1.62 -21.34 -44.91
N ARG C 118 0.34 -21.58 -45.21
CA ARG C 118 -0.65 -20.52 -45.06
C ARG C 118 -0.93 -20.23 -43.59
N TYR C 119 -0.92 -21.26 -42.73
CA TYR C 119 -1.01 -21.02 -41.29
C TYR C 119 0.14 -20.15 -40.81
N VAL C 120 1.38 -20.60 -41.05
CA VAL C 120 2.55 -19.86 -40.57
C VAL C 120 2.60 -18.47 -41.19
N TYR C 121 2.07 -18.32 -42.40
CA TYR C 121 2.11 -17.03 -43.07
C TYR C 121 1.11 -16.06 -42.45
N ASN C 122 -0.11 -16.52 -42.20
CA ASN C 122 -1.06 -15.71 -41.43
C ASN C 122 -0.46 -15.30 -40.09
N ILE C 123 0.35 -16.18 -39.48
CA ILE C 123 0.99 -15.80 -38.21
C ILE C 123 2.05 -14.73 -38.43
N ALA C 124 2.89 -14.89 -39.46
CA ALA C 124 4.05 -14.02 -39.62
C ALA C 124 3.67 -12.65 -40.17
N ALA C 125 2.71 -12.59 -41.09
CA ALA C 125 2.23 -11.31 -41.59
C ALA C 125 1.37 -10.56 -40.57
N GLY C 126 0.98 -11.21 -39.48
CA GLY C 126 0.21 -10.54 -38.44
C GLY C 126 -1.25 -10.32 -38.76
N ARG C 127 -1.90 -11.27 -39.44
CA ARG C 127 -3.35 -11.19 -39.61
C ARG C 127 -4.06 -11.26 -38.26
N THR C 128 -3.48 -12.04 -37.34
CA THR C 128 -3.95 -12.16 -35.96
C THR C 128 -4.07 -10.83 -35.23
N LEU C 129 -3.42 -9.77 -35.73
CA LEU C 129 -3.51 -8.46 -35.10
C LEU C 129 -4.78 -7.72 -35.44
N TRP C 130 -5.54 -8.18 -36.42
CA TRP C 130 -6.83 -7.57 -36.76
C TRP C 130 -6.77 -6.05 -36.85
N ARG C 131 -7.69 -5.35 -36.18
CA ARG C 131 -7.75 -3.90 -36.35
C ARG C 131 -6.49 -3.19 -35.85
N ASN C 132 -5.64 -3.87 -35.09
CA ASN C 132 -4.39 -3.25 -34.67
C ASN C 132 -3.41 -3.04 -35.83
N ARG C 133 -3.73 -3.55 -37.03
CA ARG C 133 -2.92 -3.29 -38.21
C ARG C 133 -3.20 -1.92 -38.82
N VAL C 134 -4.44 -1.44 -38.69
CA VAL C 134 -4.86 -0.20 -39.32
C VAL C 134 -3.96 0.93 -38.85
N GLY C 135 -3.33 1.62 -39.80
CA GLY C 135 -2.56 2.81 -39.50
C GLY C 135 -1.22 2.58 -38.84
N ALA C 136 -0.62 1.40 -39.01
CA ALA C 136 0.71 1.15 -38.46
C ALA C 136 1.78 1.62 -39.44
N GLU C 137 2.83 2.25 -38.90
CA GLU C 137 3.95 2.65 -39.74
C GLU C 137 4.66 1.42 -40.29
N SER C 138 4.96 0.45 -39.42
CA SER C 138 5.54 -0.82 -39.85
C SER C 138 5.17 -1.89 -38.84
N ILE C 139 5.18 -3.14 -39.30
CA ILE C 139 4.86 -4.30 -38.48
C ILE C 139 6.04 -5.26 -38.54
N GLU C 140 6.52 -5.66 -37.37
CA GLU C 140 7.69 -6.53 -37.26
C GLU C 140 7.31 -7.73 -36.40
N THR C 141 7.48 -8.93 -36.94
CA THR C 141 7.05 -10.15 -36.29
C THR C 141 8.25 -11.02 -35.98
N VAL C 142 8.38 -11.45 -34.73
CA VAL C 142 9.49 -12.29 -34.28
C VAL C 142 8.91 -13.62 -33.86
N ILE C 143 9.28 -14.69 -34.57
CA ILE C 143 8.83 -16.04 -34.26
C ILE C 143 10.01 -16.85 -33.78
N THR C 144 9.92 -17.39 -32.56
CA THR C 144 10.93 -18.28 -32.01
C THR C 144 10.35 -19.70 -32.00
N VAL C 145 10.99 -20.57 -32.78
CA VAL C 145 10.55 -21.98 -32.90
C VAL C 145 11.79 -22.87 -32.82
N ASN C 146 11.72 -23.98 -32.09
CA ASN C 146 12.85 -24.95 -31.99
C ASN C 146 14.20 -24.24 -31.92
N ASP C 147 14.35 -23.29 -30.98
CA ASP C 147 15.67 -22.63 -30.76
C ASP C 147 16.08 -21.83 -32.00
N GLN C 148 15.11 -21.48 -32.86
CA GLN C 148 15.44 -20.63 -34.04
C GLN C 148 14.62 -19.35 -33.96
N THR C 149 15.22 -18.21 -34.31
CA THR C 149 14.55 -16.92 -34.20
C THR C 149 14.47 -16.28 -35.58
N PHE C 150 13.25 -16.03 -36.04
CA PHE C 150 12.99 -15.45 -37.37
C PHE C 150 12.36 -14.09 -37.20
N THR C 151 12.74 -13.15 -38.07
CA THR C 151 12.17 -11.80 -38.08
C THR C 151 11.54 -11.53 -39.42
N PHE C 152 10.35 -10.93 -39.39
CA PHE C 152 9.56 -10.63 -40.58
C PHE C 152 9.18 -9.16 -40.55
N SER C 153 9.48 -8.44 -41.62
CA SER C 153 9.01 -7.07 -41.75
C SER C 153 7.74 -7.04 -42.58
N ASP C 154 7.25 -5.83 -42.86
CA ASP C 154 5.95 -5.59 -43.49
C ASP C 154 5.66 -6.60 -44.60
N LEU C 155 4.53 -7.29 -44.46
CA LEU C 155 4.18 -8.41 -45.31
C LEU C 155 2.76 -8.23 -45.83
N LEU C 156 2.53 -8.63 -47.08
CA LEU C 156 1.20 -8.54 -47.66
C LEU C 156 0.33 -9.67 -47.13
N VAL C 157 -0.82 -9.31 -46.57
CA VAL C 157 -1.63 -10.27 -45.83
C VAL C 157 -2.56 -11.06 -46.75
N ASN C 158 -3.22 -10.41 -47.70
CA ASN C 158 -4.22 -11.09 -48.52
C ASN C 158 -3.62 -11.94 -49.63
N GLU C 159 -2.31 -11.87 -49.86
CA GLU C 159 -1.62 -12.75 -50.79
C GLU C 159 -0.60 -13.58 -50.02
N PHE C 160 -0.56 -14.87 -50.31
CA PHE C 160 0.42 -15.75 -49.69
C PHE C 160 1.71 -15.79 -50.50
N ASP C 161 2.32 -14.62 -50.62
CA ASP C 161 3.55 -14.46 -51.39
C ASP C 161 4.66 -15.33 -50.81
N GLU C 162 5.62 -15.67 -51.66
CA GLU C 162 6.66 -16.61 -51.29
C GLU C 162 7.72 -15.95 -50.44
N ASP C 163 8.13 -16.64 -49.37
CA ASP C 163 9.15 -16.18 -48.45
C ASP C 163 9.88 -17.40 -47.93
N VAL C 164 11.22 -17.30 -47.83
CA VAL C 164 12.02 -18.46 -47.50
C VAL C 164 11.89 -18.82 -46.02
N ASP C 165 11.62 -17.84 -45.15
CA ASP C 165 11.53 -18.13 -43.72
C ASP C 165 10.15 -18.66 -43.35
N VAL C 166 9.09 -18.11 -43.95
CA VAL C 166 7.77 -18.70 -43.80
C VAL C 166 7.80 -20.17 -44.22
N ALA C 167 8.48 -20.46 -45.33
CA ALA C 167 8.59 -21.84 -45.79
C ALA C 167 9.47 -22.67 -44.84
N GLU C 168 10.53 -22.07 -44.30
CA GLU C 168 11.41 -22.82 -43.40
C GLU C 168 10.70 -23.22 -42.11
N ILE C 169 9.72 -22.41 -41.67
CA ILE C 169 8.94 -22.79 -40.50
C ILE C 169 7.80 -23.74 -40.89
N ALA C 170 7.19 -23.50 -42.06
CA ALA C 170 6.17 -24.41 -42.57
C ALA C 170 6.71 -25.81 -42.79
N ASP C 171 8.02 -25.96 -43.01
CA ASP C 171 8.63 -27.28 -43.04
C ASP C 171 8.30 -28.07 -41.78
N MET C 172 8.68 -27.53 -40.61
CA MET C 172 8.45 -28.23 -39.35
C MET C 172 6.95 -28.34 -39.05
N VAL C 173 6.18 -27.31 -39.41
CA VAL C 173 4.75 -27.34 -39.11
C VAL C 173 4.06 -28.44 -39.91
N ALA C 174 4.36 -28.53 -41.21
CA ALA C 174 3.80 -29.61 -42.03
C ALA C 174 4.34 -30.97 -41.60
N GLY C 175 5.58 -31.02 -41.12
CA GLY C 175 6.10 -32.28 -40.60
C GLY C 175 5.32 -32.77 -39.40
N VAL C 176 4.91 -31.85 -38.53
CA VAL C 176 4.12 -32.25 -37.36
C VAL C 176 2.68 -32.58 -37.78
N LEU C 177 2.08 -31.75 -38.64
CA LEU C 177 0.70 -32.00 -39.05
C LEU C 177 0.57 -33.30 -39.85
N SER C 178 1.52 -33.55 -40.76
CA SER C 178 1.49 -34.76 -41.57
C SER C 178 1.69 -36.03 -40.76
N GLY C 179 2.37 -35.94 -39.61
CA GLY C 179 2.59 -37.11 -38.78
C GLY C 179 2.04 -36.94 -37.39
N GLU C 180 2.91 -37.02 -36.39
CA GLU C 180 2.52 -36.83 -35.00
C GLU C 180 3.58 -35.99 -34.31
N GLY C 181 3.36 -35.74 -33.02
CA GLY C 181 4.18 -34.81 -32.27
C GLY C 181 3.56 -33.43 -32.20
N PHE C 182 4.39 -32.44 -31.87
CA PHE C 182 3.91 -31.08 -31.77
C PHE C 182 5.07 -30.11 -32.00
N VAL C 183 4.71 -28.85 -32.27
CA VAL C 183 5.69 -27.78 -32.40
C VAL C 183 5.06 -26.46 -31.93
N THR C 184 5.78 -25.73 -31.10
CA THR C 184 5.28 -24.48 -30.51
C THR C 184 6.08 -23.30 -31.05
N LEU C 185 5.38 -22.36 -31.67
CA LEU C 185 5.96 -21.08 -32.07
C LEU C 185 5.64 -20.04 -31.01
N LYS C 186 6.65 -19.29 -30.58
CA LYS C 186 6.48 -18.17 -29.66
C LYS C 186 6.53 -16.89 -30.49
N VAL C 187 5.40 -16.19 -30.58
CA VAL C 187 5.20 -15.09 -31.50
C VAL C 187 5.17 -13.77 -30.74
N GLU C 188 5.93 -12.80 -31.23
CA GLU C 188 5.84 -11.41 -30.82
C GLU C 188 5.54 -10.56 -32.04
N HIS C 189 4.71 -9.54 -31.85
CA HIS C 189 4.42 -8.53 -32.87
C HIS C 189 4.78 -7.16 -32.32
N TYR C 190 5.36 -6.33 -33.18
CA TYR C 190 5.66 -4.94 -32.89
C TYR C 190 5.02 -4.07 -33.96
N MET C 191 4.22 -3.10 -33.54
CA MET C 191 3.56 -2.18 -34.45
C MET C 191 3.90 -0.75 -34.05
N LEU C 192 4.41 0.02 -35.01
CA LEU C 192 4.68 1.44 -34.80
C LEU C 192 3.41 2.21 -35.10
N LEU C 193 2.64 2.51 -34.05
CA LEU C 193 1.37 3.22 -34.21
C LEU C 193 1.47 4.69 -33.83
N GLY C 194 2.37 5.04 -32.93
CA GLY C 194 2.44 6.42 -32.48
C GLY C 194 2.05 6.54 -31.01
N GLU C 195 2.61 7.54 -30.36
CA GLU C 195 2.35 7.74 -28.94
C GLU C 195 0.87 8.02 -28.71
N GLY C 196 0.28 7.29 -27.78
CA GLY C 196 -1.11 7.49 -27.40
C GLY C 196 -2.14 6.90 -28.34
N SER C 197 -1.76 6.01 -29.23
CA SER C 197 -2.69 5.46 -30.21
C SER C 197 -3.60 4.40 -29.58
N GLU C 198 -4.84 4.37 -30.04
CA GLU C 198 -5.81 3.39 -29.57
C GLU C 198 -5.42 1.99 -30.03
N VAL C 199 -5.34 1.06 -29.10
CA VAL C 199 -5.18 -0.35 -29.44
C VAL C 199 -6.53 -1.04 -29.28
N PHE C 200 -6.63 -2.26 -29.80
CA PHE C 200 -7.92 -2.94 -29.96
C PHE C 200 -7.87 -4.33 -29.36
N PRO C 201 -8.11 -4.46 -28.05
CA PRO C 201 -8.23 -5.78 -27.44
C PRO C 201 -9.51 -6.46 -27.88
N SER C 202 -9.61 -7.75 -27.58
CA SER C 202 -10.83 -8.49 -27.87
C SER C 202 -12.00 -7.87 -27.12
N GLN C 203 -13.15 -7.81 -27.78
CA GLN C 203 -14.36 -7.27 -27.19
C GLN C 203 -15.20 -8.39 -26.60
N GLU C 204 -15.74 -8.16 -25.40
CA GLU C 204 -16.40 -9.20 -24.63
C GLU C 204 -17.88 -9.29 -25.02
N PHE C 205 -18.40 -10.53 -25.05
CA PHE C 205 -19.79 -10.79 -25.42
C PHE C 205 -20.53 -11.13 -24.12
N VAL C 206 -20.98 -10.10 -23.43
CA VAL C 206 -21.58 -10.24 -22.11
C VAL C 206 -22.89 -9.48 -22.06
N GLU C 207 -23.78 -9.94 -21.18
CA GLU C 207 -24.93 -9.14 -20.77
C GLU C 207 -24.49 -8.38 -19.53
N ASN C 208 -23.93 -7.19 -19.75
CA ASN C 208 -23.45 -6.33 -18.67
C ASN C 208 -24.09 -4.96 -18.83
N SER C 209 -25.01 -4.62 -17.92
CA SER C 209 -25.71 -3.34 -18.00
C SER C 209 -24.82 -2.16 -17.64
N LYS C 210 -23.69 -2.40 -16.97
CA LYS C 210 -22.83 -1.30 -16.55
C LYS C 210 -21.99 -0.75 -17.71
N LEU C 211 -21.74 -1.55 -18.74
CA LEU C 211 -20.88 -1.16 -19.85
C LEU C 211 -21.57 -1.41 -21.18
N SER C 212 -21.40 -0.46 -22.11
CA SER C 212 -21.86 -0.62 -23.48
C SER C 212 -20.85 -1.31 -24.36
N LYS C 213 -19.59 -1.36 -23.94
CA LYS C 213 -18.55 -2.09 -24.66
C LYS C 213 -17.51 -2.52 -23.64
N GLN C 214 -17.29 -3.82 -23.51
CA GLN C 214 -16.33 -4.34 -22.56
C GLN C 214 -15.17 -5.01 -23.30
N LEU C 215 -13.95 -4.58 -22.96
CA LEU C 215 -12.76 -5.16 -23.56
C LEU C 215 -12.21 -6.28 -22.69
N PHE C 216 -11.75 -7.34 -23.34
CA PHE C 216 -11.19 -8.50 -22.64
C PHE C 216 -9.96 -8.08 -21.85
N ASP C 217 -9.88 -8.53 -20.59
CA ASP C 217 -8.76 -8.19 -19.73
C ASP C 217 -8.36 -9.38 -18.87
N LEU C 218 -7.07 -9.49 -18.60
CA LEU C 218 -6.51 -10.50 -17.71
C LEU C 218 -5.79 -9.75 -16.60
N ASN C 219 -6.40 -9.70 -15.42
CA ASN C 219 -5.93 -8.89 -14.30
C ASN C 219 -5.72 -7.43 -14.72
N GLY C 220 -6.65 -6.91 -15.51
CA GLY C 220 -6.64 -5.53 -15.90
C GLY C 220 -5.88 -5.20 -17.17
N GLN C 221 -5.12 -6.14 -17.72
CA GLN C 221 -4.31 -5.88 -18.91
C GLN C 221 -5.06 -6.28 -20.16
N ALA C 222 -4.99 -5.41 -21.17
CA ALA C 222 -5.65 -5.67 -22.45
C ALA C 222 -5.14 -6.97 -23.06
N ALA C 223 -6.04 -7.74 -23.64
CA ALA C 223 -5.69 -9.03 -24.19
C ALA C 223 -6.63 -9.36 -25.36
N MET C 224 -6.31 -10.45 -26.05
CA MET C 224 -7.15 -10.95 -27.12
C MET C 224 -7.47 -12.41 -26.88
N HIS C 225 -8.73 -12.78 -27.12
CA HIS C 225 -9.16 -14.16 -26.93
C HIS C 225 -8.33 -15.11 -27.78
N ASP C 226 -7.98 -16.26 -27.19
CA ASP C 226 -7.33 -17.31 -27.96
C ASP C 226 -8.13 -17.68 -29.20
N GLN C 227 -9.46 -17.72 -29.08
CA GLN C 227 -10.27 -18.14 -30.22
C GLN C 227 -10.24 -17.12 -31.36
N LYS C 228 -10.02 -15.83 -31.05
CA LYS C 228 -9.94 -14.86 -32.14
C LYS C 228 -8.63 -14.99 -32.91
N ILE C 229 -7.52 -15.17 -32.19
CA ILE C 229 -6.26 -15.48 -32.84
C ILE C 229 -6.40 -16.75 -33.68
N GLY C 230 -7.12 -17.74 -33.17
CA GLY C 230 -7.36 -18.95 -33.94
C GLY C 230 -8.12 -18.67 -35.22
N ASN C 231 -9.23 -17.95 -35.12
CA ASN C 231 -10.00 -17.61 -36.32
C ASN C 231 -9.15 -16.85 -37.33
N ALA C 232 -8.22 -16.03 -36.85
CA ALA C 232 -7.32 -15.35 -37.77
C ALA C 232 -6.39 -16.33 -38.48
N ILE C 233 -5.75 -17.23 -37.73
CA ILE C 233 -4.73 -18.11 -38.31
C ILE C 233 -5.33 -18.97 -39.41
N ARG C 234 -6.46 -19.62 -39.14
CA ARG C 234 -7.03 -20.56 -40.09
C ARG C 234 -7.74 -19.88 -41.27
N THR C 235 -7.65 -18.56 -41.40
CA THR C 235 -8.13 -17.87 -42.59
C THR C 235 -7.23 -18.17 -43.78
N ILE C 236 -7.50 -19.25 -44.51
CA ILE C 236 -6.63 -19.71 -45.59
C ILE C 236 -7.45 -20.14 -46.80
N ASP C 237 -8.77 -20.13 -46.68
CA ASP C 237 -9.65 -20.70 -47.71
C ASP C 237 -9.75 -19.74 -48.88
N THR C 238 -8.97 -20.02 -49.93
CA THR C 238 -9.04 -19.28 -51.19
C THR C 238 -9.61 -20.14 -52.32
N TRP C 239 -10.46 -21.10 -51.97
CA TRP C 239 -10.89 -22.13 -52.91
C TRP C 239 -12.40 -22.22 -53.09
N TYR C 240 -13.17 -21.38 -52.42
CA TYR C 240 -14.61 -21.35 -52.67
C TYR C 240 -14.87 -20.75 -54.06
N GLU C 241 -16.10 -20.93 -54.53
CA GLU C 241 -16.44 -20.41 -55.86
C GLU C 241 -16.54 -18.90 -55.81
N ASP C 242 -16.03 -18.25 -56.87
CA ASP C 242 -15.89 -16.79 -56.92
C ASP C 242 -14.95 -16.29 -55.83
N ALA C 243 -13.83 -16.99 -55.66
CA ALA C 243 -12.90 -16.69 -54.56
C ALA C 243 -12.26 -15.32 -54.75
N THR C 244 -12.26 -14.53 -53.68
CA THR C 244 -11.64 -13.21 -53.69
C THR C 244 -10.49 -13.16 -52.70
N THR C 245 -10.81 -13.07 -51.41
CA THR C 245 -9.83 -13.08 -50.34
C THR C 245 -9.96 -14.36 -49.52
N PRO C 246 -8.89 -14.75 -48.81
CA PRO C 246 -8.99 -15.93 -47.95
C PRO C 246 -10.00 -15.72 -46.83
N ILE C 247 -10.81 -16.75 -46.59
CA ILE C 247 -11.75 -16.75 -45.48
C ILE C 247 -11.34 -17.86 -44.51
N ALA C 248 -11.95 -17.83 -43.33
CA ALA C 248 -11.62 -18.83 -42.31
C ALA C 248 -12.18 -20.18 -42.69
N VAL C 249 -11.43 -21.24 -42.36
CA VAL C 249 -11.87 -22.60 -42.63
C VAL C 249 -13.15 -22.87 -41.86
N GLU C 250 -14.27 -22.95 -42.59
CA GLU C 250 -15.57 -23.22 -41.99
C GLU C 250 -16.27 -24.27 -42.84
N PRO C 251 -16.94 -25.23 -42.21
CA PRO C 251 -17.63 -26.27 -42.98
C PRO C 251 -18.62 -25.74 -44.00
N TYR C 252 -19.20 -24.57 -43.79
CA TYR C 252 -20.13 -23.98 -44.76
C TYR C 252 -19.56 -22.71 -45.39
N GLY C 253 -18.26 -22.48 -45.29
CA GLY C 253 -17.70 -21.21 -45.74
C GLY C 253 -18.42 -20.03 -45.12
N SER C 254 -18.70 -20.12 -43.82
CA SER C 254 -19.56 -19.15 -43.16
C SER C 254 -18.77 -17.91 -42.79
N VAL C 255 -19.27 -16.76 -43.22
CA VAL C 255 -18.85 -15.46 -42.70
C VAL C 255 -20.11 -14.77 -42.19
N VAL C 256 -20.56 -15.14 -40.98
CA VAL C 256 -21.77 -14.57 -40.42
C VAL C 256 -21.60 -13.07 -40.19
N ARG C 257 -20.36 -12.63 -39.99
CA ARG C 257 -19.98 -11.23 -39.89
C ARG C 257 -20.73 -10.36 -40.91
N ASN C 258 -20.80 -10.83 -42.15
CA ASN C 258 -21.38 -10.07 -43.25
C ASN C 258 -22.75 -10.59 -43.69
N GLY C 259 -23.19 -11.73 -43.17
CA GLY C 259 -24.47 -12.27 -43.58
C GLY C 259 -24.44 -13.12 -44.83
N VAL C 260 -23.29 -13.73 -45.13
CA VAL C 260 -23.17 -14.58 -46.32
C VAL C 260 -22.42 -15.86 -45.93
N ALA C 261 -22.67 -16.92 -46.69
CA ALA C 261 -21.95 -18.18 -46.57
C ALA C 261 -21.53 -18.60 -47.97
N TYR C 262 -20.22 -18.66 -48.22
CA TYR C 262 -19.71 -18.86 -49.56
C TYR C 262 -19.69 -20.33 -49.99
N ARG C 263 -20.19 -21.24 -49.16
CA ARG C 263 -20.21 -22.67 -49.49
C ARG C 263 -21.55 -23.29 -49.14
N ALA C 264 -22.63 -22.52 -49.26
CA ALA C 264 -23.96 -22.97 -48.87
C ALA C 264 -24.73 -23.44 -50.11
N GLY C 265 -25.07 -24.73 -50.14
CA GLY C 265 -25.97 -25.23 -51.17
C GLY C 265 -25.41 -25.19 -52.57
N ASN C 266 -24.12 -25.49 -52.73
CA ASN C 266 -23.48 -25.47 -54.03
C ASN C 266 -22.55 -26.67 -54.22
N LYS C 267 -22.84 -27.79 -53.55
CA LYS C 267 -22.08 -29.04 -53.64
C LYS C 267 -20.65 -28.91 -53.12
N THR C 268 -20.26 -27.77 -52.53
CA THR C 268 -18.88 -27.57 -52.11
C THR C 268 -18.75 -27.37 -50.60
N ASP C 269 -19.75 -27.78 -49.82
CA ASP C 269 -19.64 -27.71 -48.37
C ASP C 269 -18.86 -28.91 -47.84
N LEU C 270 -18.43 -28.81 -46.57
CA LEU C 270 -17.59 -29.84 -45.98
C LEU C 270 -18.28 -31.20 -45.98
N PHE C 271 -19.60 -31.23 -45.81
CA PHE C 271 -20.30 -32.49 -45.67
C PHE C 271 -20.50 -33.18 -47.01
N THR C 272 -20.85 -32.42 -48.05
CA THR C 272 -20.90 -32.98 -49.41
C THR C 272 -19.55 -33.55 -49.81
N LEU C 273 -18.48 -32.77 -49.59
CA LEU C 273 -17.14 -33.22 -49.99
C LEU C 273 -16.66 -34.39 -49.16
N MET C 274 -17.03 -34.43 -47.88
CA MET C 274 -16.60 -35.55 -47.03
C MET C 274 -17.34 -36.83 -47.41
N ASP C 275 -18.65 -36.76 -47.66
CA ASP C 275 -19.39 -37.91 -48.16
C ASP C 275 -18.81 -38.38 -49.49
N GLY C 276 -18.42 -37.43 -50.35
CA GLY C 276 -17.77 -37.82 -51.60
C GLY C 276 -16.47 -38.57 -51.36
N ALA C 277 -15.57 -37.99 -50.55
CA ALA C 277 -14.27 -38.60 -50.31
C ALA C 277 -14.41 -40.00 -49.72
N VAL C 278 -15.35 -40.18 -48.78
CA VAL C 278 -15.49 -41.47 -48.13
C VAL C 278 -16.10 -42.50 -49.08
N ASN C 279 -17.07 -42.07 -49.90
CA ASN C 279 -17.77 -42.98 -50.81
C ASN C 279 -17.12 -43.06 -52.19
N GLY C 280 -15.78 -43.09 -52.25
CA GLY C 280 -15.06 -43.45 -53.44
C GLY C 280 -14.77 -42.32 -54.41
N LYS C 281 -15.45 -41.18 -54.29
CA LYS C 281 -15.29 -40.09 -55.23
C LYS C 281 -13.86 -39.53 -55.19
N SER C 282 -13.52 -38.77 -56.22
CA SER C 282 -12.18 -38.20 -56.38
C SER C 282 -12.18 -36.73 -55.95
N LEU C 283 -11.10 -36.32 -55.29
CA LEU C 283 -11.01 -34.99 -54.71
C LEU C 283 -9.89 -34.19 -55.35
N THR C 284 -10.18 -32.91 -55.62
CA THR C 284 -9.15 -31.96 -56.03
C THR C 284 -8.12 -31.82 -54.91
N GLU C 285 -6.92 -31.35 -55.28
CA GLU C 285 -5.92 -31.04 -54.26
C GLU C 285 -6.46 -30.01 -53.27
N GLU C 286 -7.22 -29.03 -53.76
CA GLU C 286 -7.71 -27.99 -52.87
C GLU C 286 -8.96 -28.42 -52.11
N ASP C 287 -9.77 -29.33 -52.67
CA ASP C 287 -10.85 -29.89 -51.88
C ASP C 287 -10.29 -30.78 -50.75
N GLN C 288 -9.24 -31.55 -51.05
CA GLN C 288 -8.53 -32.27 -49.99
C GLN C 288 -8.01 -31.30 -48.94
N MET C 289 -7.41 -30.18 -49.37
CA MET C 289 -6.88 -29.21 -48.43
C MET C 289 -7.99 -28.62 -47.56
N PHE C 290 -9.14 -28.32 -48.16
CA PHE C 290 -10.26 -27.76 -47.41
C PHE C 290 -10.78 -28.74 -46.36
N VAL C 291 -10.98 -30.00 -46.75
CA VAL C 291 -11.50 -31.00 -45.81
C VAL C 291 -10.50 -31.24 -44.68
N THR C 292 -9.22 -31.39 -45.02
CA THR C 292 -8.23 -31.62 -43.96
C THR C 292 -8.05 -30.39 -43.08
N ALA C 293 -8.22 -29.20 -43.65
CA ALA C 293 -8.15 -28.00 -42.81
C ALA C 293 -9.34 -27.91 -41.87
N ASN C 294 -10.51 -28.41 -42.30
CA ASN C 294 -11.63 -28.53 -41.37
C ASN C 294 -11.32 -29.52 -40.26
N LEU C 295 -10.64 -30.62 -40.59
CA LEU C 295 -10.23 -31.56 -39.56
C LEU C 295 -9.22 -30.93 -38.60
N ILE C 296 -8.32 -30.09 -39.12
CA ILE C 296 -7.36 -29.39 -38.28
C ILE C 296 -8.08 -28.38 -37.39
N ARG C 297 -9.12 -27.74 -37.93
CA ARG C 297 -9.93 -26.83 -37.14
C ARG C 297 -10.52 -27.53 -35.92
N GLY C 298 -10.87 -28.80 -36.07
CA GLY C 298 -11.67 -29.49 -35.08
C GLY C 298 -13.14 -29.17 -35.25
N GLY C 299 -13.96 -29.90 -34.53
CA GLY C 299 -15.39 -29.69 -34.58
C GLY C 299 -16.14 -30.90 -34.07
N VAL C 300 -17.41 -30.67 -33.79
CA VAL C 300 -18.35 -31.71 -33.41
C VAL C 300 -19.44 -31.69 -34.48
N PHE C 301 -19.22 -32.43 -35.56
CA PHE C 301 -20.11 -32.40 -36.71
C PHE C 301 -21.25 -33.40 -36.46
N GLY C 302 -22.48 -32.88 -36.36
CA GLY C 302 -23.63 -33.69 -36.00
C GLY C 302 -24.67 -33.83 -37.09
N GLY C 303 -25.53 -34.82 -36.96
CA GLY C 303 -26.50 -35.20 -37.96
C GLY C 303 -26.11 -36.50 -38.65
N GLY C 304 -27.13 -37.28 -39.03
CA GLY C 304 -26.87 -38.51 -39.76
C GLY C 304 -27.82 -39.65 -39.45
N LYS C 305 -27.27 -40.79 -39.05
CA LYS C 305 -28.08 -41.94 -38.67
C LYS C 305 -28.99 -41.63 -37.48
N THR D 2 -35.82 -4.05 -57.71
CA THR D 2 -36.01 -2.61 -57.82
C THR D 2 -34.95 -1.84 -57.03
N LYS D 3 -35.32 -1.42 -55.83
CA LYS D 3 -34.45 -0.59 -55.01
C LYS D 3 -33.28 -1.40 -54.47
N LEU D 4 -32.10 -0.79 -54.49
CA LEU D 4 -30.94 -1.33 -53.78
C LEU D 4 -31.12 -1.02 -52.30
N LYS D 5 -31.60 -2.00 -51.54
CA LYS D 5 -31.71 -1.82 -50.11
C LYS D 5 -30.32 -1.91 -49.47
N ALA D 6 -30.11 -1.11 -48.44
CA ALA D 6 -28.83 -1.14 -47.77
C ALA D 6 -28.72 -2.39 -46.92
N PRO D 7 -27.59 -3.09 -46.96
CA PRO D 7 -27.42 -4.26 -46.08
C PRO D 7 -27.67 -3.87 -44.62
N ALA D 8 -28.22 -4.82 -43.87
CA ALA D 8 -28.63 -4.53 -42.50
C ALA D 8 -27.46 -4.16 -41.60
N VAL D 9 -26.24 -4.57 -41.97
CA VAL D 9 -25.07 -4.35 -41.12
C VAL D 9 -24.01 -3.54 -41.85
N LEU D 10 -24.43 -2.63 -42.72
CA LEU D 10 -23.49 -1.75 -43.42
C LEU D 10 -22.90 -0.75 -42.44
N ALA D 11 -21.58 -0.82 -42.23
CA ALA D 11 -20.93 0.04 -41.25
C ALA D 11 -19.55 0.43 -41.75
N TYR D 12 -19.15 1.66 -41.44
CA TYR D 12 -17.83 2.18 -41.76
C TYR D 12 -17.09 2.51 -40.48
N SER D 13 -15.77 2.28 -40.48
CA SER D 13 -14.92 2.60 -39.35
C SER D 13 -14.41 4.03 -39.45
N ARG D 14 -14.23 4.67 -38.29
CA ARG D 14 -13.82 6.07 -38.27
C ARG D 14 -12.46 6.24 -38.93
N LYS D 15 -12.29 7.37 -39.63
CA LYS D 15 -11.07 7.67 -40.36
C LYS D 15 -10.27 8.82 -39.78
N ILE D 16 -10.86 9.63 -38.92
CA ILE D 16 -10.15 10.68 -38.19
C ILE D 16 -10.01 10.18 -36.75
N ASN D 17 -8.80 9.75 -36.38
CA ASN D 17 -8.53 9.09 -35.11
C ASN D 17 -7.70 10.02 -34.22
N PRO D 18 -8.33 10.86 -33.41
CA PRO D 18 -7.57 11.58 -32.38
C PRO D 18 -7.26 10.69 -31.19
N THR D 19 -6.17 11.03 -30.51
CA THR D 19 -5.83 10.42 -29.24
C THR D 19 -6.53 11.19 -28.11
N ASN D 20 -6.37 10.69 -26.88
CA ASN D 20 -6.76 11.50 -25.73
C ASN D 20 -5.76 12.64 -25.57
N ALA D 21 -6.24 13.80 -25.15
CA ALA D 21 -5.39 14.97 -24.98
C ALA D 21 -4.97 15.10 -23.53
N LEU D 22 -3.68 15.32 -23.31
CA LEU D 22 -3.17 15.56 -21.96
C LEU D 22 -3.03 17.06 -21.72
N MET D 23 -3.20 17.46 -20.47
CA MET D 23 -3.17 18.86 -20.07
C MET D 23 -2.01 19.11 -19.13
N PHE D 24 -1.06 19.92 -19.58
CA PHE D 24 0.10 20.33 -18.82
C PHE D 24 0.01 21.82 -18.53
N ALA D 25 0.93 22.28 -17.67
CA ALA D 25 1.08 23.70 -17.38
C ALA D 25 2.53 24.10 -17.63
N VAL D 26 2.72 25.19 -18.36
CA VAL D 26 4.04 25.75 -18.61
C VAL D 26 3.94 27.26 -18.39
N ASN D 27 5.08 27.93 -18.58
CA ASN D 27 5.09 29.38 -18.72
C ASN D 27 5.21 29.73 -20.19
N TRP D 28 4.55 30.84 -20.58
CA TRP D 28 4.44 31.17 -22.00
C TRP D 28 5.80 31.28 -22.68
N SER D 29 6.83 31.68 -21.93
CA SER D 29 8.16 31.91 -22.47
C SER D 29 9.19 30.94 -21.90
N ASP D 30 8.77 29.72 -21.56
CA ASP D 30 9.65 28.67 -21.04
C ASP D 30 8.90 27.33 -21.24
N ARG D 31 8.67 26.99 -22.49
CA ARG D 31 7.82 25.86 -22.85
C ARG D 31 8.53 24.52 -22.71
N ASP D 32 9.80 24.50 -22.32
CA ASP D 32 10.51 23.23 -22.12
C ASP D 32 10.41 22.72 -20.70
N ASN D 33 9.74 23.45 -19.81
CA ASN D 33 9.50 23.03 -18.43
C ASN D 33 8.01 22.75 -18.28
N THR D 34 7.59 21.58 -18.74
CA THR D 34 6.20 21.16 -18.63
C THR D 34 5.99 20.45 -17.29
N THR D 35 4.93 20.82 -16.59
CA THR D 35 4.44 20.05 -15.47
C THR D 35 2.98 19.69 -15.75
N ALA D 36 2.56 18.54 -15.25
CA ALA D 36 1.23 18.02 -15.54
C ALA D 36 0.17 18.62 -14.61
N VAL D 37 -1.00 18.89 -15.18
CA VAL D 37 -2.15 19.33 -14.40
C VAL D 37 -2.84 18.09 -13.81
N MET D 38 -3.01 18.08 -12.50
CA MET D 38 -3.61 16.95 -11.80
C MET D 38 -5.02 17.28 -11.36
N VAL D 39 -5.93 16.32 -11.53
CA VAL D 39 -7.30 16.48 -11.08
C VAL D 39 -7.34 16.39 -9.56
N GLY D 40 -8.01 17.35 -8.92
CA GLY D 40 -8.19 17.35 -7.49
C GLY D 40 -9.66 17.23 -7.12
N THR D 41 -9.91 17.10 -5.82
CA THR D 41 -11.25 16.98 -5.27
C THR D 41 -11.44 18.08 -4.23
N LYS D 42 -12.59 18.76 -4.30
CA LYS D 42 -12.88 19.81 -3.33
C LYS D 42 -14.36 19.79 -2.99
N THR D 43 -14.67 20.28 -1.79
CA THR D 43 -16.05 20.47 -1.38
C THR D 43 -16.61 21.74 -2.01
N VAL D 44 -17.89 21.71 -2.34
CA VAL D 44 -18.58 22.84 -2.95
C VAL D 44 -19.95 22.96 -2.32
N ALA D 45 -20.23 24.09 -1.68
CA ALA D 45 -21.49 24.35 -1.02
C ALA D 45 -22.26 25.41 -1.78
N GLY D 46 -23.53 25.14 -2.08
CA GLY D 46 -24.31 26.09 -2.82
C GLY D 46 -25.75 26.21 -2.37
N THR D 47 -26.54 26.98 -3.11
CA THR D 47 -27.94 27.23 -2.85
C THR D 47 -28.83 26.37 -3.74
N GLN D 48 -30.09 26.23 -3.30
CA GLN D 48 -31.09 25.50 -4.07
C GLN D 48 -31.84 26.51 -4.94
N SER D 49 -31.24 26.83 -6.08
CA SER D 49 -31.74 27.92 -6.90
C SER D 49 -32.31 27.41 -8.22
N VAL D 50 -33.29 26.52 -8.15
CA VAL D 50 -33.95 26.00 -9.35
C VAL D 50 -35.10 26.92 -9.71
N ARG D 51 -35.45 26.91 -11.00
CA ARG D 51 -36.52 27.79 -11.48
C ARG D 51 -37.85 27.45 -10.83
N GLY D 52 -38.12 26.16 -10.62
CA GLY D 52 -39.40 25.74 -10.10
C GLY D 52 -39.69 26.19 -8.68
N ASN D 53 -39.02 25.58 -7.70
CA ASN D 53 -39.45 25.66 -6.31
C ASN D 53 -38.72 26.78 -5.58
N PRO D 54 -39.41 27.83 -5.14
CA PRO D 54 -38.83 28.78 -4.18
C PRO D 54 -38.99 28.36 -2.72
N ASN D 55 -39.70 27.26 -2.44
CA ASN D 55 -39.83 26.79 -1.07
C ASN D 55 -38.54 26.20 -0.53
N ASP D 56 -37.65 25.74 -1.41
CA ASP D 56 -36.34 25.24 -1.03
C ASP D 56 -35.27 26.33 -1.10
N ALA D 57 -35.67 27.57 -1.35
CA ALA D 57 -34.71 28.66 -1.50
C ALA D 57 -33.98 28.99 -0.20
N ASP D 58 -34.45 28.51 0.93
CA ASP D 58 -33.74 28.69 2.19
C ASP D 58 -32.83 27.51 2.53
N LYS D 59 -32.82 26.48 1.70
CA LYS D 59 -32.03 25.28 1.95
C LYS D 59 -30.75 25.30 1.12
N GLY D 60 -29.68 24.75 1.69
CA GLY D 60 -28.41 24.66 1.03
C GLY D 60 -28.16 23.28 0.45
N ASN D 61 -26.94 23.09 -0.06
CA ASN D 61 -26.55 21.76 -0.50
C ASN D 61 -25.03 21.64 -0.57
N ILE D 62 -24.51 20.52 -0.06
CA ILE D 62 -23.08 20.22 -0.14
C ILE D 62 -22.86 19.22 -1.27
N GLN D 63 -21.70 19.33 -1.90
CA GLN D 63 -21.24 18.36 -2.89
C GLN D 63 -19.74 18.25 -2.78
N THR D 64 -19.18 17.22 -3.40
CA THR D 64 -17.75 17.16 -3.69
C THR D 64 -17.57 17.01 -5.19
N VAL D 65 -16.63 17.76 -5.75
CA VAL D 65 -16.44 17.80 -7.20
C VAL D 65 -14.95 17.74 -7.52
N ASN D 66 -14.66 17.26 -8.72
CA ASN D 66 -13.32 17.34 -9.27
C ASN D 66 -13.05 18.73 -9.83
N PHE D 67 -11.79 19.13 -9.78
CA PHE D 67 -11.40 20.46 -10.24
C PHE D 67 -9.98 20.40 -10.76
N ALA D 68 -9.66 21.35 -11.65
CA ALA D 68 -8.37 21.36 -12.33
C ALA D 68 -7.91 22.79 -12.57
N ASN D 69 -6.74 23.12 -12.05
CA ASN D 69 -6.18 24.46 -12.12
C ASN D 69 -4.74 24.41 -12.61
N LEU D 70 -4.35 25.44 -13.35
CA LEU D 70 -2.93 25.71 -13.52
C LEU D 70 -2.36 26.09 -12.15
N PRO D 71 -1.11 25.73 -11.87
CA PRO D 71 -0.48 26.19 -10.62
C PRO D 71 -0.42 27.71 -10.55
N HIS D 72 -0.03 28.21 -9.39
CA HIS D 72 0.12 29.64 -9.21
C HIS D 72 1.48 30.15 -9.65
N ASN D 73 2.32 29.29 -10.24
CA ASN D 73 3.61 29.70 -10.78
C ASN D 73 3.74 29.37 -12.27
N LYS D 74 2.66 28.90 -12.91
CA LYS D 74 2.63 28.70 -14.35
C LYS D 74 1.39 29.41 -14.90
N ASN D 75 1.54 30.05 -16.06
CA ASN D 75 0.47 30.86 -16.61
C ASN D 75 -0.09 30.35 -17.93
N THR D 76 0.37 29.21 -18.43
CA THR D 76 -0.02 28.73 -19.75
C THR D 76 -0.46 27.29 -19.67
N LEU D 77 -1.62 27.01 -20.27
CA LEU D 77 -2.11 25.65 -20.43
C LEU D 77 -1.59 25.07 -21.74
N LEU D 78 -1.08 23.83 -21.67
CA LEU D 78 -0.56 23.13 -22.83
C LEU D 78 -1.39 21.87 -23.04
N VAL D 79 -2.16 21.82 -24.11
CA VAL D 79 -2.97 20.66 -24.45
C VAL D 79 -2.28 19.92 -25.58
N LYS D 80 -2.06 18.62 -25.40
CA LYS D 80 -1.33 17.82 -26.38
C LYS D 80 -2.16 16.63 -26.86
N TYR D 81 -2.17 16.41 -28.17
CA TYR D 81 -2.74 15.19 -28.73
C TYR D 81 -2.16 14.97 -30.12
N ASN D 82 -2.51 13.82 -30.71
CA ASN D 82 -2.19 13.51 -32.09
C ASN D 82 -3.46 13.06 -32.79
N VAL D 83 -3.53 13.32 -34.09
CA VAL D 83 -4.65 12.92 -34.91
C VAL D 83 -4.12 12.15 -36.11
N LYS D 84 -4.65 10.95 -36.34
CA LYS D 84 -4.25 10.12 -37.46
C LYS D 84 -5.40 10.07 -38.46
N PHE D 85 -5.14 10.52 -39.68
CA PHE D 85 -6.09 10.40 -40.78
C PHE D 85 -5.76 9.13 -41.55
N VAL D 86 -6.80 8.36 -41.88
CA VAL D 86 -6.68 7.06 -42.53
C VAL D 86 -7.52 7.06 -43.79
N GLY D 87 -6.93 6.61 -44.90
CA GLY D 87 -7.59 6.58 -46.19
C GLY D 87 -8.48 5.35 -46.35
N ASP D 88 -8.78 5.05 -47.61
CA ASP D 88 -9.77 4.02 -47.96
C ASP D 88 -11.13 4.33 -47.34
N VAL D 89 -11.51 5.61 -47.36
CA VAL D 89 -12.74 6.04 -46.71
C VAL D 89 -14.00 5.50 -47.37
N PHE D 90 -13.89 4.79 -48.49
CA PHE D 90 -15.05 4.21 -49.14
C PHE D 90 -15.16 2.70 -48.97
N LYS D 91 -14.08 2.04 -48.54
CA LYS D 91 -14.12 0.61 -48.22
C LYS D 91 -14.91 0.41 -46.94
N ALA D 92 -16.04 -0.29 -47.05
CA ALA D 92 -16.89 -0.52 -45.88
C ALA D 92 -16.25 -1.52 -44.94
N GLU D 93 -16.60 -1.40 -43.66
CA GLU D 93 -16.06 -2.31 -42.65
C GLU D 93 -16.87 -3.60 -42.57
N LEU D 94 -18.17 -3.52 -42.79
CA LEU D 94 -19.03 -4.63 -42.42
C LEU D 94 -20.04 -4.90 -43.53
N GLY D 95 -20.48 -3.83 -44.18
CA GLY D 95 -21.44 -3.98 -45.25
C GLY D 95 -20.90 -4.81 -46.40
N GLY D 96 -21.83 -5.30 -47.21
CA GLY D 96 -21.51 -6.18 -48.31
C GLY D 96 -20.81 -5.48 -49.45
N GLY D 97 -21.27 -5.72 -50.68
CA GLY D 97 -20.59 -5.22 -51.85
C GLY D 97 -21.34 -4.18 -52.65
N GLU D 98 -22.55 -4.53 -53.12
CA GLU D 98 -23.17 -3.73 -54.18
C GLU D 98 -23.55 -2.35 -53.70
N TYR D 99 -24.29 -2.25 -52.59
CA TYR D 99 -24.67 -0.94 -52.07
C TYR D 99 -23.44 -0.08 -51.83
N SER D 100 -22.43 -0.65 -51.16
CA SER D 100 -21.22 0.10 -50.86
C SER D 100 -20.45 0.47 -52.13
N ASN D 101 -20.40 -0.43 -53.11
CA ASN D 101 -19.62 -0.15 -54.31
C ASN D 101 -20.28 0.92 -55.17
N THR D 102 -21.60 0.84 -55.36
CA THR D 102 -22.26 1.90 -56.13
C THR D 102 -22.27 3.21 -55.36
N LEU D 103 -22.26 3.17 -54.03
CA LEU D 103 -22.13 4.42 -53.28
C LEU D 103 -20.73 5.00 -53.44
N GLN D 104 -19.70 4.15 -53.47
CA GLN D 104 -18.34 4.61 -53.73
C GLN D 104 -18.22 5.24 -55.11
N THR D 105 -18.92 4.66 -56.09
CA THR D 105 -18.91 5.26 -57.42
C THR D 105 -19.68 6.58 -57.45
N ALA D 106 -20.78 6.67 -56.71
CA ALA D 106 -21.61 7.88 -56.74
C ALA D 106 -20.92 9.08 -56.11
N LEU D 107 -19.84 8.88 -55.34
CA LEU D 107 -19.22 9.95 -54.57
C LEU D 107 -17.77 10.19 -54.93
N GLU D 108 -17.29 9.64 -56.05
CA GLU D 108 -15.89 9.88 -56.43
C GLU D 108 -15.63 11.32 -56.86
N ASN D 109 -16.68 12.13 -57.00
CA ASN D 109 -16.55 13.55 -57.32
C ASN D 109 -16.87 14.41 -56.10
N THR D 110 -16.40 14.00 -54.92
CA THR D 110 -16.57 14.75 -53.69
C THR D 110 -15.38 15.67 -53.48
N ASP D 111 -15.66 16.88 -52.99
CA ASP D 111 -14.63 17.89 -52.79
C ASP D 111 -13.82 17.52 -51.55
N PHE D 112 -12.80 16.68 -51.78
CA PHE D 112 -11.92 16.26 -50.70
C PHE D 112 -11.03 17.40 -50.21
N GLY D 113 -10.74 18.36 -51.09
CA GLY D 113 -9.97 19.51 -50.66
C GLY D 113 -10.67 20.29 -49.56
N THR D 114 -11.97 20.53 -49.73
CA THR D 114 -12.73 21.27 -48.72
C THR D 114 -12.83 20.49 -47.41
N LEU D 115 -13.09 19.17 -47.50
CA LEU D 115 -13.16 18.36 -46.29
C LEU D 115 -11.84 18.40 -45.52
N ALA D 116 -10.74 18.11 -46.21
CA ALA D 116 -9.44 18.11 -45.53
C ALA D 116 -9.11 19.49 -44.98
N TYR D 117 -9.42 20.55 -45.73
CA TYR D 117 -9.14 21.89 -45.27
C TYR D 117 -9.90 22.19 -43.99
N ARG D 118 -11.18 21.84 -43.94
CA ARG D 118 -11.98 22.20 -42.78
C ARG D 118 -11.60 21.37 -41.55
N TYR D 119 -11.24 20.09 -41.76
CA TYR D 119 -10.70 19.31 -40.64
C TYR D 119 -9.44 19.95 -40.09
N VAL D 120 -8.45 20.15 -40.96
CA VAL D 120 -7.17 20.73 -40.52
C VAL D 120 -7.38 22.10 -39.90
N TYR D 121 -8.36 22.85 -40.40
CA TYR D 121 -8.61 24.19 -39.89
C TYR D 121 -9.19 24.14 -38.49
N ASN D 122 -10.17 23.25 -38.25
CA ASN D 122 -10.68 23.07 -36.90
C ASN D 122 -9.57 22.69 -35.95
N ILE D 123 -8.58 21.92 -36.42
CA ILE D 123 -7.44 21.60 -35.55
C ILE D 123 -6.58 22.84 -35.30
N ALA D 124 -6.36 23.65 -36.34
CA ALA D 124 -5.41 24.76 -36.25
C ALA D 124 -6.01 25.99 -35.57
N ALA D 125 -7.30 26.25 -35.77
CA ALA D 125 -7.96 27.35 -35.08
C ALA D 125 -8.23 27.06 -33.61
N GLY D 126 -8.04 25.82 -33.17
CA GLY D 126 -8.17 25.48 -31.77
C GLY D 126 -9.59 25.21 -31.29
N ARG D 127 -10.51 24.91 -32.20
CA ARG D 127 -11.87 24.52 -31.79
C ARG D 127 -11.82 23.34 -30.84
N THR D 128 -10.86 22.43 -31.04
CA THR D 128 -10.69 21.26 -30.19
C THR D 128 -10.47 21.61 -28.72
N LEU D 129 -10.10 22.85 -28.41
CA LEU D 129 -9.87 23.26 -27.03
C LEU D 129 -11.16 23.56 -26.26
N TRP D 130 -12.30 23.68 -26.96
CA TRP D 130 -13.57 24.01 -26.32
C TRP D 130 -13.42 25.13 -25.28
N ARG D 131 -13.94 24.92 -24.07
CA ARG D 131 -13.98 26.03 -23.11
C ARG D 131 -12.59 26.50 -22.68
N ASN D 132 -11.53 25.76 -23.00
CA ASN D 132 -10.20 26.25 -22.69
C ASN D 132 -9.77 27.42 -23.57
N ARG D 133 -10.58 27.83 -24.55
CA ARG D 133 -10.24 28.99 -25.38
C ARG D 133 -10.66 30.32 -24.74
N VAL D 134 -11.62 30.30 -23.82
CA VAL D 134 -12.13 31.54 -23.26
C VAL D 134 -11.09 32.17 -22.35
N GLY D 135 -10.91 33.48 -22.47
CA GLY D 135 -10.01 34.19 -21.59
C GLY D 135 -8.54 34.01 -21.87
N ALA D 136 -8.17 33.84 -23.14
CA ALA D 136 -6.77 33.67 -23.52
C ALA D 136 -6.21 35.01 -23.98
N GLU D 137 -5.06 35.40 -23.41
CA GLU D 137 -4.32 36.53 -23.97
C GLU D 137 -3.86 36.24 -25.39
N SER D 138 -3.54 34.98 -25.67
CA SER D 138 -3.18 34.53 -27.01
C SER D 138 -3.14 33.00 -26.98
N ILE D 139 -3.37 32.41 -28.15
CA ILE D 139 -3.33 30.98 -28.34
C ILE D 139 -2.34 30.68 -29.45
N GLU D 140 -1.48 29.70 -29.24
CA GLU D 140 -0.47 29.31 -30.22
C GLU D 140 -0.55 27.81 -30.43
N THR D 141 -0.87 27.39 -31.64
CA THR D 141 -1.01 26.01 -32.02
C THR D 141 0.22 25.57 -32.81
N VAL D 142 0.71 24.36 -32.54
CA VAL D 142 1.87 23.80 -33.22
C VAL D 142 1.47 22.44 -33.76
N ILE D 143 1.54 22.29 -35.08
CA ILE D 143 1.21 21.03 -35.75
C ILE D 143 2.46 20.55 -36.46
N THR D 144 2.90 19.35 -36.14
CA THR D 144 4.04 18.72 -36.81
C THR D 144 3.52 17.57 -37.67
N VAL D 145 3.99 17.51 -38.92
CA VAL D 145 3.58 16.49 -39.87
C VAL D 145 4.68 16.30 -40.91
N ASN D 146 5.13 15.06 -41.08
CA ASN D 146 6.11 14.69 -42.12
C ASN D 146 7.39 15.52 -41.99
N ASP D 147 7.89 15.64 -40.76
CA ASP D 147 9.09 16.41 -40.46
C ASP D 147 8.95 17.88 -40.87
N GLN D 148 7.72 18.41 -40.84
CA GLN D 148 7.44 19.81 -41.10
C GLN D 148 6.62 20.37 -39.95
N THR D 149 7.05 21.52 -39.42
CA THR D 149 6.39 22.14 -38.28
C THR D 149 5.66 23.41 -38.72
N PHE D 150 4.45 23.61 -38.21
CA PHE D 150 3.61 24.74 -38.55
C PHE D 150 3.08 25.37 -37.27
N THR D 151 3.12 26.69 -37.21
CA THR D 151 2.64 27.45 -36.06
C THR D 151 1.46 28.30 -36.48
N PHE D 152 0.45 28.38 -35.62
CA PHE D 152 -0.72 29.20 -35.86
C PHE D 152 -1.01 30.04 -34.64
N SER D 153 -1.19 31.33 -34.86
CA SER D 153 -1.81 32.23 -33.91
C SER D 153 -2.76 33.11 -34.71
N ASP D 154 -3.84 33.55 -34.08
CA ASP D 154 -4.80 34.45 -34.71
C ASP D 154 -5.50 33.77 -35.90
N LEU D 155 -6.48 32.93 -35.56
CA LEU D 155 -7.36 32.25 -36.50
C LEU D 155 -8.77 32.31 -35.94
N LEU D 156 -9.71 32.82 -36.74
CA LEU D 156 -11.10 32.84 -36.32
C LEU D 156 -11.67 31.42 -36.34
N VAL D 157 -12.26 31.00 -35.21
CA VAL D 157 -12.71 29.62 -35.09
C VAL D 157 -13.95 29.37 -35.93
N ASN D 158 -14.88 30.31 -35.96
CA ASN D 158 -16.18 30.10 -36.58
C ASN D 158 -16.23 30.45 -38.06
N GLU D 159 -15.11 30.83 -38.66
CA GLU D 159 -15.04 31.09 -40.09
C GLU D 159 -13.90 30.29 -40.70
N PHE D 160 -14.15 29.73 -41.88
CA PHE D 160 -13.11 28.98 -42.60
C PHE D 160 -12.32 29.93 -43.51
N ASP D 161 -11.64 30.88 -42.88
CA ASP D 161 -10.78 31.80 -43.60
C ASP D 161 -9.68 31.04 -44.31
N GLU D 162 -9.20 31.60 -45.43
CA GLU D 162 -8.15 30.94 -46.19
C GLU D 162 -6.80 31.22 -45.55
N ASP D 163 -6.00 30.18 -45.40
CA ASP D 163 -4.67 30.28 -44.81
C ASP D 163 -3.76 29.32 -45.57
N VAL D 164 -2.54 29.77 -45.85
CA VAL D 164 -1.65 29.01 -46.73
C VAL D 164 -1.11 27.77 -46.02
N ASP D 165 -0.84 27.86 -44.72
CA ASP D 165 -0.33 26.70 -43.98
C ASP D 165 -1.43 25.67 -43.75
N VAL D 166 -2.64 26.13 -43.43
CA VAL D 166 -3.77 25.22 -43.31
C VAL D 166 -3.99 24.48 -44.61
N ALA D 167 -3.90 25.19 -45.74
CA ALA D 167 -4.07 24.54 -47.03
C ALA D 167 -2.93 23.58 -47.34
N GLU D 168 -1.70 23.92 -46.95
CA GLU D 168 -0.57 23.03 -47.23
C GLU D 168 -0.66 21.74 -46.43
N ILE D 169 -1.15 21.81 -45.20
CA ILE D 169 -1.36 20.58 -44.42
C ILE D 169 -2.56 19.81 -44.95
N ALA D 170 -3.65 20.52 -45.24
CA ALA D 170 -4.84 19.91 -45.81
C ALA D 170 -4.53 19.19 -47.12
N ASP D 171 -3.49 19.62 -47.83
CA ASP D 171 -3.12 18.93 -49.06
C ASP D 171 -2.71 17.49 -48.77
N MET D 172 -1.81 17.28 -47.81
CA MET D 172 -1.45 15.91 -47.44
C MET D 172 -2.65 15.17 -46.86
N VAL D 173 -3.47 15.87 -46.06
CA VAL D 173 -4.62 15.21 -45.45
C VAL D 173 -5.59 14.72 -46.53
N ALA D 174 -5.81 15.53 -47.58
CA ALA D 174 -6.69 15.13 -48.67
C ALA D 174 -6.05 14.10 -49.58
N GLY D 175 -4.71 14.11 -49.69
CA GLY D 175 -4.04 13.05 -50.40
C GLY D 175 -4.24 11.71 -49.74
N VAL D 176 -4.33 11.70 -48.41
CA VAL D 176 -4.63 10.45 -47.71
C VAL D 176 -6.12 10.11 -47.80
N LEU D 177 -6.98 11.09 -47.51
CA LEU D 177 -8.42 10.83 -47.47
C LEU D 177 -8.99 10.45 -48.84
N SER D 178 -8.44 11.01 -49.92
CA SER D 178 -8.92 10.70 -51.26
C SER D 178 -8.22 9.50 -51.87
N GLY D 179 -7.21 8.95 -51.21
CA GLY D 179 -6.53 7.76 -51.69
C GLY D 179 -6.43 6.70 -50.62
N GLU D 180 -5.21 6.26 -50.33
CA GLU D 180 -4.94 5.27 -49.29
C GLU D 180 -3.78 5.77 -48.43
N GLY D 181 -3.46 4.99 -47.40
CA GLY D 181 -2.43 5.37 -46.45
C GLY D 181 -2.98 6.09 -45.24
N PHE D 182 -2.06 6.68 -44.48
CA PHE D 182 -2.42 7.40 -43.27
C PHE D 182 -1.37 8.48 -43.01
N VAL D 183 -1.71 9.41 -42.12
CA VAL D 183 -0.79 10.48 -41.74
C VAL D 183 -1.17 11.00 -40.36
N THR D 184 -0.16 11.25 -39.53
CA THR D 184 -0.36 11.67 -38.15
C THR D 184 0.09 13.11 -37.99
N LEU D 185 -0.86 14.00 -37.68
CA LEU D 185 -0.55 15.35 -37.22
C LEU D 185 -0.35 15.32 -35.71
N LYS D 186 0.74 15.91 -35.24
CA LYS D 186 1.06 15.96 -33.82
C LYS D 186 0.85 17.39 -33.33
N VAL D 187 -0.11 17.58 -32.43
CA VAL D 187 -0.67 18.89 -32.13
C VAL D 187 -0.39 19.26 -30.68
N GLU D 188 0.09 20.49 -30.47
CA GLU D 188 0.17 21.14 -29.18
C GLU D 188 -0.56 22.47 -29.23
N HIS D 189 -1.24 22.82 -28.14
CA HIS D 189 -1.89 24.12 -28.00
C HIS D 189 -1.36 24.80 -26.74
N TYR D 190 -0.91 26.04 -26.87
CA TYR D 190 -0.45 26.85 -25.76
C TYR D 190 -1.43 28.00 -25.57
N MET D 191 -2.00 28.11 -24.37
CA MET D 191 -2.96 29.16 -24.04
C MET D 191 -2.46 29.97 -22.86
N LEU D 192 -2.37 31.29 -23.05
CA LEU D 192 -1.96 32.19 -21.97
C LEU D 192 -3.22 32.55 -21.19
N LEU D 193 -3.51 31.76 -20.15
CA LEU D 193 -4.71 31.95 -19.35
C LEU D 193 -4.47 32.77 -18.09
N GLY D 194 -3.29 32.69 -17.51
CA GLY D 194 -3.02 33.30 -16.22
C GLY D 194 -2.72 32.24 -15.16
N GLU D 195 -1.90 32.62 -14.20
CA GLU D 195 -1.55 31.69 -13.13
C GLU D 195 -2.79 31.36 -12.30
N GLY D 196 -2.97 30.07 -12.01
CA GLY D 196 -4.09 29.62 -11.21
C GLY D 196 -5.40 29.50 -11.93
N SER D 197 -5.40 29.52 -13.26
CA SER D 197 -6.65 29.50 -14.01
C SER D 197 -7.31 28.13 -13.98
N GLU D 198 -8.62 28.13 -13.78
CA GLU D 198 -9.40 26.92 -13.98
C GLU D 198 -9.28 26.44 -15.42
N VAL D 199 -8.99 25.15 -15.58
CA VAL D 199 -8.97 24.53 -16.91
C VAL D 199 -10.10 23.52 -16.95
N PHE D 200 -10.46 23.10 -18.17
CA PHE D 200 -11.68 22.33 -18.40
C PHE D 200 -11.37 21.02 -19.10
N PRO D 201 -11.12 19.96 -18.35
CA PRO D 201 -10.99 18.63 -18.92
C PRO D 201 -12.38 18.11 -19.28
N SER D 202 -12.40 16.91 -19.86
CA SER D 202 -13.66 16.25 -20.13
C SER D 202 -14.29 15.79 -18.83
N GLN D 203 -15.62 15.85 -18.78
CA GLN D 203 -16.38 15.45 -17.61
C GLN D 203 -16.86 14.02 -17.77
N GLU D 204 -16.93 13.30 -16.65
CA GLU D 204 -17.39 11.92 -16.60
C GLU D 204 -18.79 11.86 -16.00
N PHE D 205 -19.45 10.73 -16.23
CA PHE D 205 -20.71 10.40 -15.58
C PHE D 205 -20.52 9.12 -14.78
N VAL D 206 -20.82 9.17 -13.49
CA VAL D 206 -20.83 7.98 -12.64
C VAL D 206 -22.18 7.92 -11.93
N GLU D 207 -22.87 6.79 -12.08
CA GLU D 207 -24.25 6.67 -11.56
C GLU D 207 -24.35 7.30 -10.17
N ASN D 208 -24.11 6.51 -9.13
CA ASN D 208 -24.09 7.10 -7.78
C ASN D 208 -22.66 7.02 -7.28
N SER D 209 -22.04 8.17 -7.05
CA SER D 209 -20.69 8.15 -6.44
C SER D 209 -20.67 9.23 -5.37
N LYS D 210 -19.61 9.28 -4.58
CA LYS D 210 -19.49 10.37 -3.59
C LYS D 210 -19.25 11.67 -4.34
N LEU D 211 -18.90 11.59 -5.63
CA LEU D 211 -18.59 12.81 -6.43
C LEU D 211 -19.80 13.22 -7.24
N SER D 212 -20.14 14.52 -7.22
CA SER D 212 -21.30 15.05 -7.97
C SER D 212 -20.85 15.44 -9.37
N LYS D 213 -19.59 15.78 -9.52
CA LYS D 213 -19.01 16.21 -10.79
C LYS D 213 -17.60 15.64 -10.86
N GLN D 214 -17.32 14.89 -11.93
CA GLN D 214 -16.09 14.11 -12.00
C GLN D 214 -15.38 14.39 -13.32
N LEU D 215 -14.08 14.62 -13.25
CA LEU D 215 -13.28 14.99 -14.41
C LEU D 215 -12.47 13.80 -14.91
N PHE D 216 -12.30 13.76 -16.23
CA PHE D 216 -11.53 12.71 -16.89
C PHE D 216 -10.06 12.86 -16.56
N ASP D 217 -9.44 11.81 -16.03
CA ASP D 217 -8.03 11.84 -15.73
C ASP D 217 -7.37 10.59 -16.30
N LEU D 218 -6.06 10.70 -16.55
CA LEU D 218 -5.22 9.58 -16.93
C LEU D 218 -4.04 9.57 -15.97
N ASN D 219 -3.95 8.53 -15.14
CA ASN D 219 -2.99 8.47 -14.04
C ASN D 219 -3.05 9.71 -13.16
N GLY D 220 -4.25 10.28 -13.02
CA GLY D 220 -4.45 11.47 -12.21
C GLY D 220 -4.30 12.78 -12.95
N GLN D 221 -3.84 12.76 -14.19
CA GLN D 221 -3.61 13.97 -14.96
C GLN D 221 -4.86 14.33 -15.76
N ALA D 222 -5.28 15.60 -15.66
CA ALA D 222 -6.45 16.08 -16.39
C ALA D 222 -6.28 15.83 -17.88
N ALA D 223 -7.38 15.44 -18.54
CA ALA D 223 -7.33 15.00 -19.92
C ALA D 223 -8.66 15.29 -20.60
N MET D 224 -8.67 15.14 -21.92
CA MET D 224 -9.86 15.30 -22.73
C MET D 224 -10.10 14.02 -23.52
N HIS D 225 -11.37 13.64 -23.65
CA HIS D 225 -11.71 12.44 -24.39
C HIS D 225 -11.36 12.60 -25.86
N ASP D 226 -10.82 11.52 -26.44
CA ASP D 226 -10.51 11.56 -27.87
C ASP D 226 -11.75 11.86 -28.70
N GLN D 227 -12.92 11.38 -28.27
CA GLN D 227 -14.14 11.64 -29.03
C GLN D 227 -14.56 13.10 -28.98
N LYS D 228 -14.17 13.85 -27.94
CA LYS D 228 -14.51 15.26 -27.90
C LYS D 228 -13.66 16.08 -28.86
N ILE D 229 -12.35 15.82 -28.86
CA ILE D 229 -11.47 16.41 -29.88
C ILE D 229 -11.99 16.06 -31.27
N GLY D 230 -12.35 14.79 -31.47
CA GLY D 230 -12.85 14.38 -32.77
C GLY D 230 -14.14 15.11 -33.15
N ASN D 231 -15.05 15.28 -32.19
CA ASN D 231 -16.29 15.99 -32.49
C ASN D 231 -16.00 17.42 -32.92
N ALA D 232 -15.01 18.05 -32.29
CA ALA D 232 -14.60 19.37 -32.73
C ALA D 232 -14.00 19.32 -34.14
N ILE D 233 -13.23 18.27 -34.44
CA ILE D 233 -12.53 18.19 -35.73
C ILE D 233 -13.52 18.15 -36.89
N ARG D 234 -14.61 17.38 -36.75
CA ARG D 234 -15.55 17.21 -37.84
C ARG D 234 -16.74 18.18 -37.76
N THR D 235 -16.58 19.32 -37.09
CA THR D 235 -17.57 20.40 -37.14
C THR D 235 -17.31 21.20 -38.41
N ILE D 236 -17.88 20.73 -39.53
CA ILE D 236 -17.61 21.32 -40.84
C ILE D 236 -18.89 21.48 -41.64
N ASP D 237 -20.01 21.06 -41.08
CA ASP D 237 -21.28 21.00 -41.80
C ASP D 237 -21.93 22.38 -41.80
N THR D 238 -21.82 23.09 -42.94
CA THR D 238 -22.52 24.34 -43.16
C THR D 238 -23.57 24.23 -44.26
N TRP D 239 -24.03 23.02 -44.53
CA TRP D 239 -24.84 22.73 -45.72
C TRP D 239 -26.25 22.28 -45.42
N TYR D 240 -26.64 22.19 -44.16
CA TYR D 240 -28.03 21.95 -43.82
C TYR D 240 -28.86 23.19 -44.14
N GLU D 241 -30.18 23.04 -44.09
CA GLU D 241 -31.05 24.16 -44.47
C GLU D 241 -31.01 25.25 -43.41
N ASP D 242 -30.97 26.50 -43.88
CA ASP D 242 -30.93 27.68 -43.01
C ASP D 242 -29.71 27.63 -42.07
N ALA D 243 -28.57 27.27 -42.64
CA ALA D 243 -27.37 27.05 -41.85
C ALA D 243 -26.77 28.37 -41.39
N THR D 244 -26.58 28.50 -40.07
CA THR D 244 -25.84 29.62 -39.50
C THR D 244 -24.37 29.25 -39.38
N THR D 245 -24.01 28.55 -38.29
CA THR D 245 -22.66 28.12 -37.99
C THR D 245 -22.45 26.67 -38.40
N PRO D 246 -21.20 26.23 -38.55
CA PRO D 246 -20.97 24.80 -38.80
C PRO D 246 -21.38 23.95 -37.61
N ILE D 247 -22.00 22.81 -37.91
CA ILE D 247 -22.32 21.82 -36.90
C ILE D 247 -21.45 20.58 -37.15
N ALA D 248 -21.41 19.69 -36.17
CA ALA D 248 -20.65 18.47 -36.32
C ALA D 248 -21.39 17.51 -37.25
N VAL D 249 -20.63 16.77 -38.05
CA VAL D 249 -21.20 15.86 -39.05
C VAL D 249 -21.84 14.67 -38.34
N GLU D 250 -23.16 14.68 -38.26
CA GLU D 250 -23.96 13.58 -37.71
C GLU D 250 -25.04 13.24 -38.72
N PRO D 251 -25.38 11.96 -38.88
CA PRO D 251 -26.35 11.57 -39.92
C PRO D 251 -27.67 12.33 -39.86
N TYR D 252 -28.11 12.77 -38.68
CA TYR D 252 -29.29 13.61 -38.57
C TYR D 252 -28.96 15.05 -38.24
N GLY D 253 -27.69 15.44 -38.34
CA GLY D 253 -27.28 16.77 -37.92
C GLY D 253 -27.68 17.09 -36.50
N SER D 254 -27.48 16.15 -35.59
CA SER D 254 -27.99 16.30 -34.24
C SER D 254 -27.05 17.17 -33.40
N VAL D 255 -27.65 18.08 -32.64
CA VAL D 255 -26.93 18.83 -31.62
C VAL D 255 -27.69 18.65 -30.31
N VAL D 256 -27.45 17.51 -29.65
CA VAL D 256 -28.21 17.14 -28.46
C VAL D 256 -28.11 18.18 -27.36
N ARG D 257 -27.08 19.01 -27.39
CA ARG D 257 -26.94 20.06 -26.38
C ARG D 257 -28.00 21.14 -26.54
N ASN D 258 -28.59 21.27 -27.72
CA ASN D 258 -29.66 22.22 -27.97
C ASN D 258 -30.97 21.54 -28.35
N GLY D 259 -31.04 20.21 -28.24
CA GLY D 259 -32.29 19.49 -28.44
C GLY D 259 -32.90 19.63 -29.81
N VAL D 260 -32.09 19.85 -30.84
CA VAL D 260 -32.58 19.97 -32.20
C VAL D 260 -31.69 19.13 -33.13
N ALA D 261 -32.22 18.84 -34.31
CA ALA D 261 -31.50 18.07 -35.31
C ALA D 261 -31.74 18.75 -36.66
N TYR D 262 -30.73 19.50 -37.13
CA TYR D 262 -30.88 20.37 -38.28
C TYR D 262 -31.03 19.62 -39.60
N ARG D 263 -30.99 18.29 -39.60
CA ARG D 263 -31.19 17.52 -40.82
C ARG D 263 -32.19 16.39 -40.63
N ALA D 264 -33.06 16.48 -39.63
CA ALA D 264 -34.02 15.43 -39.32
C ALA D 264 -35.39 15.82 -39.83
N GLY D 265 -35.97 14.97 -40.68
CA GLY D 265 -37.34 15.14 -41.10
C GLY D 265 -37.57 16.12 -42.23
N ASN D 266 -36.59 16.30 -43.12
CA ASN D 266 -36.79 17.18 -44.27
C ASN D 266 -36.01 16.70 -45.49
N LYS D 267 -35.78 15.39 -45.59
CA LYS D 267 -35.10 14.78 -46.73
C LYS D 267 -33.70 15.34 -46.93
N THR D 268 -33.01 15.63 -45.82
CA THR D 268 -31.62 16.06 -45.85
C THR D 268 -30.73 15.17 -44.98
N ASP D 269 -31.26 14.07 -44.44
CA ASP D 269 -30.49 13.18 -43.61
C ASP D 269 -29.59 12.28 -44.46
N LEU D 270 -28.59 11.69 -43.81
CA LEU D 270 -27.63 10.84 -44.50
C LEU D 270 -28.30 9.65 -45.17
N PHE D 271 -29.36 9.13 -44.58
CA PHE D 271 -29.97 7.92 -45.10
C PHE D 271 -30.77 8.20 -46.37
N THR D 272 -31.53 9.29 -46.39
CA THR D 272 -32.22 9.69 -47.62
C THR D 272 -31.23 9.97 -48.75
N LEU D 273 -30.18 10.73 -48.47
CA LEU D 273 -29.21 11.07 -49.49
C LEU D 273 -28.46 9.83 -49.97
N MET D 274 -28.17 8.91 -49.06
CA MET D 274 -27.48 7.67 -49.43
C MET D 274 -28.37 6.81 -50.33
N ASP D 275 -29.63 6.62 -49.95
CA ASP D 275 -30.58 5.89 -50.78
C ASP D 275 -30.68 6.52 -52.17
N GLY D 276 -30.82 7.86 -52.21
CA GLY D 276 -30.88 8.52 -53.50
C GLY D 276 -29.65 8.28 -54.34
N ALA D 277 -28.46 8.45 -53.74
CA ALA D 277 -27.22 8.31 -54.49
C ALA D 277 -27.06 6.91 -55.05
N VAL D 278 -27.39 5.89 -54.26
CA VAL D 278 -27.26 4.52 -54.76
C VAL D 278 -28.36 4.23 -55.78
N ASN D 279 -29.58 4.70 -55.53
CA ASN D 279 -30.70 4.44 -56.43
C ASN D 279 -30.85 5.51 -57.51
N GLY D 280 -29.75 5.87 -58.16
CA GLY D 280 -29.81 6.66 -59.38
C GLY D 280 -29.90 8.17 -59.23
N LYS D 281 -30.51 8.65 -58.16
CA LYS D 281 -30.73 10.09 -57.99
C LYS D 281 -29.40 10.82 -57.82
N SER D 282 -29.41 12.12 -58.13
CA SER D 282 -28.22 12.94 -58.13
C SER D 282 -28.11 13.75 -56.86
N LEU D 283 -26.87 14.03 -56.46
CA LEU D 283 -26.58 14.79 -55.25
C LEU D 283 -25.86 16.08 -55.61
N THR D 284 -26.07 17.10 -54.78
CA THR D 284 -25.29 18.33 -54.85
C THR D 284 -23.82 18.03 -54.56
N GLU D 285 -22.95 18.99 -54.87
CA GLU D 285 -21.56 18.85 -54.49
C GLU D 285 -21.41 18.86 -52.96
N GLU D 286 -22.15 19.74 -52.29
CA GLU D 286 -22.11 19.78 -50.84
C GLU D 286 -22.79 18.56 -50.22
N ASP D 287 -23.80 18.00 -50.89
CA ASP D 287 -24.40 16.78 -50.38
C ASP D 287 -23.43 15.59 -50.50
N GLN D 288 -22.67 15.54 -51.59
CA GLN D 288 -21.62 14.54 -51.69
C GLN D 288 -20.58 14.72 -50.58
N MET D 289 -20.22 15.98 -50.30
CA MET D 289 -19.30 16.24 -49.19
C MET D 289 -19.88 15.75 -47.86
N PHE D 290 -21.16 16.01 -47.62
CA PHE D 290 -21.78 15.61 -46.36
C PHE D 290 -21.82 14.09 -46.22
N VAL D 291 -22.17 13.39 -47.30
CA VAL D 291 -22.24 11.93 -47.23
C VAL D 291 -20.85 11.33 -47.03
N THR D 292 -19.84 11.86 -47.73
CA THR D 292 -18.49 11.36 -47.53
C THR D 292 -17.97 11.68 -46.12
N ALA D 293 -18.39 12.83 -45.56
CA ALA D 293 -18.01 13.14 -44.19
C ALA D 293 -18.66 12.20 -43.20
N ASN D 294 -19.89 11.76 -43.48
CA ASN D 294 -20.50 10.74 -42.63
C ASN D 294 -19.79 9.40 -42.77
N LEU D 295 -19.30 9.08 -43.96
CA LEU D 295 -18.51 7.85 -44.12
C LEU D 295 -17.18 7.95 -43.38
N ILE D 296 -16.61 9.15 -43.29
CA ILE D 296 -15.37 9.33 -42.55
C ILE D 296 -15.63 9.33 -41.04
N ARG D 297 -16.81 9.81 -40.62
CA ARG D 297 -17.17 9.72 -39.21
C ARG D 297 -17.23 8.28 -38.75
N GLY D 298 -17.78 7.40 -39.57
CA GLY D 298 -18.03 6.03 -39.18
C GLY D 298 -19.42 5.85 -38.60
N GLY D 299 -19.82 4.58 -38.49
CA GLY D 299 -21.11 4.25 -37.91
C GLY D 299 -21.86 3.20 -38.68
N VAL D 300 -22.97 2.73 -38.12
CA VAL D 300 -23.78 1.69 -38.74
C VAL D 300 -24.86 2.37 -39.57
N PHE D 301 -24.91 2.02 -40.85
CA PHE D 301 -25.92 2.54 -41.78
C PHE D 301 -26.69 1.35 -42.34
N GLY D 302 -27.56 0.78 -41.52
CA GLY D 302 -28.37 -0.36 -41.90
C GLY D 302 -29.58 -0.47 -41.00
N GLY D 303 -30.50 -1.33 -41.40
CA GLY D 303 -31.74 -1.52 -40.67
C GLY D 303 -31.56 -2.17 -39.31
N MET E 1 -52.14 32.43 -22.99
CA MET E 1 -52.24 33.65 -23.79
C MET E 1 -51.30 33.58 -24.99
N THR E 2 -50.18 34.32 -24.89
CA THR E 2 -49.17 34.33 -25.94
C THR E 2 -47.78 34.58 -25.37
N LYS E 3 -47.50 34.06 -24.17
CA LYS E 3 -46.27 34.37 -23.47
C LYS E 3 -45.08 33.66 -24.11
N LEU E 4 -43.91 34.28 -23.96
CA LEU E 4 -42.63 33.70 -24.39
C LEU E 4 -41.96 33.06 -23.19
N LYS E 5 -41.81 31.74 -23.23
CA LYS E 5 -41.25 30.98 -22.12
C LYS E 5 -39.77 30.68 -22.37
N ALA E 6 -39.04 30.54 -21.27
CA ALA E 6 -37.61 30.28 -21.38
C ALA E 6 -37.37 28.81 -21.73
N PRO E 7 -36.39 28.51 -22.58
CA PRO E 7 -36.10 27.11 -22.91
C PRO E 7 -35.80 26.29 -21.68
N ALA E 8 -35.91 24.97 -21.83
CA ALA E 8 -35.68 24.06 -20.72
C ALA E 8 -34.25 24.15 -20.21
N VAL E 9 -33.29 24.40 -21.10
CA VAL E 9 -31.87 24.38 -20.72
C VAL E 9 -31.23 25.74 -20.99
N LEU E 10 -31.89 26.82 -20.59
CA LEU E 10 -31.27 28.14 -20.64
C LEU E 10 -30.23 28.25 -19.54
N ALA E 11 -28.96 28.37 -19.92
CA ALA E 11 -27.87 28.40 -18.95
C ALA E 11 -26.80 29.40 -19.37
N TYR E 12 -26.34 30.18 -18.40
CA TYR E 12 -25.30 31.18 -18.61
C TYR E 12 -24.05 30.78 -17.85
N SER E 13 -22.89 30.97 -18.48
CA SER E 13 -21.61 30.69 -17.83
C SER E 13 -21.15 31.90 -17.03
N ARG E 14 -20.32 31.64 -16.02
CA ARG E 14 -19.92 32.69 -15.10
C ARG E 14 -18.96 33.67 -15.79
N LYS E 15 -18.93 34.90 -15.26
CA LYS E 15 -18.14 35.97 -15.86
C LYS E 15 -17.12 36.59 -14.91
N ILE E 16 -17.31 36.47 -13.60
CA ILE E 16 -16.26 36.78 -12.63
C ILE E 16 -15.60 35.47 -12.25
N ASN E 17 -14.36 35.26 -12.73
CA ASN E 17 -13.62 34.01 -12.58
C ASN E 17 -12.45 34.22 -11.65
N PRO E 18 -12.62 34.05 -10.34
CA PRO E 18 -11.47 34.11 -9.44
C PRO E 18 -10.77 32.77 -9.37
N THR E 19 -9.49 32.83 -9.02
CA THR E 19 -8.70 31.63 -8.79
C THR E 19 -8.83 31.20 -7.33
N ASN E 20 -8.25 30.05 -7.02
CA ASN E 20 -8.03 29.72 -5.62
C ASN E 20 -7.08 30.74 -5.00
N ALA E 21 -7.24 30.98 -3.70
CA ALA E 21 -6.36 31.88 -2.97
C ALA E 21 -5.35 31.07 -2.18
N LEU E 22 -4.08 31.44 -2.28
CA LEU E 22 -3.06 30.81 -1.45
C LEU E 22 -2.73 31.71 -0.26
N MET E 23 -2.31 31.08 0.83
CA MET E 23 -2.09 31.76 2.12
C MET E 23 -0.64 31.61 2.54
N PHE E 24 0.07 32.73 2.63
CA PHE E 24 1.48 32.78 2.99
C PHE E 24 1.65 33.57 4.29
N ALA E 25 2.85 33.46 4.87
CA ALA E 25 3.23 34.22 6.04
C ALA E 25 4.40 35.13 5.69
N VAL E 26 4.28 36.42 6.04
CA VAL E 26 5.38 37.36 5.89
C VAL E 26 5.43 38.22 7.15
N ASN E 27 6.47 39.03 7.24
CA ASN E 27 6.49 40.13 8.18
C ASN E 27 6.03 41.39 7.47
N TRP E 28 5.41 42.30 8.24
CA TRP E 28 4.71 43.44 7.64
C TRP E 28 5.66 44.33 6.85
N SER E 29 6.94 44.37 7.25
CA SER E 29 7.94 45.22 6.61
C SER E 29 9.02 44.42 5.90
N ASP E 30 8.72 43.19 5.48
CA ASP E 30 9.63 42.33 4.73
C ASP E 30 8.80 41.40 3.85
N ARG E 31 8.07 41.99 2.90
CA ARG E 31 7.11 41.25 2.11
C ARG E 31 7.72 40.51 0.93
N ASP E 32 9.05 40.41 0.87
CA ASP E 32 9.70 39.64 -0.19
C ASP E 32 10.09 38.24 0.24
N ASN E 33 10.35 38.02 1.53
CA ASN E 33 10.57 36.68 2.06
C ASN E 33 9.24 36.12 2.54
N THR E 34 8.58 35.35 1.68
CA THR E 34 7.32 34.71 2.01
C THR E 34 7.53 33.23 2.29
N THR E 35 6.69 32.69 3.17
CA THR E 35 6.69 31.26 3.47
C THR E 35 5.26 30.78 3.58
N ALA E 36 5.00 29.59 3.04
CA ALA E 36 3.63 29.08 2.91
C ALA E 36 3.09 28.61 4.26
N VAL E 37 1.83 28.95 4.53
CA VAL E 37 1.14 28.44 5.71
C VAL E 37 0.68 27.03 5.42
N MET E 38 1.11 26.07 6.24
CA MET E 38 0.80 24.66 6.03
C MET E 38 -0.30 24.22 6.99
N VAL E 39 -1.21 23.38 6.48
CA VAL E 39 -2.31 22.85 7.29
C VAL E 39 -1.80 21.69 8.15
N GLY E 40 -2.08 21.76 9.46
CA GLY E 40 -1.69 20.72 10.38
C GLY E 40 -2.90 20.00 10.97
N THR E 41 -2.62 18.94 11.72
CA THR E 41 -3.63 18.15 12.40
C THR E 41 -3.38 18.13 13.90
N LYS E 42 -4.42 18.38 14.69
CA LYS E 42 -4.30 18.34 16.14
C LYS E 42 -5.52 17.68 16.77
N THR E 43 -5.37 17.28 18.02
CA THR E 43 -6.42 16.65 18.80
C THR E 43 -7.17 17.72 19.59
N VAL E 44 -8.48 17.57 19.68
CA VAL E 44 -9.34 18.52 20.38
C VAL E 44 -10.30 17.72 21.25
N ALA E 45 -10.17 17.87 22.57
CA ALA E 45 -11.11 17.28 23.52
C ALA E 45 -12.02 18.39 24.04
N GLY E 46 -13.31 18.10 24.10
CA GLY E 46 -14.32 19.12 24.26
C GLY E 46 -15.37 18.70 25.26
N THR E 47 -16.58 19.22 25.04
CA THR E 47 -17.63 19.20 26.03
C THR E 47 -18.96 19.20 25.29
N GLN E 48 -19.95 18.47 25.83
CA GLN E 48 -21.22 18.23 25.13
C GLN E 48 -22.26 19.29 25.49
N SER E 49 -21.97 20.52 25.08
CA SER E 49 -22.75 21.69 25.50
C SER E 49 -23.85 22.05 24.50
N VAL E 50 -24.60 21.05 24.04
CA VAL E 50 -25.64 21.24 23.05
C VAL E 50 -26.94 21.61 23.75
N ARG E 51 -27.69 22.55 23.16
CA ARG E 51 -28.83 23.16 23.84
C ARG E 51 -29.85 22.13 24.29
N GLY E 52 -30.23 21.22 23.39
CA GLY E 52 -31.31 20.30 23.69
C GLY E 52 -31.24 19.55 25.00
N ASN E 53 -30.16 18.81 25.23
CA ASN E 53 -30.12 17.77 26.26
C ASN E 53 -29.00 17.98 27.27
N PRO E 54 -29.32 18.28 28.53
CA PRO E 54 -28.28 18.38 29.56
C PRO E 54 -27.85 17.04 30.14
N ASN E 55 -28.50 15.93 29.77
CA ASN E 55 -28.08 14.65 30.31
C ASN E 55 -26.72 14.22 29.79
N ASP E 56 -26.25 14.80 28.69
CA ASP E 56 -24.95 14.49 28.12
C ASP E 56 -23.86 15.45 28.58
N ALA E 57 -24.18 16.41 29.46
CA ALA E 57 -23.25 17.47 29.80
C ALA E 57 -22.01 16.96 30.54
N ASP E 58 -22.08 15.78 31.15
CA ASP E 58 -20.95 15.21 31.87
C ASP E 58 -20.10 14.27 31.02
N LYS E 59 -20.42 14.11 29.73
CA LYS E 59 -19.69 13.20 28.86
C LYS E 59 -18.70 13.97 27.99
N GLY E 60 -17.67 13.25 27.54
CA GLY E 60 -16.59 13.83 26.78
C GLY E 60 -16.89 13.94 25.28
N ASN E 61 -15.85 14.34 24.54
CA ASN E 61 -15.97 14.62 23.12
C ASN E 61 -14.59 14.76 22.48
N ILE E 62 -14.03 13.65 21.98
CA ILE E 62 -12.68 13.64 21.42
C ILE E 62 -12.77 13.70 19.90
N GLN E 63 -12.03 14.64 19.29
CA GLN E 63 -12.03 14.84 17.85
C GLN E 63 -10.61 15.12 17.40
N THR E 64 -10.39 14.99 16.10
CA THR E 64 -9.17 15.47 15.46
C THR E 64 -9.58 16.45 14.36
N VAL E 65 -8.86 17.58 14.30
CA VAL E 65 -9.20 18.64 13.37
C VAL E 65 -7.95 19.13 12.65
N ASN E 66 -8.17 19.71 11.47
CA ASN E 66 -7.14 20.49 10.82
C ASN E 66 -7.11 21.88 11.43
N PHE E 67 -5.91 22.46 11.45
CA PHE E 67 -5.72 23.82 11.91
C PHE E 67 -4.65 24.47 11.07
N ALA E 68 -4.53 25.79 11.20
CA ALA E 68 -3.62 26.56 10.37
C ALA E 68 -3.31 27.87 11.07
N ASN E 69 -2.02 28.14 11.30
CA ASN E 69 -1.59 29.32 12.03
C ASN E 69 -0.51 30.04 11.25
N LEU E 70 -0.26 31.30 11.63
CA LEU E 70 0.99 31.92 11.23
C LEU E 70 2.12 31.37 12.08
N PRO E 71 3.33 31.20 11.52
CA PRO E 71 4.47 30.81 12.35
C PRO E 71 4.75 31.84 13.43
N HIS E 72 5.51 31.43 14.43
CA HIS E 72 5.78 32.30 15.58
C HIS E 72 6.84 33.36 15.29
N ASN E 73 7.32 33.47 14.05
CA ASN E 73 8.23 34.55 13.68
C ASN E 73 7.74 35.33 12.47
N LYS E 74 6.47 35.19 12.09
CA LYS E 74 5.83 36.05 11.10
C LYS E 74 4.54 36.58 11.68
N ASN E 75 4.25 37.85 11.40
CA ASN E 75 3.09 38.53 11.97
C ASN E 75 2.01 38.87 10.94
N THR E 76 2.21 38.52 9.68
CA THR E 76 1.33 38.98 8.62
C THR E 76 0.87 37.82 7.77
N LEU E 77 -0.44 37.73 7.58
CA LEU E 77 -1.03 36.81 6.61
C LEU E 77 -1.10 37.48 5.24
N LEU E 78 -0.67 36.75 4.23
CA LEU E 78 -0.69 37.23 2.84
C LEU E 78 -1.58 36.30 2.03
N VAL E 79 -2.64 36.83 1.44
CA VAL E 79 -3.58 36.05 0.66
C VAL E 79 -3.50 36.50 -0.78
N LYS E 80 -3.22 35.57 -1.70
CA LYS E 80 -3.00 35.90 -3.10
C LYS E 80 -4.00 35.19 -3.98
N TYR E 81 -4.59 35.91 -4.93
CA TYR E 81 -5.41 35.29 -5.98
C TYR E 81 -5.52 36.24 -7.17
N ASN E 82 -6.22 35.77 -8.20
CA ASN E 82 -6.51 36.56 -9.38
C ASN E 82 -8.01 36.48 -9.69
N VAL E 83 -8.52 37.54 -10.30
CA VAL E 83 -9.94 37.62 -10.66
C VAL E 83 -9.99 38.09 -12.12
N LYS E 84 -10.41 37.20 -13.02
CA LYS E 84 -10.57 37.55 -14.42
C LYS E 84 -12.03 37.84 -14.71
N PHE E 85 -12.33 39.08 -15.11
CA PHE E 85 -13.66 39.44 -15.57
C PHE E 85 -13.75 39.22 -17.07
N VAL E 86 -14.85 38.62 -17.52
CA VAL E 86 -15.06 38.24 -18.91
C VAL E 86 -16.35 38.88 -19.41
N GLY E 87 -16.34 39.32 -20.68
CA GLY E 87 -17.46 40.02 -21.26
C GLY E 87 -18.49 39.09 -21.89
N ASP E 88 -19.28 39.67 -22.79
CA ASP E 88 -20.37 38.96 -23.46
C ASP E 88 -21.32 38.32 -22.45
N VAL E 89 -21.73 39.13 -21.48
CA VAL E 89 -22.51 38.61 -20.36
C VAL E 89 -23.91 38.17 -20.77
N PHE E 90 -24.43 38.69 -21.88
CA PHE E 90 -25.79 38.40 -22.30
C PHE E 90 -25.90 37.27 -23.31
N LYS E 91 -24.78 36.71 -23.75
CA LYS E 91 -24.79 35.57 -24.66
C LYS E 91 -24.88 34.29 -23.85
N ALA E 92 -26.05 33.67 -23.83
CA ALA E 92 -26.25 32.48 -23.04
C ALA E 92 -25.34 31.35 -23.50
N GLU E 93 -24.87 30.57 -22.54
CA GLU E 93 -24.02 29.42 -22.88
C GLU E 93 -24.84 28.31 -23.52
N LEU E 94 -26.07 28.11 -23.06
CA LEU E 94 -26.85 26.94 -23.46
C LEU E 94 -28.21 27.28 -24.05
N GLY E 95 -28.93 28.23 -23.48
CA GLY E 95 -30.24 28.58 -24.02
C GLY E 95 -30.17 29.02 -25.46
N GLY E 96 -31.32 28.99 -26.12
CA GLY E 96 -31.37 29.25 -27.55
C GLY E 96 -31.14 30.70 -27.91
N GLY E 97 -32.01 31.24 -28.75
CA GLY E 97 -31.87 32.62 -29.17
C GLY E 97 -32.95 33.55 -28.64
N GLU E 98 -34.20 33.28 -29.02
CA GLU E 98 -35.25 34.28 -28.92
C GLU E 98 -35.40 34.82 -27.50
N TYR E 99 -35.65 33.93 -26.53
CA TYR E 99 -35.83 34.37 -25.15
C TYR E 99 -34.63 35.16 -24.66
N SER E 100 -33.43 34.59 -24.79
CA SER E 100 -32.22 35.26 -24.30
C SER E 100 -31.94 36.55 -25.06
N ASN E 101 -32.26 36.59 -26.36
CA ASN E 101 -32.01 37.80 -27.13
C ASN E 101 -32.90 38.95 -26.67
N THR E 102 -34.22 38.71 -26.55
CA THR E 102 -35.05 39.81 -26.08
C THR E 102 -34.78 40.14 -24.62
N LEU E 103 -34.26 39.18 -23.83
CA LEU E 103 -33.82 39.52 -22.49
C LEU E 103 -32.63 40.47 -22.53
N GLN E 104 -31.65 40.19 -23.39
CA GLN E 104 -30.53 41.11 -23.57
C GLN E 104 -31.03 42.49 -23.96
N THR E 105 -31.97 42.56 -24.91
CA THR E 105 -32.53 43.84 -25.31
C THR E 105 -33.18 44.56 -24.13
N ALA E 106 -33.97 43.83 -23.34
CA ALA E 106 -34.61 44.42 -22.17
C ALA E 106 -33.61 44.87 -21.12
N LEU E 107 -32.39 44.35 -21.16
CA LEU E 107 -31.39 44.66 -20.14
C LEU E 107 -30.31 45.63 -20.60
N GLU E 108 -30.37 46.12 -21.84
CA GLU E 108 -29.21 46.81 -22.40
C GLU E 108 -28.91 48.14 -21.70
N ASN E 109 -29.88 48.74 -21.02
CA ASN E 109 -29.65 49.97 -20.28
C ASN E 109 -29.25 49.72 -18.83
N THR E 110 -28.57 48.61 -18.56
CA THR E 110 -28.18 48.27 -17.20
C THR E 110 -27.00 49.12 -16.74
N ASP E 111 -27.06 49.56 -15.48
CA ASP E 111 -26.00 50.36 -14.87
C ASP E 111 -24.81 49.45 -14.59
N PHE E 112 -24.04 49.14 -15.63
CA PHE E 112 -22.83 48.34 -15.46
C PHE E 112 -21.82 49.06 -14.56
N GLY E 113 -21.87 50.39 -14.51
CA GLY E 113 -20.94 51.13 -13.67
C GLY E 113 -21.04 50.74 -12.21
N THR E 114 -22.28 50.70 -11.69
CA THR E 114 -22.48 50.34 -10.29
C THR E 114 -22.09 48.89 -10.03
N LEU E 115 -22.47 47.98 -10.93
CA LEU E 115 -22.07 46.58 -10.79
C LEU E 115 -20.56 46.46 -10.65
N ALA E 116 -19.82 47.05 -11.60
CA ALA E 116 -18.37 46.92 -11.57
C ALA E 116 -17.78 47.61 -10.36
N TYR E 117 -18.36 48.74 -9.95
CA TYR E 117 -17.84 49.42 -8.78
C TYR E 117 -17.99 48.57 -7.53
N ARG E 118 -19.14 47.91 -7.37
CA ARG E 118 -19.35 47.11 -6.16
C ARG E 118 -18.51 45.84 -6.18
N TYR E 119 -18.35 45.21 -7.35
CA TYR E 119 -17.43 44.08 -7.46
C TYR E 119 -16.01 44.48 -7.03
N VAL E 120 -15.46 45.50 -7.69
CA VAL E 120 -14.07 45.87 -7.41
C VAL E 120 -13.94 46.42 -6.00
N TYR E 121 -15.00 47.02 -5.46
CA TYR E 121 -14.94 47.52 -4.09
C TYR E 121 -14.84 46.38 -3.09
N ASN E 122 -15.68 45.35 -3.27
CA ASN E 122 -15.55 44.16 -2.42
C ASN E 122 -14.16 43.57 -2.51
N ILE E 123 -13.57 43.55 -3.72
CA ILE E 123 -12.21 43.02 -3.82
C ILE E 123 -11.22 43.91 -3.05
N ALA E 124 -11.39 45.24 -3.15
CA ALA E 124 -10.43 46.16 -2.55
C ALA E 124 -10.63 46.28 -1.05
N ALA E 125 -11.89 46.27 -0.59
CA ALA E 125 -12.16 46.34 0.84
C ALA E 125 -11.79 45.06 1.57
N GLY E 126 -11.40 44.01 0.84
CA GLY E 126 -10.99 42.78 1.46
C GLY E 126 -12.13 41.94 2.00
N ARG E 127 -13.34 42.11 1.49
CA ARG E 127 -14.45 41.25 1.90
C ARG E 127 -14.12 39.79 1.62
N THR E 128 -13.45 39.52 0.51
CA THR E 128 -13.03 38.17 0.15
C THR E 128 -12.19 37.49 1.22
N LEU E 129 -11.73 38.22 2.22
CA LEU E 129 -10.91 37.64 3.28
C LEU E 129 -11.72 36.99 4.39
N TRP E 130 -13.04 37.20 4.41
CA TRP E 130 -13.95 36.57 5.39
C TRP E 130 -13.36 36.72 6.79
N ARG E 131 -13.36 35.67 7.61
CA ARG E 131 -12.96 35.79 9.00
C ARG E 131 -11.52 36.24 9.17
N ASN E 132 -10.70 36.15 8.11
CA ASN E 132 -9.34 36.62 8.24
C ASN E 132 -9.25 38.13 8.47
N ARG E 133 -10.35 38.86 8.25
CA ARG E 133 -10.33 40.29 8.55
C ARG E 133 -10.29 40.58 10.04
N VAL E 134 -10.74 39.64 10.88
CA VAL E 134 -10.93 39.93 12.30
C VAL E 134 -9.59 40.15 12.98
N GLY E 135 -9.54 41.15 13.86
CA GLY E 135 -8.38 41.38 14.70
C GLY E 135 -7.10 41.71 13.96
N ALA E 136 -7.19 42.53 12.92
CA ALA E 136 -6.03 42.88 12.11
C ALA E 136 -5.57 44.29 12.47
N GLU E 137 -4.29 44.42 12.80
CA GLU E 137 -3.71 45.73 13.11
C GLU E 137 -3.95 46.71 11.97
N SER E 138 -3.64 46.30 10.74
CA SER E 138 -4.01 47.03 9.55
C SER E 138 -4.10 46.05 8.40
N ILE E 139 -4.81 46.46 7.34
CA ILE E 139 -5.09 45.61 6.19
C ILE E 139 -4.73 46.40 4.94
N GLU E 140 -3.84 45.85 4.12
CA GLU E 140 -3.35 46.51 2.93
C GLU E 140 -3.66 45.64 1.72
N THR E 141 -4.47 46.15 0.81
CA THR E 141 -4.86 45.41 -0.38
C THR E 141 -4.18 46.00 -1.61
N VAL E 142 -3.59 45.14 -2.43
CA VAL E 142 -2.84 45.56 -3.61
C VAL E 142 -3.44 44.88 -4.83
N ILE E 143 -3.94 45.68 -5.76
CA ILE E 143 -4.55 45.20 -7.00
C ILE E 143 -3.72 45.69 -8.17
N THR E 144 -3.22 44.76 -8.98
CA THR E 144 -2.45 45.13 -10.19
C THR E 144 -3.26 44.79 -11.43
N VAL E 145 -3.51 45.79 -12.29
CA VAL E 145 -4.31 45.61 -13.52
C VAL E 145 -3.61 46.35 -14.66
N ASN E 146 -3.29 45.67 -15.74
CA ASN E 146 -2.59 46.30 -16.90
C ASN E 146 -1.32 46.99 -16.40
N ASP E 147 -0.46 46.25 -15.72
CA ASP E 147 0.84 46.81 -15.27
C ASP E 147 0.63 48.10 -14.48
N GLN E 148 -0.52 48.25 -13.83
CA GLN E 148 -0.76 49.43 -12.95
C GLN E 148 -1.08 48.87 -11.58
N THR E 149 -0.66 49.53 -10.51
CA THR E 149 -0.80 49.00 -9.16
C THR E 149 -1.55 49.98 -8.28
N PHE E 150 -2.47 49.46 -7.48
CA PHE E 150 -3.30 50.25 -6.59
C PHE E 150 -3.25 49.65 -5.19
N THR E 151 -3.24 50.51 -4.18
CA THR E 151 -3.14 50.10 -2.79
C THR E 151 -4.27 50.74 -1.98
N PHE E 152 -4.87 49.94 -1.10
CA PHE E 152 -6.01 50.37 -0.31
C PHE E 152 -5.81 49.97 1.15
N SER E 153 -6.41 50.77 2.04
CA SER E 153 -6.31 50.57 3.48
C SER E 153 -7.56 51.02 4.22
N ASP E 154 -7.94 52.28 4.05
CA ASP E 154 -8.98 52.92 4.84
C ASP E 154 -10.37 52.74 4.22
N LEU E 155 -10.78 51.50 3.96
CA LEU E 155 -12.04 51.24 3.29
C LEU E 155 -13.04 50.59 4.26
N LEU E 156 -14.23 51.17 4.35
CA LEU E 156 -15.32 50.55 5.08
C LEU E 156 -15.92 49.45 4.23
N VAL E 157 -16.08 48.27 4.81
CA VAL E 157 -16.38 47.08 4.02
C VAL E 157 -17.86 46.99 3.68
N ASN E 158 -18.73 47.31 4.63
CA ASN E 158 -20.17 47.12 4.44
C ASN E 158 -20.88 48.32 3.82
N GLU E 159 -20.15 49.37 3.45
CA GLU E 159 -20.69 50.49 2.69
C GLU E 159 -19.88 50.65 1.42
N PHE E 160 -20.55 50.99 0.32
CA PHE E 160 -19.85 51.26 -0.93
C PHE E 160 -19.53 52.75 -1.01
N ASP E 161 -18.58 53.15 -0.17
CA ASP E 161 -18.08 54.51 -0.18
C ASP E 161 -17.39 54.81 -1.50
N GLU E 162 -17.47 56.06 -1.93
CA GLU E 162 -16.85 56.45 -3.19
C GLU E 162 -15.35 56.64 -2.99
N ASP E 163 -14.58 56.00 -3.86
CA ASP E 163 -13.12 56.02 -3.84
C ASP E 163 -12.65 56.12 -5.28
N VAL E 164 -11.63 56.94 -5.51
CA VAL E 164 -11.27 57.26 -6.90
C VAL E 164 -10.49 56.11 -7.54
N ASP E 165 -9.71 55.36 -6.77
CA ASP E 165 -8.93 54.26 -7.36
C ASP E 165 -9.81 53.04 -7.61
N VAL E 166 -10.68 52.71 -6.64
CA VAL E 166 -11.71 51.72 -6.90
C VAL E 166 -12.48 52.08 -8.16
N ALA E 167 -12.76 53.38 -8.34
CA ALA E 167 -13.52 53.82 -9.51
C ALA E 167 -12.70 53.65 -10.79
N GLU E 168 -11.40 53.92 -10.75
CA GLU E 168 -10.59 53.78 -11.95
C GLU E 168 -10.48 52.32 -12.37
N ILE E 169 -10.39 51.40 -11.40
CA ILE E 169 -10.37 49.98 -11.77
C ILE E 169 -11.75 49.54 -12.26
N ALA E 170 -12.80 49.96 -11.56
CA ALA E 170 -14.15 49.63 -11.97
C ALA E 170 -14.45 50.12 -13.37
N ASP E 171 -13.76 51.17 -13.82
CA ASP E 171 -13.96 51.66 -15.18
C ASP E 171 -13.58 50.60 -16.21
N MET E 172 -12.39 49.99 -16.08
CA MET E 172 -12.00 48.93 -16.99
C MET E 172 -12.90 47.71 -16.82
N VAL E 173 -13.25 47.39 -15.58
CA VAL E 173 -14.07 46.20 -15.33
C VAL E 173 -15.44 46.36 -16.00
N ALA E 174 -16.04 47.55 -15.88
CA ALA E 174 -17.34 47.81 -16.50
C ALA E 174 -17.23 47.92 -18.01
N GLY E 175 -16.13 48.46 -18.52
CA GLY E 175 -15.89 48.40 -19.95
C GLY E 175 -15.99 46.98 -20.46
N VAL E 176 -15.38 46.03 -19.74
CA VAL E 176 -15.42 44.63 -20.18
C VAL E 176 -16.82 44.06 -20.00
N LEU E 177 -17.44 44.30 -18.84
CA LEU E 177 -18.73 43.67 -18.55
C LEU E 177 -19.81 44.13 -19.53
N SER E 178 -19.85 45.41 -19.84
CA SER E 178 -20.88 45.94 -20.74
C SER E 178 -20.57 45.70 -22.21
N GLY E 179 -19.41 45.11 -22.53
CA GLY E 179 -19.06 44.85 -23.90
C GLY E 179 -18.43 43.49 -24.13
N GLU E 180 -17.19 43.47 -24.64
CA GLU E 180 -16.49 42.23 -24.93
C GLU E 180 -15.06 42.31 -24.43
N GLY E 181 -14.44 41.15 -24.29
CA GLY E 181 -13.08 41.04 -23.82
C GLY E 181 -12.99 40.44 -22.42
N PHE E 182 -11.82 40.64 -21.81
CA PHE E 182 -11.59 40.20 -20.44
C PHE E 182 -10.49 41.06 -19.83
N VAL E 183 -10.44 41.07 -18.51
CA VAL E 183 -9.39 41.79 -17.79
C VAL E 183 -9.14 41.08 -16.46
N THR E 184 -7.87 40.86 -16.14
CA THR E 184 -7.48 40.15 -14.93
C THR E 184 -6.93 41.14 -13.91
N LEU E 185 -7.54 41.17 -12.72
CA LEU E 185 -6.97 41.84 -11.57
C LEU E 185 -6.14 40.80 -10.80
N LYS E 186 -4.91 41.16 -10.44
CA LYS E 186 -4.03 40.30 -9.67
C LYS E 186 -3.92 40.89 -8.26
N VAL E 187 -4.40 40.13 -7.27
CA VAL E 187 -4.73 40.66 -5.96
C VAL E 187 -3.85 40.02 -4.88
N GLU E 188 -3.34 40.87 -3.98
CA GLU E 188 -2.70 40.44 -2.76
C GLU E 188 -3.32 41.17 -1.58
N HIS E 189 -3.46 40.48 -0.46
CA HIS E 189 -3.94 41.08 0.78
C HIS E 189 -2.90 40.83 1.86
N TYR E 190 -2.65 41.87 2.67
CA TYR E 190 -1.74 41.81 3.81
C TYR E 190 -2.52 42.15 5.06
N MET E 191 -2.56 41.22 6.02
CA MET E 191 -3.24 41.43 7.29
C MET E 191 -2.23 41.27 8.42
N LEU E 192 -2.15 42.29 9.28
CA LEU E 192 -1.20 42.29 10.39
C LEU E 192 -1.91 41.70 11.62
N LEU E 193 -1.91 40.37 11.68
CA LEU E 193 -2.65 39.65 12.71
C LEU E 193 -1.86 39.43 13.99
N GLY E 194 -0.55 39.23 13.88
CA GLY E 194 0.27 38.91 15.03
C GLY E 194 0.87 37.51 14.95
N GLU E 195 2.05 37.34 15.51
CA GLU E 195 2.75 36.07 15.38
C GLU E 195 1.92 34.95 15.99
N GLY E 196 1.82 33.84 15.27
CA GLY E 196 1.10 32.69 15.75
C GLY E 196 -0.41 32.77 15.62
N SER E 197 -0.93 33.81 14.98
CA SER E 197 -2.37 33.97 14.87
C SER E 197 -2.99 32.85 14.05
N GLU E 198 -4.21 32.46 14.45
CA GLU E 198 -4.98 31.52 13.66
C GLU E 198 -5.41 32.17 12.35
N VAL E 199 -5.30 31.42 11.26
CA VAL E 199 -5.84 31.84 9.97
C VAL E 199 -7.00 30.92 9.63
N PHE E 200 -7.81 31.35 8.67
CA PHE E 200 -9.08 30.67 8.36
C PHE E 200 -9.17 30.29 6.89
N PRO E 201 -8.69 29.11 6.54
CA PRO E 201 -8.86 28.62 5.17
C PRO E 201 -10.27 28.08 4.96
N SER E 202 -10.56 27.75 3.70
CA SER E 202 -11.83 27.12 3.38
C SER E 202 -11.93 25.76 4.06
N GLN E 203 -13.14 25.38 4.43
CA GLN E 203 -13.39 24.13 5.12
C GLN E 203 -14.00 23.12 4.17
N GLU E 204 -13.67 21.85 4.40
CA GLU E 204 -14.08 20.76 3.53
C GLU E 204 -15.10 19.88 4.24
N PHE E 205 -15.86 19.13 3.45
CA PHE E 205 -16.84 18.18 3.96
C PHE E 205 -16.18 16.80 3.98
N VAL E 206 -15.94 16.28 5.17
CA VAL E 206 -15.33 14.98 5.37
C VAL E 206 -16.40 14.08 5.98
N GLU E 207 -17.05 13.28 5.13
CA GLU E 207 -18.05 12.33 5.61
C GLU E 207 -17.46 10.97 5.91
N ASN E 208 -16.20 10.74 5.54
CA ASN E 208 -15.58 9.43 5.59
C ASN E 208 -14.70 9.22 6.82
N SER E 209 -13.75 10.11 7.06
CA SER E 209 -12.55 9.77 7.81
C SER E 209 -12.61 10.24 9.26
N LYS E 210 -11.46 10.16 9.92
CA LYS E 210 -11.33 10.45 11.35
C LYS E 210 -11.38 11.95 11.64
N LEU E 211 -11.18 12.79 10.64
CA LEU E 211 -11.28 14.23 10.85
C LEU E 211 -12.73 14.66 11.02
N SER E 212 -12.97 15.55 11.98
CA SER E 212 -14.27 16.21 12.11
C SER E 212 -14.28 17.60 11.48
N LYS E 213 -13.15 18.30 11.50
CA LYS E 213 -12.92 19.50 10.71
C LYS E 213 -11.80 19.20 9.72
N GLN E 214 -11.98 19.60 8.47
CA GLN E 214 -10.95 19.44 7.46
C GLN E 214 -10.81 20.75 6.69
N LEU E 215 -9.58 21.24 6.60
CA LEU E 215 -9.29 22.52 5.97
C LEU E 215 -8.77 22.32 4.55
N PHE E 216 -9.14 23.23 3.66
CA PHE E 216 -8.77 23.14 2.25
C PHE E 216 -7.27 23.34 2.09
N ASP E 217 -6.62 22.48 1.31
CA ASP E 217 -5.18 22.56 1.09
C ASP E 217 -4.86 22.37 -0.39
N LEU E 218 -3.74 22.94 -0.80
CA LEU E 218 -3.14 22.70 -2.11
C LEU E 218 -1.68 22.36 -1.89
N ASN E 219 -1.32 21.10 -2.12
CA ASN E 219 0.01 20.56 -1.81
C ASN E 219 0.36 20.76 -0.34
N GLY E 220 -0.65 20.73 0.52
CA GLY E 220 -0.47 20.93 1.95
C GLY E 220 -0.53 22.36 2.41
N GLN E 221 -0.69 23.31 1.49
CA GLN E 221 -0.72 24.72 1.83
C GLN E 221 -2.16 25.17 2.04
N ALA E 222 -2.42 25.89 3.13
CA ALA E 222 -3.75 26.41 3.40
C ALA E 222 -4.22 27.26 2.23
N ALA E 223 -5.50 27.13 1.89
CA ALA E 223 -6.04 27.82 0.72
C ALA E 223 -7.54 28.03 0.89
N MET E 224 -8.07 28.95 0.10
CA MET E 224 -9.50 29.23 0.06
C MET E 224 -10.05 28.87 -1.32
N HIS E 225 -11.21 28.21 -1.33
CA HIS E 225 -11.88 27.89 -2.58
C HIS E 225 -12.12 29.13 -3.40
N ASP E 226 -11.93 29.02 -4.72
CA ASP E 226 -12.26 30.14 -5.58
C ASP E 226 -13.72 30.54 -5.47
N GLN E 227 -14.61 29.57 -5.22
CA GLN E 227 -16.02 29.91 -5.10
C GLN E 227 -16.32 30.74 -3.88
N LYS E 228 -15.52 30.61 -2.80
CA LYS E 228 -15.78 31.47 -1.64
C LYS E 228 -15.39 32.91 -1.93
N ILE E 229 -14.23 33.11 -2.57
CA ILE E 229 -13.86 34.45 -3.02
C ILE E 229 -14.94 35.01 -3.96
N GLY E 230 -15.43 34.18 -4.88
CA GLY E 230 -16.45 34.64 -5.79
C GLY E 230 -17.73 35.05 -5.09
N ASN E 231 -18.17 34.26 -4.11
CA ASN E 231 -19.36 34.61 -3.35
C ASN E 231 -19.18 35.94 -2.64
N ALA E 232 -17.98 36.17 -2.08
CA ALA E 232 -17.73 37.45 -1.42
C ALA E 232 -17.75 38.61 -2.42
N ILE E 233 -17.21 38.39 -3.61
CA ILE E 233 -17.16 39.46 -4.62
C ILE E 233 -18.57 39.91 -4.99
N ARG E 234 -19.46 38.96 -5.27
CA ARG E 234 -20.79 39.31 -5.76
C ARG E 234 -21.73 39.80 -4.65
N THR E 235 -21.26 39.99 -3.42
CA THR E 235 -22.10 40.53 -2.35
C THR E 235 -22.37 42.01 -2.64
N ILE E 236 -23.31 42.25 -3.56
CA ILE E 236 -23.60 43.59 -4.05
C ILE E 236 -25.08 43.92 -4.02
N ASP E 237 -25.94 43.00 -3.60
CA ASP E 237 -27.39 43.18 -3.68
C ASP E 237 -27.87 43.93 -2.45
N THR E 238 -28.25 45.20 -2.63
CA THR E 238 -28.87 46.02 -1.61
C THR E 238 -30.27 46.44 -2.02
N TRP E 239 -30.90 45.66 -2.89
CA TRP E 239 -32.13 46.05 -3.55
C TRP E 239 -33.30 45.13 -3.27
N TYR E 240 -33.12 44.13 -2.41
CA TYR E 240 -34.22 43.26 -2.03
C TYR E 240 -35.17 44.01 -1.08
N GLU E 241 -36.33 43.40 -0.85
CA GLU E 241 -37.35 44.05 -0.02
C GLU E 241 -36.81 44.30 1.38
N ASP E 242 -36.98 45.53 1.86
CA ASP E 242 -36.49 45.96 3.18
C ASP E 242 -35.00 45.69 3.32
N ALA E 243 -34.24 46.00 2.26
CA ALA E 243 -32.81 45.72 2.26
C ALA E 243 -32.08 46.55 3.30
N THR E 244 -31.10 45.93 3.95
CA THR E 244 -30.27 46.62 4.92
C THR E 244 -28.80 46.52 4.51
N THR E 245 -28.15 45.43 4.89
CA THR E 245 -26.80 45.14 4.46
C THR E 245 -26.82 44.36 3.15
N PRO E 246 -25.75 44.43 2.36
CA PRO E 246 -25.76 43.74 1.06
C PRO E 246 -25.69 42.23 1.22
N ILE E 247 -26.37 41.52 0.31
CA ILE E 247 -26.33 40.07 0.27
C ILE E 247 -25.75 39.64 -1.07
N ALA E 248 -25.24 38.42 -1.10
CA ALA E 248 -24.70 37.88 -2.34
C ALA E 248 -25.82 37.71 -3.36
N VAL E 249 -25.47 37.91 -4.63
CA VAL E 249 -26.47 37.81 -5.69
C VAL E 249 -26.86 36.35 -5.87
N GLU E 250 -28.11 36.03 -5.61
CA GLU E 250 -28.67 34.69 -5.82
C GLU E 250 -30.05 34.85 -6.43
N PRO E 251 -30.44 33.93 -7.33
CA PRO E 251 -31.76 34.03 -7.97
C PRO E 251 -32.91 34.22 -6.99
N TYR E 252 -32.84 33.65 -5.79
CA TYR E 252 -33.86 33.87 -4.77
C TYR E 252 -33.35 34.70 -3.61
N GLY E 253 -32.18 35.31 -3.73
CA GLY E 253 -31.62 36.06 -2.61
C GLY E 253 -31.43 35.20 -1.37
N SER E 254 -30.92 33.99 -1.54
CA SER E 254 -30.81 33.03 -0.45
C SER E 254 -29.52 33.25 0.32
N VAL E 255 -29.62 33.28 1.65
CA VAL E 255 -28.47 33.13 2.52
C VAL E 255 -28.76 31.90 3.39
N VAL E 256 -28.18 30.76 3.00
CA VAL E 256 -28.56 29.50 3.63
C VAL E 256 -28.02 29.40 5.05
N ARG E 257 -26.84 29.98 5.32
CA ARG E 257 -26.27 29.90 6.65
C ARG E 257 -27.14 30.61 7.69
N ASN E 258 -28.10 31.43 7.26
CA ASN E 258 -29.06 32.07 8.15
C ASN E 258 -30.47 31.54 7.95
N GLY E 259 -30.66 30.54 7.09
CA GLY E 259 -31.94 29.89 6.91
C GLY E 259 -33.03 30.77 6.36
N VAL E 260 -32.69 31.83 5.63
CA VAL E 260 -33.67 32.77 5.11
C VAL E 260 -33.38 33.07 3.64
N ALA E 261 -34.37 33.65 2.98
CA ALA E 261 -34.26 34.00 1.57
C ALA E 261 -35.01 35.31 1.34
N TYR E 262 -34.28 36.35 0.95
CA TYR E 262 -34.84 37.70 0.91
C TYR E 262 -35.55 38.03 -0.39
N ARG E 263 -35.58 37.10 -1.36
CA ARG E 263 -36.26 37.34 -2.63
C ARG E 263 -37.12 36.14 -3.02
N ALA E 264 -37.66 35.42 -2.05
CA ALA E 264 -38.48 34.25 -2.29
C ALA E 264 -39.91 34.51 -1.86
N GLY E 265 -40.85 34.25 -2.77
CA GLY E 265 -42.26 34.36 -2.44
C GLY E 265 -42.81 35.77 -2.38
N ASN E 266 -42.22 36.71 -3.13
CA ASN E 266 -42.75 38.06 -3.18
C ASN E 266 -42.54 38.68 -4.56
N LYS E 267 -42.42 37.84 -5.59
CA LYS E 267 -42.34 38.27 -6.98
C LYS E 267 -41.14 39.18 -7.25
N THR E 268 -40.07 39.05 -6.44
CA THR E 268 -38.85 39.82 -6.66
C THR E 268 -37.66 38.91 -6.94
N ASP E 269 -37.89 37.65 -7.27
CA ASP E 269 -36.83 36.71 -7.59
C ASP E 269 -36.37 36.90 -9.03
N LEU E 270 -35.29 36.20 -9.38
CA LEU E 270 -34.70 36.34 -10.71
C LEU E 270 -35.66 35.87 -11.79
N PHE E 271 -36.37 34.76 -11.55
CA PHE E 271 -37.17 34.17 -12.62
C PHE E 271 -38.43 34.98 -12.88
N THR E 272 -39.06 35.49 -11.84
CA THR E 272 -40.21 36.38 -12.02
C THR E 272 -39.83 37.62 -12.80
N LEU E 273 -38.76 38.31 -12.37
CA LEU E 273 -38.32 39.52 -13.05
C LEU E 273 -37.87 39.24 -14.47
N MET E 274 -37.22 38.08 -14.69
CA MET E 274 -36.76 37.70 -16.03
C MET E 274 -37.95 37.53 -16.98
N ASP E 275 -38.93 36.72 -16.58
CA ASP E 275 -40.11 36.53 -17.42
C ASP E 275 -40.87 37.83 -17.62
N GLY E 276 -40.88 38.70 -16.62
CA GLY E 276 -41.49 40.01 -16.81
C GLY E 276 -40.75 40.82 -17.87
N ALA E 277 -39.43 40.87 -17.78
CA ALA E 277 -38.63 41.67 -18.71
C ALA E 277 -38.79 41.16 -20.14
N VAL E 278 -38.83 39.83 -20.31
CA VAL E 278 -38.99 39.30 -21.66
C VAL E 278 -40.38 39.60 -22.20
N ASN E 279 -41.40 39.50 -21.35
CA ASN E 279 -42.79 39.62 -21.79
C ASN E 279 -43.33 41.04 -21.61
N GLY E 280 -42.56 42.04 -22.03
CA GLY E 280 -43.05 43.40 -22.16
C GLY E 280 -42.94 44.27 -20.92
N LYS E 281 -42.96 43.67 -19.73
CA LYS E 281 -42.95 44.44 -18.50
C LYS E 281 -41.67 45.27 -18.37
N SER E 282 -41.76 46.35 -17.61
CA SER E 282 -40.66 47.28 -17.41
C SER E 282 -39.91 46.97 -16.13
N LEU E 283 -38.60 47.19 -16.14
CA LEU E 283 -37.73 46.89 -15.01
C LEU E 283 -37.09 48.16 -14.45
N THR E 284 -36.98 48.20 -13.12
CA THR E 284 -36.27 49.28 -12.45
C THR E 284 -34.79 49.26 -12.82
N GLU E 285 -34.09 50.35 -12.48
CA GLU E 285 -32.64 50.34 -12.56
C GLU E 285 -32.06 49.23 -11.68
N GLU E 286 -32.56 49.13 -10.44
CA GLU E 286 -32.07 48.11 -9.52
C GLU E 286 -32.48 46.71 -9.97
N ASP E 287 -33.69 46.57 -10.53
CA ASP E 287 -34.11 45.28 -11.05
C ASP E 287 -33.23 44.85 -12.22
N GLN E 288 -32.90 45.78 -13.11
CA GLN E 288 -32.01 45.45 -14.24
C GLN E 288 -30.63 45.07 -13.74
N MET E 289 -30.11 45.81 -12.76
CA MET E 289 -28.83 45.44 -12.16
C MET E 289 -28.88 44.04 -11.57
N PHE E 290 -29.97 43.70 -10.90
CA PHE E 290 -30.08 42.39 -10.26
C PHE E 290 -30.14 41.27 -11.30
N VAL E 291 -30.97 41.43 -12.32
CA VAL E 291 -31.06 40.41 -13.37
C VAL E 291 -29.73 40.24 -14.08
N THR E 292 -29.04 41.35 -14.37
CA THR E 292 -27.74 41.24 -15.03
C THR E 292 -26.70 40.64 -14.10
N ALA E 293 -26.78 40.93 -12.80
CA ALA E 293 -25.86 40.32 -11.85
C ALA E 293 -26.05 38.81 -11.80
N ASN E 294 -27.30 38.35 -11.95
CA ASN E 294 -27.53 36.92 -12.03
C ASN E 294 -26.99 36.34 -13.34
N LEU E 295 -27.17 37.06 -14.45
CA LEU E 295 -26.60 36.59 -15.71
C LEU E 295 -25.08 36.55 -15.65
N ILE E 296 -24.47 37.38 -14.79
CA ILE E 296 -23.03 37.35 -14.59
C ILE E 296 -22.65 36.20 -13.66
N ARG E 297 -23.49 35.91 -12.68
CA ARG E 297 -23.22 34.82 -11.76
C ARG E 297 -23.13 33.49 -12.49
N GLY E 298 -24.00 33.28 -13.47
CA GLY E 298 -24.12 32.00 -14.14
C GLY E 298 -25.15 31.12 -13.49
N GLY E 299 -25.41 29.99 -14.15
CA GLY E 299 -26.36 29.01 -13.66
C GLY E 299 -27.36 28.62 -14.73
N VAL E 300 -28.22 27.67 -14.36
CA VAL E 300 -29.31 27.23 -15.20
C VAL E 300 -30.57 27.97 -14.76
N PHE E 301 -31.15 28.75 -15.67
CA PHE E 301 -32.39 29.47 -15.40
C PHE E 301 -33.49 28.93 -16.29
N GLY E 302 -33.57 27.61 -16.43
CA GLY E 302 -34.57 26.99 -17.26
C GLY E 302 -35.57 26.18 -16.47
N GLY E 303 -36.71 25.87 -17.09
CA GLY E 303 -37.81 25.19 -16.43
C GLY E 303 -37.45 23.93 -15.68
N GLY E 304 -37.79 23.89 -14.39
CA GLY E 304 -37.48 22.75 -13.55
C GLY E 304 -38.51 22.50 -12.47
N MET F 1 -48.62 34.07 26.88
CA MET F 1 -47.38 34.75 26.55
C MET F 1 -46.37 33.80 25.92
N THR F 2 -46.36 33.71 24.59
CA THR F 2 -45.35 32.93 23.91
C THR F 2 -43.97 33.52 24.18
N LYS F 3 -42.95 32.68 24.05
CA LYS F 3 -41.59 33.07 24.35
C LYS F 3 -40.80 33.25 23.06
N LEU F 4 -40.02 34.33 22.99
CA LEU F 4 -39.13 34.53 21.86
C LEU F 4 -38.05 33.45 21.87
N LYS F 5 -37.93 32.75 20.74
CA LYS F 5 -37.04 31.60 20.63
C LYS F 5 -35.75 31.99 19.93
N ALA F 6 -34.64 31.39 20.36
CA ALA F 6 -33.37 31.61 19.69
C ALA F 6 -33.39 30.93 18.33
N PRO F 7 -32.94 31.59 17.26
CA PRO F 7 -32.91 30.94 15.94
C PRO F 7 -32.04 29.70 15.99
N ALA F 8 -32.35 28.74 15.11
CA ALA F 8 -31.66 27.46 15.17
C ALA F 8 -30.16 27.61 14.95
N VAL F 9 -29.74 28.64 14.22
CA VAL F 9 -28.34 28.78 13.82
C VAL F 9 -27.59 29.80 14.66
N LEU F 10 -28.19 30.30 15.75
CA LEU F 10 -27.56 31.31 16.57
C LEU F 10 -26.20 30.85 17.06
N ALA F 11 -25.14 31.58 16.70
CA ALA F 11 -23.80 31.23 17.12
C ALA F 11 -22.97 32.49 17.30
N TYR F 12 -22.01 32.42 18.23
CA TYR F 12 -21.07 33.48 18.49
C TYR F 12 -19.65 32.93 18.32
N SER F 13 -18.75 33.74 17.75
CA SER F 13 -17.37 33.31 17.60
C SER F 13 -16.58 33.64 18.85
N ARG F 14 -15.54 32.85 19.09
CA ARG F 14 -14.72 33.07 20.27
C ARG F 14 -14.12 34.46 20.25
N LYS F 15 -14.08 35.11 21.41
CA LYS F 15 -13.56 36.46 21.50
C LYS F 15 -12.28 36.56 22.32
N ILE F 16 -11.84 35.46 22.93
CA ILE F 16 -10.52 35.36 23.53
C ILE F 16 -9.74 34.36 22.68
N ASN F 17 -8.73 34.84 21.95
CA ASN F 17 -7.99 34.03 20.99
C ASN F 17 -6.55 33.83 21.43
N PRO F 18 -6.22 32.72 22.09
CA PRO F 18 -4.82 32.43 22.38
C PRO F 18 -4.16 31.73 21.21
N THR F 19 -2.87 32.01 21.03
CA THR F 19 -2.07 31.23 20.09
C THR F 19 -1.70 29.89 20.74
N ASN F 20 -1.10 29.01 19.93
CA ASN F 20 -0.48 27.83 20.52
C ASN F 20 0.73 28.28 21.34
N ALA F 21 1.03 27.50 22.39
CA ALA F 21 2.15 27.83 23.26
C ALA F 21 3.36 27.02 22.84
N LEU F 22 4.49 27.70 22.66
CA LEU F 22 5.75 27.04 22.40
C LEU F 22 6.55 26.94 23.69
N MET F 23 7.34 25.87 23.81
CA MET F 23 8.09 25.56 25.02
C MET F 23 9.58 25.56 24.72
N PHE F 24 10.30 26.48 25.36
CA PHE F 24 11.75 26.59 25.27
C PHE F 24 12.37 26.28 26.62
N ALA F 25 13.69 26.18 26.63
CA ALA F 25 14.48 26.05 27.84
C ALA F 25 15.51 27.17 27.91
N VAL F 26 15.63 27.78 29.08
CA VAL F 26 16.67 28.76 29.37
C VAL F 26 17.18 28.53 30.79
N ASN F 27 18.19 29.28 31.17
CA ASN F 27 18.61 29.39 32.55
C ASN F 27 17.97 30.62 33.16
N TRP F 28 17.64 30.51 34.46
CA TRP F 28 16.83 31.51 35.13
C TRP F 28 17.40 32.91 35.03
N SER F 29 18.73 33.04 34.97
CA SER F 29 19.40 34.34 34.96
C SER F 29 19.98 34.70 33.60
N ASP F 30 19.73 33.88 32.56
CA ASP F 30 20.23 34.12 31.21
C ASP F 30 19.07 33.84 30.25
N ARG F 31 18.14 34.77 30.19
CA ARG F 31 16.86 34.53 29.53
C ARG F 31 16.84 34.89 28.05
N ASP F 32 17.96 35.32 27.49
CA ASP F 32 18.04 35.59 26.07
C ASP F 32 18.63 34.44 25.27
N ASN F 33 19.25 33.46 25.93
CA ASN F 33 19.79 32.26 25.28
C ASN F 33 18.72 31.17 25.39
N THR F 34 17.83 31.13 24.42
CA THR F 34 16.73 30.17 24.41
C THR F 34 17.07 29.00 23.50
N THR F 35 16.53 27.83 23.85
CA THR F 35 16.62 26.66 23.00
C THR F 35 15.30 25.90 23.08
N ALA F 36 14.92 25.31 21.95
CA ALA F 36 13.63 24.65 21.84
C ALA F 36 13.66 23.31 22.56
N VAL F 37 12.62 23.05 23.35
CA VAL F 37 12.41 21.74 23.94
C VAL F 37 11.79 20.84 22.88
N MET F 38 12.48 19.76 22.54
CA MET F 38 12.02 18.86 21.49
C MET F 38 11.32 17.65 22.11
N VAL F 39 10.29 17.17 21.42
CA VAL F 39 9.63 15.93 21.79
C VAL F 39 10.52 14.78 21.39
N GLY F 40 10.60 13.76 22.24
CA GLY F 40 11.33 12.54 21.92
C GLY F 40 10.46 11.33 22.17
N THR F 41 10.97 10.18 21.73
CA THR F 41 10.30 8.91 21.94
C THR F 41 11.19 7.99 22.78
N LYS F 42 10.57 7.24 23.68
CA LYS F 42 11.30 6.30 24.52
C LYS F 42 10.41 5.11 24.82
N THR F 43 11.02 4.08 25.41
CA THR F 43 10.35 2.83 25.74
C THR F 43 10.04 2.78 27.23
N VAL F 44 8.90 2.19 27.57
CA VAL F 44 8.41 2.10 28.94
C VAL F 44 7.87 0.69 29.16
N ALA F 45 8.34 0.01 30.21
CA ALA F 45 7.98 -1.38 30.45
C ALA F 45 6.83 -1.50 31.45
N GLY F 46 7.13 -1.38 32.74
CA GLY F 46 6.09 -1.34 33.75
C GLY F 46 5.31 -2.61 33.96
N THR F 47 4.52 -2.65 35.04
CA THR F 47 3.76 -3.83 35.44
C THR F 47 2.32 -3.71 34.96
N GLN F 48 1.52 -4.71 35.30
CA GLN F 48 0.13 -4.82 34.87
C GLN F 48 -0.74 -4.88 36.13
N SER F 49 -1.03 -3.70 36.69
CA SER F 49 -1.70 -3.61 37.98
C SER F 49 -3.09 -3.01 37.87
N VAL F 50 -3.99 -3.67 37.14
CA VAL F 50 -5.39 -3.28 37.13
C VAL F 50 -6.04 -3.78 38.41
N ARG F 51 -6.89 -2.95 39.01
CA ARG F 51 -7.63 -3.36 40.19
C ARG F 51 -8.55 -4.52 39.87
N GLY F 52 -8.56 -5.52 40.73
CA GLY F 52 -9.44 -6.66 40.57
C GLY F 52 -8.95 -7.74 39.64
N ASN F 53 -7.73 -7.64 39.12
CA ASN F 53 -7.15 -8.64 38.21
C ASN F 53 -5.79 -9.07 38.74
N PRO F 54 -5.77 -9.86 39.82
CA PRO F 54 -4.50 -10.28 40.43
C PRO F 54 -3.77 -11.38 39.67
N ASN F 55 -4.36 -11.93 38.60
CA ASN F 55 -3.67 -12.95 37.80
C ASN F 55 -2.73 -12.28 36.81
N ASP F 56 -1.89 -11.35 37.29
CA ASP F 56 -1.02 -10.58 36.42
C ASP F 56 0.36 -10.45 37.08
N ALA F 57 1.13 -11.53 36.98
CA ALA F 57 2.58 -11.46 37.05
C ALA F 57 3.18 -11.12 35.68
N ASP F 58 2.33 -10.71 34.74
CA ASP F 58 2.74 -10.41 33.38
C ASP F 58 3.44 -9.06 33.30
N LYS F 59 4.37 -8.95 32.36
CA LYS F 59 4.93 -7.65 32.04
C LYS F 59 3.83 -6.72 31.53
N GLY F 60 3.82 -5.49 32.04
CA GLY F 60 2.75 -4.57 31.72
C GLY F 60 2.80 -4.04 30.31
N ASN F 61 3.11 -4.93 29.37
CA ASN F 61 3.37 -4.60 27.96
C ASN F 61 4.60 -3.71 27.84
N ILE F 62 5.03 -3.49 26.61
CA ILE F 62 6.18 -2.65 26.33
C ILE F 62 5.67 -1.49 25.50
N GLN F 63 5.21 -0.45 26.17
CA GLN F 63 4.71 0.72 25.46
C GLN F 63 5.89 1.58 25.00
N THR F 64 5.63 2.38 23.98
CA THR F 64 6.50 3.50 23.63
C THR F 64 5.71 4.78 23.82
N VAL F 65 6.39 5.81 24.31
CA VAL F 65 5.72 7.05 24.66
C VAL F 65 6.61 8.22 24.25
N ASN F 66 5.96 9.34 23.93
CA ASN F 66 6.68 10.58 23.80
C ASN F 66 7.01 11.15 25.17
N PHE F 67 8.00 12.03 25.19
CA PHE F 67 8.46 12.64 26.43
C PHE F 67 9.17 13.94 26.10
N ALA F 68 9.18 14.85 27.07
CA ALA F 68 9.87 16.12 26.90
C ALA F 68 10.47 16.52 28.24
N ASN F 69 11.74 16.91 28.22
CA ASN F 69 12.44 17.37 29.40
C ASN F 69 13.24 18.61 29.04
N LEU F 70 13.54 19.41 30.06
CA LEU F 70 14.60 20.39 29.89
C LEU F 70 15.92 19.67 29.68
N PRO F 71 16.87 20.28 28.97
CA PRO F 71 18.21 19.70 28.90
C PRO F 71 18.83 19.66 30.29
N HIS F 72 19.90 18.87 30.41
CA HIS F 72 20.55 18.75 31.71
C HIS F 72 21.46 19.93 32.04
N ASN F 73 21.42 21.00 31.24
CA ASN F 73 22.20 22.20 31.50
C ASN F 73 21.36 23.47 31.48
N LYS F 74 20.04 23.35 31.46
CA LYS F 74 19.13 24.48 31.61
C LYS F 74 18.10 24.14 32.69
N ASN F 75 17.80 25.11 33.55
CA ASN F 75 16.98 24.86 34.73
C ASN F 75 15.62 25.57 34.69
N THR F 76 15.26 26.19 33.57
CA THR F 76 14.05 26.99 33.51
C THR F 76 13.27 26.65 32.24
N LEU F 77 11.99 26.34 32.42
CA LEU F 77 11.06 26.19 31.30
C LEU F 77 10.44 27.53 30.95
N LEU F 78 10.48 27.89 29.68
CA LEU F 78 9.88 29.12 29.19
C LEU F 78 8.71 28.74 28.27
N VAL F 79 7.54 29.25 28.57
CA VAL F 79 6.34 29.01 27.76
C VAL F 79 5.92 30.34 27.15
N LYS F 80 5.84 30.38 25.82
CA LYS F 80 5.51 31.61 25.11
C LYS F 80 4.20 31.43 24.37
N TYR F 81 3.32 32.43 24.50
CA TYR F 81 2.10 32.48 23.68
C TYR F 81 1.58 33.90 23.68
N ASN F 82 0.57 34.13 22.86
CA ASN F 82 -0.12 35.42 22.82
C ASN F 82 -1.61 35.19 23.00
N VAL F 83 -2.31 36.24 23.42
CA VAL F 83 -3.75 36.18 23.64
C VAL F 83 -4.35 37.46 23.11
N LYS F 84 -5.23 37.36 22.11
CA LYS F 84 -5.91 38.51 21.54
C LYS F 84 -7.36 38.54 22.02
N PHE F 85 -7.71 39.59 22.75
CA PHE F 85 -9.09 39.84 23.12
C PHE F 85 -9.74 40.68 22.04
N VAL F 86 -10.83 40.17 21.46
CA VAL F 86 -11.57 40.87 20.42
C VAL F 86 -12.88 41.38 21.01
N GLY F 87 -13.29 42.58 20.60
CA GLY F 87 -14.52 43.19 21.04
C GLY F 87 -15.72 42.78 20.20
N ASP F 88 -16.78 43.59 20.30
CA ASP F 88 -18.05 43.30 19.63
C ASP F 88 -18.60 41.94 20.08
N VAL F 89 -18.56 41.70 21.39
CA VAL F 89 -18.86 40.38 21.93
C VAL F 89 -20.31 39.97 21.74
N PHE F 90 -21.19 40.90 21.38
CA PHE F 90 -22.62 40.63 21.30
C PHE F 90 -23.14 40.45 19.88
N LYS F 91 -22.34 40.74 18.86
CA LYS F 91 -22.75 40.51 17.48
C LYS F 91 -22.58 39.04 17.15
N ALA F 92 -23.69 38.32 17.06
CA ALA F 92 -23.64 36.91 16.71
C ALA F 92 -23.04 36.72 15.33
N GLU F 93 -22.25 35.65 15.19
CA GLU F 93 -21.72 35.29 13.88
C GLU F 93 -22.81 34.84 12.93
N LEU F 94 -23.78 34.05 13.42
CA LEU F 94 -24.80 33.48 12.55
C LEU F 94 -26.25 33.70 13.03
N GLY F 95 -26.51 33.89 14.33
CA GLY F 95 -27.86 34.18 14.73
C GLY F 95 -28.37 35.48 14.13
N GLY F 96 -29.70 35.57 14.00
CA GLY F 96 -30.29 36.75 13.40
C GLY F 96 -30.18 37.98 14.27
N GLY F 97 -31.28 38.74 14.37
CA GLY F 97 -31.24 39.99 15.11
C GLY F 97 -32.03 40.02 16.41
N GLU F 98 -33.33 39.79 16.32
CA GLU F 98 -34.24 40.15 17.42
C GLU F 98 -33.84 39.49 18.73
N TYR F 99 -33.76 38.16 18.75
CA TYR F 99 -33.34 37.45 19.96
C TYR F 99 -31.97 37.95 20.43
N SER F 100 -30.99 37.95 19.52
CA SER F 100 -29.64 38.36 19.90
C SER F 100 -29.61 39.81 20.36
N ASN F 101 -30.44 40.67 19.76
CA ASN F 101 -30.41 42.08 20.12
C ASN F 101 -31.08 42.35 21.47
N THR F 102 -32.20 41.70 21.78
CA THR F 102 -32.73 41.88 23.13
C THR F 102 -31.82 41.22 24.15
N LEU F 103 -31.10 40.17 23.78
CA LEU F 103 -30.08 39.61 24.67
C LEU F 103 -28.99 40.63 24.96
N GLN F 104 -28.51 41.32 23.91
CA GLN F 104 -27.55 42.41 24.10
C GLN F 104 -28.12 43.45 25.05
N THR F 105 -29.37 43.88 24.81
CA THR F 105 -29.99 44.89 25.66
C THR F 105 -30.07 44.42 27.11
N ALA F 106 -30.35 43.12 27.31
CA ALA F 106 -30.45 42.62 28.68
C ALA F 106 -29.08 42.53 29.34
N LEU F 107 -28.02 42.41 28.54
CA LEU F 107 -26.68 42.22 29.09
C LEU F 107 -25.82 43.49 29.04
N GLU F 108 -26.39 44.63 28.63
CA GLU F 108 -25.59 45.83 28.48
C GLU F 108 -24.94 46.27 29.80
N ASN F 109 -25.49 45.88 30.94
CA ASN F 109 -24.95 46.23 32.25
C ASN F 109 -24.08 45.13 32.85
N THR F 110 -23.50 44.27 32.01
CA THR F 110 -22.60 43.25 32.51
C THR F 110 -21.36 43.90 33.10
N ASP F 111 -20.90 43.37 34.24
CA ASP F 111 -19.70 43.86 34.90
C ASP F 111 -18.48 43.36 34.13
N PHE F 112 -18.13 44.10 33.06
CA PHE F 112 -17.00 43.72 32.22
C PHE F 112 -15.68 43.82 32.97
N GLY F 113 -15.60 44.70 33.96
CA GLY F 113 -14.37 44.83 34.72
C GLY F 113 -13.97 43.56 35.42
N THR F 114 -14.94 42.89 36.06
CA THR F 114 -14.66 41.63 36.74
C THR F 114 -14.22 40.55 35.76
N LEU F 115 -14.93 40.43 34.64
CA LEU F 115 -14.56 39.43 33.64
C LEU F 115 -13.14 39.65 33.16
N ALA F 116 -12.83 40.87 32.73
CA ALA F 116 -11.47 41.16 32.25
C ALA F 116 -10.44 40.89 33.34
N TYR F 117 -10.74 41.31 34.58
CA TYR F 117 -9.78 41.12 35.66
C TYR F 117 -9.48 39.64 35.85
N ARG F 118 -10.51 38.81 35.88
CA ARG F 118 -10.28 37.39 36.13
C ARG F 118 -9.56 36.72 34.96
N TYR F 119 -9.91 37.07 33.72
CA TYR F 119 -9.17 36.57 32.58
C TYR F 119 -7.68 36.89 32.69
N VAL F 120 -7.37 38.18 32.85
CA VAL F 120 -5.97 38.60 32.89
C VAL F 120 -5.25 37.98 34.09
N TYR F 121 -5.95 37.84 35.22
CA TYR F 121 -5.31 37.27 36.40
C TYR F 121 -4.98 35.79 36.20
N ASN F 122 -5.87 35.04 35.54
CA ASN F 122 -5.54 33.68 35.18
C ASN F 122 -4.31 33.64 34.28
N ILE F 123 -4.16 34.64 33.40
CA ILE F 123 -2.95 34.68 32.57
C ILE F 123 -1.72 35.03 33.41
N ALA F 124 -1.86 35.93 34.38
CA ALA F 124 -0.71 36.43 35.12
C ALA F 124 -0.20 35.41 36.12
N ALA F 125 -1.12 34.73 36.82
CA ALA F 125 -0.73 33.72 37.79
C ALA F 125 -0.32 32.40 37.13
N GLY F 126 -0.41 32.32 35.81
CA GLY F 126 -0.02 31.11 35.12
C GLY F 126 -0.86 29.89 35.40
N ARG F 127 -2.18 30.05 35.50
CA ARG F 127 -3.05 28.88 35.46
C ARG F 127 -2.85 28.13 34.16
N THR F 128 -2.64 28.88 33.07
CA THR F 128 -2.36 28.34 31.75
C THR F 128 -1.18 27.37 31.72
N LEU F 129 -0.37 27.31 32.77
CA LEU F 129 0.78 26.41 32.76
C LEU F 129 0.43 24.99 33.21
N TRP F 130 -0.77 24.77 33.75
CA TRP F 130 -1.24 23.44 34.15
C TRP F 130 -0.17 22.69 34.95
N ARG F 131 0.05 21.40 34.65
CA ARG F 131 0.97 20.58 35.45
C ARG F 131 2.41 21.09 35.43
N ASN F 132 2.74 22.04 34.55
CA ASN F 132 4.07 22.60 34.61
C ASN F 132 4.28 23.47 35.84
N ARG F 133 3.24 23.75 36.62
CA ARG F 133 3.41 24.49 37.87
C ARG F 133 3.99 23.61 38.96
N VAL F 134 3.69 22.31 38.93
CA VAL F 134 4.07 21.41 40.00
C VAL F 134 5.58 21.43 40.20
N GLY F 135 6.01 21.64 41.44
CA GLY F 135 7.42 21.58 41.76
C GLY F 135 8.25 22.69 41.18
N ALA F 136 7.66 23.85 40.96
CA ALA F 136 8.39 25.01 40.44
C ALA F 136 8.93 25.83 41.60
N GLU F 137 10.25 26.06 41.60
CA GLU F 137 10.86 26.88 42.65
C GLU F 137 10.20 28.25 42.71
N SER F 138 10.11 28.93 41.57
CA SER F 138 9.32 30.14 41.47
C SER F 138 8.86 30.29 40.02
N ILE F 139 7.72 30.96 39.86
CA ILE F 139 7.11 31.16 38.56
C ILE F 139 7.00 32.66 38.33
N GLU F 140 7.54 33.14 37.21
CA GLU F 140 7.57 34.56 36.90
C GLU F 140 6.95 34.78 35.53
N THR F 141 5.96 35.66 35.47
CA THR F 141 5.19 35.89 34.25
C THR F 141 5.49 37.28 33.73
N VAL F 142 5.78 37.39 32.43
CA VAL F 142 6.05 38.67 31.79
C VAL F 142 4.98 38.87 30.73
N ILE F 143 4.20 39.94 30.87
CA ILE F 143 3.12 40.25 29.90
C ILE F 143 3.38 41.63 29.28
N THR F 144 3.46 41.69 27.95
CA THR F 144 3.66 42.97 27.24
C THR F 144 2.36 43.34 26.53
N VAL F 145 1.70 44.41 26.98
CA VAL F 145 0.45 44.90 26.35
C VAL F 145 0.74 46.30 25.83
N ASN F 146 0.42 46.56 24.56
CA ASN F 146 0.76 47.86 23.96
C ASN F 146 2.26 48.06 24.17
N ASP F 147 2.69 49.27 24.55
CA ASP F 147 4.14 49.51 24.68
C ASP F 147 4.47 49.44 26.16
N GLN F 148 3.84 48.51 26.87
CA GLN F 148 4.01 48.44 28.34
C GLN F 148 4.28 47.01 28.77
N THR F 149 5.27 46.81 29.62
CA THR F 149 5.64 45.50 30.14
C THR F 149 5.31 45.43 31.62
N PHE F 150 4.71 44.31 32.03
CA PHE F 150 4.36 44.04 33.41
C PHE F 150 4.95 42.69 33.79
N THR F 151 5.45 42.60 35.02
CA THR F 151 6.06 41.33 35.48
C THR F 151 5.33 40.88 36.74
N PHE F 152 4.88 39.63 36.75
CA PHE F 152 4.11 39.13 37.89
C PHE F 152 4.87 37.95 38.49
N SER F 153 4.96 37.91 39.81
CA SER F 153 5.75 36.84 40.48
C SER F 153 4.88 36.11 41.51
N ASP F 154 4.82 34.79 41.41
CA ASP F 154 4.09 33.95 42.40
C ASP F 154 2.82 34.62 42.91
N LEU F 155 1.72 34.48 42.17
CA LEU F 155 0.40 34.96 42.61
C LEU F 155 -0.36 33.70 42.99
N LEU F 156 -1.36 33.81 43.87
CA LEU F 156 -2.19 32.62 44.19
C LEU F 156 -3.09 32.33 43.00
N VAL F 157 -3.05 31.10 42.48
CA VAL F 157 -3.84 30.79 41.30
C VAL F 157 -5.31 30.62 41.65
N ASN F 158 -5.62 30.10 42.84
CA ASN F 158 -6.99 29.72 43.18
C ASN F 158 -7.79 30.83 43.83
N GLU F 159 -7.22 32.01 44.01
CA GLU F 159 -7.94 33.19 44.46
C GLU F 159 -7.69 34.32 43.50
N PHE F 160 -8.70 35.15 43.26
CA PHE F 160 -8.50 36.36 42.47
C PHE F 160 -8.09 37.50 43.39
N ASP F 161 -6.90 37.33 43.97
CA ASP F 161 -6.28 38.35 44.81
C ASP F 161 -6.15 39.67 44.03
N GLU F 162 -6.10 40.75 44.79
CA GLU F 162 -5.96 42.07 44.17
C GLU F 162 -4.51 42.32 43.79
N ASP F 163 -4.29 42.75 42.55
CA ASP F 163 -2.97 43.12 42.06
C ASP F 163 -3.14 44.30 41.11
N VAL F 164 -2.37 45.36 41.32
CA VAL F 164 -2.63 46.62 40.62
C VAL F 164 -2.18 46.56 39.16
N ASP F 165 -1.14 45.78 38.84
CA ASP F 165 -0.72 45.66 37.45
C ASP F 165 -1.72 44.80 36.66
N VAL F 166 -2.21 43.71 37.26
CA VAL F 166 -3.31 42.96 36.66
C VAL F 166 -4.49 43.89 36.41
N ALA F 167 -4.73 44.84 37.32
CA ALA F 167 -5.84 45.77 37.14
C ALA F 167 -5.57 46.71 35.97
N GLU F 168 -4.34 47.19 35.84
CA GLU F 168 -4.01 48.08 34.73
C GLU F 168 -4.19 47.39 33.39
N ILE F 169 -3.81 46.11 33.30
CA ILE F 169 -4.00 45.36 32.07
C ILE F 169 -5.49 45.05 31.83
N ALA F 170 -6.19 44.67 32.88
CA ALA F 170 -7.61 44.37 32.77
C ALA F 170 -8.40 45.58 32.34
N ASP F 171 -7.90 46.79 32.64
CA ASP F 171 -8.56 48.00 32.14
C ASP F 171 -8.62 48.00 30.61
N MET F 172 -7.49 47.75 29.96
CA MET F 172 -7.47 47.70 28.50
C MET F 172 -8.35 46.56 28.00
N VAL F 173 -8.24 45.39 28.65
CA VAL F 173 -9.01 44.24 28.18
C VAL F 173 -10.51 44.50 28.28
N ALA F 174 -10.94 45.18 29.36
CA ALA F 174 -12.36 45.49 29.53
C ALA F 174 -12.81 46.56 28.54
N GLY F 175 -11.97 47.56 28.30
CA GLY F 175 -12.27 48.53 27.27
C GLY F 175 -12.55 47.86 25.94
N VAL F 176 -11.81 46.79 25.62
CA VAL F 176 -12.06 46.08 24.37
C VAL F 176 -13.33 45.24 24.47
N LEU F 177 -13.43 44.39 25.49
CA LEU F 177 -14.55 43.47 25.60
C LEU F 177 -15.88 44.22 25.64
N SER F 178 -15.93 45.32 26.37
CA SER F 178 -17.16 46.10 26.49
C SER F 178 -17.41 47.01 25.30
N GLY F 179 -16.49 47.07 24.34
CA GLY F 179 -16.64 47.98 23.21
C GLY F 179 -16.38 47.33 21.87
N GLU F 180 -15.38 47.83 21.15
CA GLU F 180 -14.99 47.28 19.87
C GLU F 180 -13.47 47.39 19.73
N GLY F 181 -12.93 46.64 18.78
CA GLY F 181 -11.49 46.57 18.60
C GLY F 181 -10.90 45.31 19.19
N PHE F 182 -9.59 45.33 19.38
CA PHE F 182 -8.88 44.18 19.93
C PHE F 182 -7.62 44.63 20.64
N VAL F 183 -7.10 43.73 21.47
CA VAL F 183 -5.85 43.99 22.19
C VAL F 183 -5.11 42.67 22.39
N THR F 184 -3.81 42.67 22.15
CA THR F 184 -2.99 41.47 22.22
C THR F 184 -2.04 41.56 23.41
N LEU F 185 -2.13 40.57 24.30
CA LEU F 185 -1.13 40.38 25.35
C LEU F 185 -0.11 39.36 24.86
N LYS F 186 1.18 39.71 24.96
CA LYS F 186 2.27 38.82 24.60
C LYS F 186 2.86 38.28 25.90
N VAL F 187 2.76 36.96 26.11
CA VAL F 187 2.99 36.35 27.40
C VAL F 187 4.20 35.42 27.31
N GLU F 188 5.12 35.58 28.26
CA GLU F 188 6.18 34.61 28.55
C GLU F 188 6.04 34.16 30.00
N HIS F 189 6.17 32.86 30.22
CA HIS F 189 6.18 32.28 31.56
C HIS F 189 7.53 31.63 31.80
N TYR F 190 8.17 31.96 32.93
CA TYR F 190 9.44 31.37 33.32
C TYR F 190 9.20 30.54 34.58
N MET F 191 9.58 29.26 34.52
CA MET F 191 9.39 28.33 35.63
C MET F 191 10.73 27.73 36.01
N LEU F 192 11.13 27.92 37.26
CA LEU F 192 12.41 27.43 37.77
C LEU F 192 12.24 25.98 38.22
N LEU F 193 12.28 25.07 37.25
CA LEU F 193 12.06 23.67 37.55
C LEU F 193 13.33 22.96 38.00
N GLY F 194 14.47 23.36 37.49
CA GLY F 194 15.69 22.62 37.72
C GLY F 194 16.09 21.80 36.51
N GLU F 195 17.38 21.55 36.38
CA GLU F 195 17.92 20.95 35.16
C GLU F 195 17.35 19.56 34.94
N GLY F 196 16.97 19.28 33.70
CA GLY F 196 16.49 17.96 33.30
C GLY F 196 15.07 17.62 33.70
N SER F 197 14.32 18.57 34.26
CA SER F 197 12.98 18.28 34.75
C SER F 197 12.03 17.95 33.60
N GLU F 198 11.03 17.14 33.90
CA GLU F 198 10.00 16.80 32.93
C GLU F 198 9.10 18.00 32.68
N VAL F 199 8.81 18.29 31.41
CA VAL F 199 7.86 19.33 31.04
C VAL F 199 6.67 18.68 30.37
N PHE F 200 5.51 19.32 30.52
CA PHE F 200 4.24 18.69 30.14
C PHE F 200 3.56 19.45 29.01
N PRO F 201 3.72 19.01 27.77
CA PRO F 201 2.98 19.61 26.65
C PRO F 201 1.58 19.02 26.58
N SER F 202 0.80 19.54 25.65
CA SER F 202 -0.48 18.92 25.33
C SER F 202 -0.26 17.50 24.87
N GLN F 203 -1.29 16.68 25.01
CA GLN F 203 -1.25 15.31 24.54
C GLN F 203 -2.21 15.16 23.36
N GLU F 204 -1.85 14.28 22.43
CA GLU F 204 -2.64 14.04 21.23
C GLU F 204 -3.31 12.66 21.33
N PHE F 205 -3.71 12.13 20.18
CA PHE F 205 -4.39 10.84 20.11
C PHE F 205 -4.55 10.38 18.68
N VAL F 206 -3.93 9.26 18.34
CA VAL F 206 -4.06 8.67 16.97
C VAL F 206 -4.42 7.19 17.13
N GLU F 207 -5.42 6.72 16.39
CA GLU F 207 -5.88 5.30 16.52
C GLU F 207 -4.77 4.37 16.02
N ASN F 208 -3.84 4.90 15.22
CA ASN F 208 -2.68 4.07 14.80
C ASN F 208 -2.22 3.34 16.06
N SER F 209 -2.13 4.06 17.19
CA SER F 209 -1.81 3.40 18.48
C SER F 209 -0.36 2.95 18.51
N LYS F 210 0.49 3.46 17.62
CA LYS F 210 1.90 3.15 17.73
C LYS F 210 2.46 3.54 19.11
N LEU F 211 2.14 4.73 19.58
CA LEU F 211 2.50 5.18 20.92
C LEU F 211 1.30 5.06 21.85
N SER F 212 1.57 5.09 23.15
CA SER F 212 0.54 5.16 24.18
C SER F 212 0.41 6.55 24.78
N LYS F 213 1.39 7.42 24.56
CA LYS F 213 1.34 8.81 25.01
C LYS F 213 1.99 9.64 23.92
N GLN F 214 1.19 10.42 23.21
CA GLN F 214 1.67 11.25 22.11
C GLN F 214 1.57 12.71 22.51
N LEU F 215 2.66 13.44 22.32
CA LEU F 215 2.74 14.83 22.75
C LEU F 215 2.65 15.77 21.55
N PHE F 216 1.89 16.85 21.73
CA PHE F 216 1.74 17.86 20.71
C PHE F 216 3.10 18.47 20.37
N ASP F 217 3.36 18.63 19.08
CA ASP F 217 4.61 19.22 18.61
C ASP F 217 4.33 20.14 17.44
N LEU F 218 5.20 21.13 17.29
CA LEU F 218 5.21 22.00 16.11
C LEU F 218 6.64 22.02 15.61
N ASN F 219 6.86 21.40 14.44
CA ASN F 219 8.21 21.16 13.91
C ASN F 219 9.07 20.43 14.94
N GLY F 220 8.48 19.45 15.62
CA GLY F 220 9.18 18.67 16.62
C GLY F 220 9.36 19.36 17.96
N GLN F 221 8.98 20.62 18.09
CA GLN F 221 9.11 21.34 19.35
C GLN F 221 7.87 21.12 20.21
N ALA F 222 8.09 20.80 21.49
CA ALA F 222 6.99 20.56 22.41
C ALA F 222 6.12 21.81 22.53
N ALA F 223 4.80 21.62 22.45
CA ALA F 223 3.88 22.75 22.39
C ALA F 223 2.59 22.41 23.12
N MET F 224 1.83 23.45 23.45
CA MET F 224 0.54 23.31 24.11
C MET F 224 -0.55 23.84 23.18
N HIS F 225 -1.65 23.09 23.11
CA HIS F 225 -2.78 23.50 22.29
C HIS F 225 -3.31 24.86 22.73
N ASP F 226 -3.66 25.70 21.75
CA ASP F 226 -4.26 26.98 22.09
C ASP F 226 -5.53 26.81 22.91
N GLN F 227 -6.28 25.72 22.68
CA GLN F 227 -7.51 25.54 23.45
C GLN F 227 -7.22 25.18 24.91
N LYS F 228 -6.07 24.56 25.19
CA LYS F 228 -5.67 24.32 26.58
C LYS F 228 -5.50 25.64 27.33
N ILE F 229 -4.73 26.56 26.74
CA ILE F 229 -4.54 27.87 27.34
C ILE F 229 -5.87 28.60 27.44
N GLY F 230 -6.71 28.51 26.41
CA GLY F 230 -8.00 29.18 26.44
C GLY F 230 -8.87 28.69 27.59
N ASN F 231 -8.95 27.36 27.75
CA ASN F 231 -9.72 26.80 28.86
C ASN F 231 -9.18 27.28 30.19
N ALA F 232 -7.86 27.35 30.32
CA ALA F 232 -7.30 27.86 31.57
C ALA F 232 -7.70 29.31 31.79
N ILE F 233 -7.74 30.11 30.72
CA ILE F 233 -8.00 31.54 30.85
C ILE F 233 -9.41 31.78 31.37
N ARG F 234 -10.39 31.08 30.81
CA ARG F 234 -11.78 31.34 31.13
C ARG F 234 -12.26 30.61 32.39
N THR F 235 -11.33 30.05 33.18
CA THR F 235 -11.69 29.46 34.48
C THR F 235 -12.00 30.60 35.46
N ILE F 236 -13.16 31.22 35.25
CA ILE F 236 -13.61 32.32 36.09
C ILE F 236 -14.92 32.04 36.80
N ASP F 237 -15.66 31.02 36.37
CA ASP F 237 -17.01 30.74 36.88
C ASP F 237 -16.94 30.30 38.33
N THR F 238 -17.26 31.22 39.25
CA THR F 238 -17.38 30.92 40.66
C THR F 238 -18.79 31.15 41.16
N TRP F 239 -19.77 31.07 40.26
CA TRP F 239 -21.13 31.48 40.54
C TRP F 239 -22.16 30.35 40.40
N TYR F 240 -21.73 29.15 40.00
CA TYR F 240 -22.62 28.00 40.06
C TYR F 240 -22.97 27.70 41.52
N GLU F 241 -23.99 26.86 41.71
CA GLU F 241 -24.51 26.65 43.06
C GLU F 241 -23.56 25.78 43.86
N ASP F 242 -23.34 26.19 45.12
CA ASP F 242 -22.39 25.53 46.02
C ASP F 242 -20.99 25.51 45.40
N ALA F 243 -20.53 26.67 44.95
CA ALA F 243 -19.27 26.75 44.22
C ALA F 243 -18.09 26.83 45.19
N THR F 244 -17.02 26.11 44.85
CA THR F 244 -15.80 26.13 45.63
C THR F 244 -14.73 26.83 44.80
N THR F 245 -14.00 26.11 43.97
CA THR F 245 -13.04 26.72 43.06
C THR F 245 -13.73 27.25 41.82
N PRO F 246 -13.06 28.11 41.05
CA PRO F 246 -13.57 28.44 39.72
C PRO F 246 -13.53 27.24 38.79
N ILE F 247 -14.53 27.17 37.91
CA ILE F 247 -14.54 26.22 36.81
C ILE F 247 -14.49 27.01 35.50
N ALA F 248 -14.19 26.30 34.42
CA ALA F 248 -14.24 26.92 33.10
C ALA F 248 -15.66 27.31 32.74
N VAL F 249 -15.81 28.43 32.06
CA VAL F 249 -17.12 28.88 31.62
C VAL F 249 -17.57 27.93 30.51
N GLU F 250 -18.64 27.19 30.77
CA GLU F 250 -19.24 26.28 29.81
C GLU F 250 -20.74 26.38 29.99
N PRO F 251 -21.53 26.15 28.93
CA PRO F 251 -22.99 26.31 29.04
C PRO F 251 -23.63 25.50 30.16
N TYR F 252 -23.17 24.29 30.45
CA TYR F 252 -23.69 23.51 31.56
C TYR F 252 -22.72 23.44 32.73
N GLY F 253 -21.65 24.22 32.71
CA GLY F 253 -20.64 24.06 33.74
C GLY F 253 -20.02 22.68 33.74
N SER F 254 -19.70 22.16 32.56
CA SER F 254 -19.20 20.80 32.44
C SER F 254 -17.75 20.72 32.90
N VAL F 255 -17.42 19.64 33.61
CA VAL F 255 -16.05 19.27 33.90
C VAL F 255 -15.88 17.79 33.61
N VAL F 256 -15.56 17.45 32.35
CA VAL F 256 -15.41 16.05 31.99
C VAL F 256 -14.35 15.38 32.85
N ARG F 257 -13.32 16.14 33.24
CA ARG F 257 -12.34 15.75 34.24
C ARG F 257 -12.98 15.00 35.40
N ASN F 258 -14.09 15.51 35.91
CA ASN F 258 -14.78 14.92 37.06
C ASN F 258 -16.07 14.21 36.67
N GLY F 259 -16.47 14.26 35.41
CA GLY F 259 -17.74 13.66 35.01
C GLY F 259 -18.96 14.23 35.68
N VAL F 260 -18.97 15.54 35.95
CA VAL F 260 -20.11 16.23 36.52
C VAL F 260 -20.38 17.49 35.72
N ALA F 261 -21.52 18.12 35.98
CA ALA F 261 -21.92 19.36 35.34
C ALA F 261 -22.64 20.22 36.36
N TYR F 262 -21.92 21.21 36.91
CA TYR F 262 -22.41 22.02 38.02
C TYR F 262 -23.54 22.96 37.63
N ARG F 263 -23.92 23.03 36.36
CA ARG F 263 -25.02 23.88 35.94
C ARG F 263 -26.02 23.10 35.09
N ALA F 264 -26.16 21.80 35.35
CA ALA F 264 -27.08 20.95 34.62
C ALA F 264 -28.30 20.63 35.49
N GLY F 265 -29.48 20.82 34.93
CA GLY F 265 -30.70 20.39 35.59
C GLY F 265 -31.08 21.16 36.83
N ASN F 266 -30.86 22.47 36.85
CA ASN F 266 -31.32 23.29 37.96
C ASN F 266 -31.52 24.75 37.56
N LYS F 267 -31.81 24.99 36.27
CA LYS F 267 -32.15 26.32 35.76
C LYS F 267 -31.04 27.34 35.99
N THR F 268 -29.79 26.87 36.01
CA THR F 268 -28.63 27.76 36.12
C THR F 268 -27.71 27.62 34.91
N ASP F 269 -28.20 27.01 33.83
CA ASP F 269 -27.41 26.82 32.62
C ASP F 269 -27.53 28.02 31.68
N LEU F 270 -26.74 27.98 30.61
CA LEU F 270 -26.68 29.11 29.69
C LEU F 270 -28.01 29.33 28.98
N PHE F 271 -28.70 28.25 28.60
CA PHE F 271 -29.89 28.40 27.76
C PHE F 271 -31.09 28.85 28.56
N THR F 272 -31.27 28.30 29.76
CA THR F 272 -32.31 28.80 30.66
C THR F 272 -32.14 30.29 30.92
N LEU F 273 -30.94 30.69 31.33
CA LEU F 273 -30.69 32.09 31.68
C LEU F 273 -30.81 33.00 30.46
N MET F 274 -30.34 32.54 29.30
CA MET F 274 -30.44 33.31 28.08
C MET F 274 -31.89 33.55 27.67
N ASP F 275 -32.67 32.47 27.58
CA ASP F 275 -34.08 32.59 27.27
C ASP F 275 -34.79 33.50 28.26
N GLY F 276 -34.52 33.32 29.56
CA GLY F 276 -35.17 34.15 30.57
C GLY F 276 -34.83 35.62 30.43
N ALA F 277 -33.56 35.93 30.20
CA ALA F 277 -33.16 37.32 30.00
C ALA F 277 -33.85 37.92 28.80
N VAL F 278 -33.96 37.16 27.71
CA VAL F 278 -34.66 37.66 26.53
C VAL F 278 -36.16 37.73 26.78
N ASN F 279 -36.71 36.76 27.49
CA ASN F 279 -38.15 36.71 27.77
C ASN F 279 -38.49 37.44 29.08
N GLY F 280 -38.04 38.68 29.20
CA GLY F 280 -38.38 39.56 30.32
C GLY F 280 -37.67 39.40 31.66
N LYS F 281 -37.42 38.16 32.09
CA LYS F 281 -36.87 37.92 33.43
C LYS F 281 -35.53 38.62 33.59
N SER F 282 -35.27 39.11 34.80
CA SER F 282 -34.11 39.92 35.10
C SER F 282 -33.00 39.07 35.70
N LEU F 283 -31.76 39.34 35.29
CA LEU F 283 -30.60 38.55 35.68
C LEU F 283 -29.80 39.27 36.77
N THR F 284 -29.31 38.50 37.73
CA THR F 284 -28.38 39.03 38.73
C THR F 284 -27.09 39.47 38.05
N GLU F 285 -26.19 40.07 38.84
CA GLU F 285 -24.89 40.44 38.28
C GLU F 285 -24.09 39.21 37.88
N GLU F 286 -24.09 38.19 38.74
CA GLU F 286 -23.34 36.97 38.43
C GLU F 286 -23.91 36.28 37.20
N ASP F 287 -25.23 36.26 37.04
CA ASP F 287 -25.82 35.64 35.85
C ASP F 287 -25.49 36.43 34.60
N GLN F 288 -25.47 37.76 34.70
CA GLN F 288 -25.05 38.58 33.57
C GLN F 288 -23.62 38.25 33.17
N MET F 289 -22.73 38.16 34.16
CA MET F 289 -21.34 37.83 33.87
C MET F 289 -21.22 36.45 33.25
N PHE F 290 -22.02 35.49 33.72
CA PHE F 290 -21.95 34.15 33.18
C PHE F 290 -22.41 34.09 31.73
N VAL F 291 -23.53 34.74 31.42
CA VAL F 291 -24.04 34.72 30.05
C VAL F 291 -23.10 35.45 29.11
N THR F 292 -22.59 36.61 29.53
CA THR F 292 -21.65 37.31 28.67
C THR F 292 -20.35 36.52 28.53
N ALA F 293 -19.94 35.79 29.56
CA ALA F 293 -18.74 34.97 29.46
C ALA F 293 -18.94 33.83 28.49
N ASN F 294 -20.16 33.32 28.37
CA ASN F 294 -20.43 32.30 27.35
C ASN F 294 -20.46 32.89 25.97
N LEU F 295 -20.98 34.12 25.83
CA LEU F 295 -20.91 34.79 24.53
C LEU F 295 -19.47 35.06 24.12
N ILE F 296 -18.61 35.36 25.10
CA ILE F 296 -17.18 35.51 24.83
C ILE F 296 -16.56 34.16 24.49
N ARG F 297 -17.03 33.10 25.15
CA ARG F 297 -16.54 31.76 24.85
C ARG F 297 -16.87 31.35 23.42
N GLY F 298 -18.07 31.67 22.97
CA GLY F 298 -18.52 31.32 21.64
C GLY F 298 -19.23 29.98 21.62
N GLY F 299 -19.88 29.71 20.49
CA GLY F 299 -20.55 28.45 20.26
C GLY F 299 -21.96 28.64 19.73
N VAL F 300 -22.54 27.51 19.35
CA VAL F 300 -23.93 27.46 18.87
C VAL F 300 -24.86 27.41 20.07
N PHE F 301 -25.72 28.43 20.20
CA PHE F 301 -26.63 28.53 21.34
C PHE F 301 -28.10 28.44 20.91
N GLY F 302 -28.36 27.74 19.79
CA GLY F 302 -29.72 27.46 19.37
C GLY F 302 -29.85 26.03 18.92
N GLY F 303 -31.10 25.60 18.73
CA GLY F 303 -31.38 24.25 18.28
C GLY F 303 -32.07 23.37 19.31
N MET G 1 -24.43 -1.29 58.12
CA MET G 1 -23.39 -0.63 57.34
C MET G 1 -23.36 -1.14 55.90
N THR G 2 -23.03 -0.25 54.97
CA THR G 2 -22.74 -0.62 53.59
C THR G 2 -21.36 -0.07 53.21
N LYS G 3 -20.73 -0.72 52.24
CA LYS G 3 -19.34 -0.42 51.92
C LYS G 3 -19.21 0.92 51.18
N LEU G 4 -17.97 1.39 51.07
CA LEU G 4 -17.64 2.64 50.40
C LEU G 4 -16.61 2.33 49.32
N LYS G 5 -17.09 2.03 48.10
CA LYS G 5 -16.21 1.67 47.00
C LYS G 5 -15.44 2.90 46.50
N ALA G 6 -14.23 2.65 46.01
CA ALA G 6 -13.43 3.70 45.40
C ALA G 6 -14.10 4.20 44.11
N PRO G 7 -13.87 5.45 43.75
CA PRO G 7 -14.39 5.94 42.47
C PRO G 7 -13.88 5.10 41.31
N ALA G 8 -14.61 5.16 40.19
CA ALA G 8 -14.15 4.46 39.00
C ALA G 8 -12.83 5.00 38.50
N VAL G 9 -12.58 6.30 38.68
CA VAL G 9 -11.39 6.94 38.13
C VAL G 9 -10.58 7.61 39.23
N LEU G 10 -10.16 6.84 40.23
CA LEU G 10 -9.25 7.34 41.24
C LEU G 10 -7.81 7.15 40.77
N ALA G 11 -7.03 8.23 40.78
CA ALA G 11 -5.67 8.18 40.28
C ALA G 11 -4.81 9.21 41.02
N TYR G 12 -3.55 8.84 41.27
CA TYR G 12 -2.60 9.70 41.96
C TYR G 12 -1.39 9.95 41.07
N SER G 13 -0.85 11.16 41.14
CA SER G 13 0.33 11.52 40.37
C SER G 13 1.59 11.09 41.12
N ARG G 14 2.65 10.80 40.37
CA ARG G 14 3.90 10.41 40.98
C ARG G 14 4.47 11.55 41.80
N LYS G 15 4.95 11.24 43.00
CA LYS G 15 5.54 12.25 43.87
C LYS G 15 7.05 12.15 43.97
N ILE G 16 7.66 11.08 43.48
CA ILE G 16 9.11 10.98 43.34
C ILE G 16 9.43 11.15 41.85
N ASN G 17 10.09 12.25 41.51
CA ASN G 17 10.31 12.65 40.12
C ASN G 17 11.80 12.73 39.84
N PRO G 18 12.42 11.64 39.40
CA PRO G 18 13.81 11.71 38.95
C PRO G 18 13.89 12.10 37.48
N THR G 19 14.99 12.75 37.14
CA THR G 19 15.28 13.09 35.76
C THR G 19 15.85 11.87 35.03
N ASN G 20 16.11 12.02 33.74
CA ASN G 20 16.87 11.03 33.00
C ASN G 20 18.34 11.16 33.38
N ALA G 21 19.00 10.02 33.58
CA ALA G 21 20.39 10.00 34.02
C ALA G 21 21.31 10.07 32.81
N LEU G 22 22.32 10.94 32.89
CA LEU G 22 23.34 10.99 31.85
C LEU G 22 24.60 10.30 32.33
N MET G 23 25.30 9.66 31.39
CA MET G 23 26.50 8.87 31.68
C MET G 23 27.71 9.55 31.04
N PHE G 24 28.71 9.85 31.84
CA PHE G 24 29.98 10.42 31.42
C PHE G 24 31.10 9.48 31.82
N ALA G 25 32.30 9.76 31.32
CA ALA G 25 33.50 9.05 31.72
C ALA G 25 34.49 10.05 32.30
N VAL G 26 35.09 9.69 33.43
CA VAL G 26 36.09 10.51 34.10
C VAL G 26 37.18 9.59 34.62
N ASN G 27 38.23 10.19 35.16
CA ASN G 27 39.24 9.46 35.91
C ASN G 27 39.04 9.73 37.40
N TRP G 28 39.21 8.67 38.20
CA TRP G 28 38.88 8.73 39.63
C TRP G 28 39.57 9.86 40.36
N SER G 29 40.66 10.41 39.81
CA SER G 29 41.43 11.46 40.45
C SER G 29 41.34 12.79 39.70
N ASP G 30 40.48 12.88 38.68
CA ASP G 30 40.34 14.07 37.84
C ASP G 30 38.88 14.18 37.40
N ARG G 31 38.02 14.56 38.35
CA ARG G 31 36.58 14.56 38.14
C ARG G 31 36.07 15.85 37.55
N ASP G 32 36.95 16.78 37.19
CA ASP G 32 36.54 18.03 36.57
C ASP G 32 36.70 18.02 35.05
N ASN G 33 37.31 16.97 34.49
CA ASN G 33 37.43 16.80 33.04
C ASN G 33 36.55 15.61 32.66
N THR G 34 35.26 15.89 32.48
CA THR G 34 34.31 14.87 32.08
C THR G 34 34.20 14.80 30.56
N THR G 35 33.70 13.67 30.07
CA THR G 35 33.44 13.50 28.66
C THR G 35 32.27 12.53 28.49
N ALA G 36 31.48 12.78 27.46
CA ALA G 36 30.23 12.05 27.28
C ALA G 36 30.50 10.64 26.76
N VAL G 37 29.88 9.65 27.39
CA VAL G 37 29.85 8.30 26.86
C VAL G 37 28.83 8.26 25.74
N MET G 38 29.26 7.83 24.55
CA MET G 38 28.40 7.82 23.37
C MET G 38 28.01 6.39 23.03
N VAL G 39 26.76 6.21 22.63
CA VAL G 39 26.29 4.91 22.18
C VAL G 39 26.78 4.69 20.75
N GLY G 40 27.33 3.50 20.50
CA GLY G 40 27.75 3.12 19.17
C GLY G 40 27.04 1.87 18.70
N THR G 41 27.34 1.47 17.47
CA THR G 41 26.78 0.27 16.88
C THR G 41 27.90 -0.70 16.53
N LYS G 42 27.71 -1.97 16.91
CA LYS G 42 28.63 -3.04 16.54
C LYS G 42 27.84 -4.18 15.93
N THR G 43 28.56 -5.08 15.25
CA THR G 43 27.97 -6.27 14.66
C THR G 43 28.21 -7.45 15.59
N VAL G 44 27.20 -8.30 15.73
CA VAL G 44 27.26 -9.43 16.66
C VAL G 44 26.77 -10.67 15.94
N ALA G 45 27.66 -11.65 15.77
CA ALA G 45 27.30 -12.97 15.30
C ALA G 45 27.26 -13.93 16.48
N GLY G 46 26.29 -14.85 16.47
CA GLY G 46 26.10 -15.70 17.62
C GLY G 46 25.56 -17.07 17.26
N THR G 47 25.35 -17.87 18.29
CA THR G 47 24.90 -19.25 18.16
C THR G 47 23.37 -19.30 18.20
N GLN G 48 22.83 -20.51 18.23
CA GLN G 48 21.39 -20.74 18.36
C GLN G 48 21.12 -21.72 19.50
N SER G 49 21.76 -21.43 20.64
CA SER G 49 21.67 -22.32 21.82
C SER G 49 20.38 -22.10 22.62
N VAL G 50 19.31 -22.80 22.25
CA VAL G 50 18.00 -22.63 22.94
C VAL G 50 17.57 -23.98 23.53
N ARG G 51 17.41 -24.03 24.84
CA ARG G 51 17.01 -25.29 25.51
C ARG G 51 15.77 -25.84 24.82
N GLY G 52 15.86 -27.04 24.27
CA GLY G 52 14.67 -27.67 23.67
C GLY G 52 14.83 -27.83 22.18
N ASN G 53 15.32 -26.80 21.50
CA ASN G 53 15.58 -26.97 20.07
C ASN G 53 17.07 -27.26 19.85
N PRO G 54 17.48 -28.53 19.82
CA PRO G 54 18.88 -28.86 19.54
C PRO G 54 19.19 -29.02 18.07
N ASN G 55 18.16 -29.25 17.25
CA ASN G 55 18.35 -29.29 15.81
C ASN G 55 18.83 -27.94 15.27
N ASP G 56 18.50 -26.85 15.96
CA ASP G 56 18.89 -25.51 15.51
C ASP G 56 20.31 -25.14 15.96
N ALA G 57 20.89 -25.97 16.81
CA ALA G 57 22.24 -25.68 17.35
C ALA G 57 23.28 -25.55 16.24
N ASP G 58 23.09 -26.26 15.14
CA ASP G 58 24.13 -26.25 14.09
C ASP G 58 24.01 -24.94 13.31
N LYS G 59 23.02 -24.11 13.66
CA LYS G 59 22.77 -22.86 12.90
C LYS G 59 23.26 -21.66 13.69
N GLY G 60 23.57 -20.56 13.01
CA GLY G 60 24.00 -19.33 13.71
C GLY G 60 23.04 -18.18 13.46
N ASN G 61 23.38 -16.99 13.94
CA ASN G 61 22.54 -15.82 13.72
C ASN G 61 23.43 -14.59 13.66
N ILE G 62 22.92 -13.55 13.01
CA ILE G 62 23.67 -12.32 12.80
C ILE G 62 22.78 -11.14 13.15
N GLN G 63 23.33 -10.14 13.83
CA GLN G 63 22.61 -8.94 14.22
C GLN G 63 23.58 -7.77 14.26
N THR G 64 23.02 -6.58 14.41
CA THR G 64 23.77 -5.41 14.85
C THR G 64 23.09 -4.85 16.09
N VAL G 65 23.88 -4.38 17.04
CA VAL G 65 23.38 -3.91 18.32
C VAL G 65 24.04 -2.59 18.68
N ASN G 66 23.44 -1.89 19.63
CA ASN G 66 24.08 -0.75 20.25
C ASN G 66 24.97 -1.23 21.41
N PHE G 67 25.97 -0.42 21.72
CA PHE G 67 26.88 -0.73 22.81
C PHE G 67 27.42 0.58 23.36
N ALA G 68 27.87 0.52 24.62
CA ALA G 68 28.44 1.70 25.26
C ALA G 68 29.55 1.26 26.21
N ASN G 69 30.75 1.78 25.98
CA ASN G 69 31.92 1.48 26.79
C ASN G 69 32.51 2.78 27.32
N LEU G 70 33.25 2.67 28.41
CA LEU G 70 34.13 3.75 28.80
C LEU G 70 35.27 3.85 27.79
N PRO G 71 35.79 5.04 27.53
CA PRO G 71 36.96 5.17 26.66
C PRO G 71 38.18 4.51 27.27
N HIS G 72 39.11 4.11 26.41
CA HIS G 72 40.30 3.41 26.88
C HIS G 72 41.29 4.34 27.60
N ASN G 73 40.94 5.59 27.89
CA ASN G 73 41.80 6.46 28.68
C ASN G 73 41.08 7.03 29.89
N LYS G 74 39.93 6.49 30.27
CA LYS G 74 39.20 6.89 31.47
C LYS G 74 38.74 5.63 32.18
N ASN G 75 38.87 5.62 33.51
CA ASN G 75 38.64 4.41 34.29
C ASN G 75 37.38 4.45 35.13
N THR G 76 36.65 5.57 35.15
CA THR G 76 35.51 5.73 36.04
C THR G 76 34.28 6.17 35.25
N LEU G 77 33.15 5.54 35.55
CA LEU G 77 31.86 5.95 35.01
C LEU G 77 31.19 6.92 35.98
N LEU G 78 30.61 7.99 35.42
CA LEU G 78 29.98 9.06 36.20
C LEU G 78 28.53 9.19 35.76
N VAL G 79 27.60 8.91 36.67
CA VAL G 79 26.18 8.92 36.37
C VAL G 79 25.54 10.08 37.11
N LYS G 80 24.91 11.00 36.37
CA LYS G 80 24.33 12.21 36.95
C LYS G 80 22.83 12.24 36.75
N TYR G 81 22.11 12.62 37.82
CA TYR G 81 20.67 12.87 37.71
C TYR G 81 20.21 13.70 38.90
N ASN G 82 18.92 14.06 38.89
CA ASN G 82 18.28 14.81 39.96
C ASN G 82 16.97 14.13 40.32
N VAL G 83 16.62 14.19 41.61
CA VAL G 83 15.38 13.60 42.12
C VAL G 83 14.63 14.67 42.89
N LYS G 84 13.37 14.90 42.52
CA LYS G 84 12.52 15.87 43.19
C LYS G 84 11.40 15.15 43.94
N PHE G 85 11.38 15.32 45.25
CA PHE G 85 10.30 14.79 46.08
C PHE G 85 9.26 15.89 46.24
N VAL G 86 7.99 15.54 46.01
CA VAL G 86 6.88 16.49 46.02
C VAL G 86 5.87 16.07 47.09
N GLY G 87 5.37 17.06 47.83
CA GLY G 87 4.40 16.82 48.88
C GLY G 87 2.98 16.68 48.37
N ASP G 88 2.03 16.81 49.29
CA ASP G 88 0.60 16.60 49.00
C ASP G 88 0.35 15.18 48.49
N VAL G 89 1.00 14.21 49.13
CA VAL G 89 0.99 12.84 48.62
C VAL G 89 -0.39 12.20 48.68
N PHE G 90 -1.31 12.74 49.51
CA PHE G 90 -2.62 12.13 49.68
C PHE G 90 -3.70 12.78 48.83
N LYS G 91 -3.45 13.95 48.25
CA LYS G 91 -4.41 14.60 47.37
C LYS G 91 -4.40 13.91 46.02
N ALA G 92 -5.49 13.23 45.69
CA ALA G 92 -5.55 12.46 44.46
C ALA G 92 -5.57 13.38 43.24
N GLU G 93 -5.02 12.87 42.13
CA GLU G 93 -5.07 13.62 40.88
C GLU G 93 -6.49 13.64 40.32
N LEU G 94 -7.15 12.49 40.30
CA LEU G 94 -8.49 12.33 39.75
C LEU G 94 -9.36 11.58 40.72
N GLY G 95 -10.65 11.91 40.74
CA GLY G 95 -11.60 11.21 41.59
C GLY G 95 -11.43 11.45 43.07
N GLY G 96 -10.72 12.51 43.47
CA GLY G 96 -10.52 12.78 44.87
C GLY G 96 -11.77 13.27 45.57
N GLY G 97 -12.43 12.38 46.30
CA GLY G 97 -13.63 12.75 47.02
C GLY G 97 -13.74 12.12 48.39
N GLU G 98 -14.87 11.46 48.66
CA GLU G 98 -15.08 10.86 49.97
C GLU G 98 -14.08 9.75 50.23
N TYR G 99 -13.90 8.85 49.26
CA TYR G 99 -13.01 7.71 49.43
C TYR G 99 -11.58 8.16 49.68
N SER G 100 -11.06 9.07 48.85
CA SER G 100 -9.68 9.50 49.00
C SER G 100 -9.46 10.24 50.31
N ASN G 101 -10.45 11.03 50.75
CA ASN G 101 -10.30 11.80 51.98
C ASN G 101 -10.35 10.90 53.21
N THR G 102 -11.27 9.93 53.24
CA THR G 102 -11.27 9.00 54.36
C THR G 102 -10.01 8.14 54.36
N LEU G 103 -9.47 7.81 53.18
CA LEU G 103 -8.20 7.10 53.11
C LEU G 103 -7.06 7.93 53.69
N GLN G 104 -7.05 9.23 53.36
CA GLN G 104 -6.03 10.12 53.91
C GLN G 104 -6.12 10.19 55.43
N THR G 105 -7.36 10.24 55.95
CA THR G 105 -7.52 10.23 57.40
C THR G 105 -7.01 8.92 58.01
N ALA G 106 -7.30 7.79 57.35
CA ALA G 106 -6.84 6.48 57.83
C ALA G 106 -5.35 6.28 57.69
N LEU G 107 -4.65 7.10 56.91
CA LEU G 107 -3.21 6.95 56.72
C LEU G 107 -2.37 8.00 57.45
N GLU G 108 -2.98 8.81 58.31
CA GLU G 108 -2.29 9.98 58.83
C GLU G 108 -1.17 9.65 59.81
N ASN G 109 -1.07 8.41 60.28
CA ASN G 109 -0.02 8.02 61.21
C ASN G 109 1.07 7.18 60.53
N THR G 110 1.24 7.36 59.22
CA THR G 110 2.24 6.60 58.49
C THR G 110 3.65 7.00 58.90
N ASP G 111 4.54 6.02 59.00
CA ASP G 111 5.93 6.26 59.33
C ASP G 111 6.63 6.89 58.13
N PHE G 112 6.55 8.22 58.02
CA PHE G 112 7.21 8.90 56.91
C PHE G 112 8.71 8.93 57.09
N GLY G 113 9.20 8.89 58.33
CA GLY G 113 10.63 8.82 58.54
C GLY G 113 11.26 7.60 57.88
N THR G 114 10.65 6.43 58.08
CA THR G 114 11.19 5.21 57.48
C THR G 114 11.11 5.25 55.96
N LEU G 115 9.99 5.74 55.41
CA LEU G 115 9.84 5.82 53.96
C LEU G 115 10.91 6.72 53.35
N ALA G 116 11.03 7.95 53.87
CA ALA G 116 12.06 8.86 53.39
C ALA G 116 13.44 8.25 53.54
N TYR G 117 13.67 7.52 54.65
CA TYR G 117 15.00 6.96 54.87
C TYR G 117 15.33 5.90 53.83
N ARG G 118 14.39 5.00 53.54
CA ARG G 118 14.67 3.96 52.57
C ARG G 118 14.82 4.53 51.17
N TYR G 119 14.04 5.56 50.83
CA TYR G 119 14.22 6.25 49.54
C TYR G 119 15.63 6.82 49.43
N VAL G 120 16.00 7.71 50.37
CA VAL G 120 17.30 8.35 50.31
C VAL G 120 18.41 7.32 50.40
N TYR G 121 18.17 6.19 51.07
CA TYR G 121 19.19 5.17 51.22
C TYR G 121 19.44 4.45 49.90
N ASN G 122 18.37 4.02 49.23
CA ASN G 122 18.51 3.47 47.90
C ASN G 122 19.24 4.45 46.98
N ILE G 123 19.02 5.75 47.16
CA ILE G 123 19.75 6.71 46.35
C ILE G 123 21.24 6.73 46.72
N ALA G 124 21.55 6.71 48.01
CA ALA G 124 22.93 6.88 48.46
C ALA G 124 23.74 5.60 48.27
N ALA G 125 23.14 4.43 48.57
CA ALA G 125 23.83 3.17 48.37
C ALA G 125 24.14 2.92 46.89
N GLY G 126 23.39 3.53 45.98
CA GLY G 126 23.66 3.40 44.57
C GLY G 126 22.88 2.30 43.86
N ARG G 127 21.77 1.84 44.45
CA ARG G 127 20.96 0.83 43.77
C ARG G 127 20.51 1.31 42.40
N THR G 128 20.27 2.62 42.27
CA THR G 128 19.90 3.25 41.01
C THR G 128 20.88 2.97 39.88
N LEU G 129 22.08 2.46 40.17
CA LEU G 129 23.06 2.19 39.14
C LEU G 129 22.84 0.84 38.46
N TRP G 130 22.03 -0.03 39.05
CA TRP G 130 21.70 -1.35 38.49
C TRP G 130 22.98 -2.10 38.12
N ARG G 131 23.08 -2.61 36.88
CA ARG G 131 24.22 -3.45 36.50
C ARG G 131 25.52 -2.66 36.46
N ASN G 132 25.47 -1.32 36.52
CA ASN G 132 26.71 -0.57 36.62
C ASN G 132 27.37 -0.70 37.98
N ARG G 133 26.76 -1.45 38.91
CA ARG G 133 27.40 -1.73 40.18
C ARG G 133 28.43 -2.86 40.07
N VAL G 134 28.16 -3.84 39.21
CA VAL G 134 29.03 -5.01 39.11
C VAL G 134 30.42 -4.59 38.68
N GLY G 135 31.43 -5.07 39.41
CA GLY G 135 32.81 -4.87 39.03
C GLY G 135 33.39 -3.52 39.37
N ALA G 136 32.85 -2.82 40.36
CA ALA G 136 33.35 -1.52 40.74
C ALA G 136 34.34 -1.65 41.89
N GLU G 137 35.52 -1.04 41.73
CA GLU G 137 36.50 -1.04 42.82
C GLU G 137 35.93 -0.34 44.05
N SER G 138 35.22 0.77 43.84
CA SER G 138 34.51 1.47 44.91
C SER G 138 33.47 2.38 44.28
N ILE G 139 32.31 2.47 44.93
CA ILE G 139 31.19 3.27 44.45
C ILE G 139 31.04 4.47 45.37
N GLU G 140 31.23 5.66 44.80
CA GLU G 140 31.16 6.91 45.62
C GLU G 140 29.97 7.76 45.17
N THR G 141 29.02 8.03 46.04
CA THR G 141 27.81 8.83 45.68
C THR G 141 27.88 10.20 46.32
N VAL G 142 27.60 11.26 45.56
CA VAL G 142 27.60 12.65 46.12
C VAL G 142 26.20 13.26 45.91
N ILE G 143 25.46 13.49 46.99
CA ILE G 143 24.11 14.10 46.90
C ILE G 143 24.15 15.53 47.45
N THR G 144 23.85 16.52 46.62
CA THR G 144 23.78 17.93 47.09
C THR G 144 22.31 18.29 47.31
N VAL G 145 21.98 18.83 48.49
CA VAL G 145 20.57 19.16 48.84
C VAL G 145 20.55 20.40 49.73
N ASN G 146 19.67 21.35 49.41
CA ASN G 146 19.53 22.58 50.24
C ASN G 146 20.92 23.17 50.53
N ASP G 147 21.70 23.42 49.49
CA ASP G 147 23.01 24.11 49.66
C ASP G 147 23.90 23.33 50.64
N GLN G 148 23.65 22.03 50.83
CA GLN G 148 24.53 21.19 51.68
C GLN G 148 24.98 19.99 50.84
N THR G 149 26.25 19.60 50.96
CA THR G 149 26.78 18.49 50.13
C THR G 149 27.13 17.29 51.02
N PHE G 150 26.61 16.11 50.68
CA PHE G 150 26.88 14.88 51.46
C PHE G 150 27.55 13.85 50.53
N THR G 151 28.64 13.23 50.99
CA THR G 151 29.33 12.19 50.19
C THR G 151 29.15 10.83 50.87
N PHE G 152 28.82 9.81 50.08
CA PHE G 152 28.58 8.46 50.64
C PHE G 152 29.47 7.44 49.94
N SER G 153 29.83 6.37 50.64
CA SER G 153 30.72 5.33 50.06
C SER G 153 30.47 4.01 50.79
N ASP G 154 30.92 2.90 50.24
CA ASP G 154 30.82 1.60 50.96
C ASP G 154 29.52 1.55 51.74
N LEU G 155 28.38 1.61 51.05
CA LEU G 155 27.09 1.46 51.75
C LEU G 155 26.49 0.14 51.27
N LEU G 156 25.96 -0.66 52.19
CA LEU G 156 25.37 -1.97 51.81
C LEU G 156 24.07 -1.71 51.06
N VAL G 157 23.90 -2.34 49.90
CA VAL G 157 22.74 -2.04 49.07
C VAL G 157 21.46 -2.65 49.66
N ASN G 158 21.51 -3.91 50.06
CA ASN G 158 20.30 -4.66 50.39
C ASN G 158 19.95 -4.63 51.88
N GLU G 159 20.69 -3.90 52.70
CA GLU G 159 20.35 -3.70 54.11
C GLU G 159 20.23 -2.21 54.37
N PHE G 160 19.17 -1.81 55.04
CA PHE G 160 18.96 -0.40 55.34
C PHE G 160 19.68 -0.01 56.64
N ASP G 161 21.00 -0.13 56.58
CA ASP G 161 21.84 0.19 57.72
C ASP G 161 21.76 1.67 58.05
N GLU G 162 21.74 1.99 59.34
CA GLU G 162 21.60 3.38 59.77
C GLU G 162 22.88 4.16 59.48
N ASP G 163 22.73 5.31 58.84
CA ASP G 163 23.82 6.23 58.57
C ASP G 163 23.32 7.63 58.88
N VAL G 164 24.17 8.46 59.48
CA VAL G 164 23.70 9.74 59.99
C VAL G 164 23.43 10.73 58.86
N ASP G 165 24.20 10.68 57.76
CA ASP G 165 23.96 11.59 56.66
C ASP G 165 22.67 11.23 55.91
N VAL G 166 22.45 9.93 55.69
CA VAL G 166 21.19 9.50 55.09
C VAL G 166 20.01 9.95 55.93
N ALA G 167 20.16 9.89 57.27
CA ALA G 167 19.08 10.32 58.15
C ALA G 167 18.87 11.83 58.06
N GLU G 168 19.95 12.61 57.98
CA GLU G 168 19.81 14.06 57.88
C GLU G 168 19.09 14.45 56.59
N ILE G 169 19.39 13.76 55.48
CA ILE G 169 18.71 14.08 54.22
C ILE G 169 17.26 13.59 54.25
N ALA G 170 17.06 12.36 54.72
CA ALA G 170 15.71 11.82 54.84
C ALA G 170 14.84 12.67 55.75
N ASP G 171 15.43 13.44 56.66
CA ASP G 171 14.64 14.37 57.45
C ASP G 171 13.91 15.36 56.57
N MET G 172 14.64 16.03 55.67
CA MET G 172 14.00 16.97 54.76
C MET G 172 13.03 16.26 53.82
N VAL G 173 13.42 15.08 53.34
CA VAL G 173 12.54 14.35 52.42
C VAL G 173 11.23 13.97 53.10
N ALA G 174 11.29 13.61 54.39
CA ALA G 174 10.09 13.26 55.13
C ALA G 174 9.26 14.50 55.46
N GLY G 175 9.94 15.62 55.74
CA GLY G 175 9.20 16.86 55.92
C GLY G 175 8.40 17.24 54.70
N VAL G 176 8.97 17.02 53.51
CA VAL G 176 8.23 17.32 52.28
C VAL G 176 7.13 16.28 52.05
N LEU G 177 7.46 15.00 52.16
CA LEU G 177 6.49 13.95 51.87
C LEU G 177 5.31 13.96 52.84
N SER G 178 5.57 14.30 54.11
CA SER G 178 4.52 14.39 55.11
C SER G 178 3.83 15.74 55.12
N GLY G 179 4.30 16.70 54.34
CA GLY G 179 3.67 18.00 54.26
C GLY G 179 3.40 18.43 52.83
N GLU G 180 3.85 19.63 52.49
CA GLU G 180 3.64 20.17 51.15
C GLU G 180 4.93 20.83 50.68
N GLY G 181 4.96 21.18 49.40
CA GLY G 181 6.15 21.73 48.80
C GLY G 181 6.96 20.68 48.10
N PHE G 182 8.28 20.86 48.02
CA PHE G 182 9.14 19.90 47.35
C PHE G 182 10.58 20.13 47.77
N VAL G 183 11.42 19.14 47.47
CA VAL G 183 12.86 19.26 47.69
C VAL G 183 13.59 18.43 46.63
N THR G 184 14.70 18.97 46.14
CA THR G 184 15.45 18.34 45.05
C THR G 184 16.82 17.90 45.55
N LEU G 185 17.11 16.60 45.43
CA LEU G 185 18.45 16.08 45.59
C LEU G 185 19.12 16.02 44.23
N LYS G 186 20.39 16.44 44.18
CA LYS G 186 21.20 16.40 42.96
C LYS G 186 22.29 15.35 43.16
N VAL G 187 22.23 14.28 42.37
CA VAL G 187 23.02 13.08 42.63
C VAL G 187 24.05 12.88 41.54
N GLU G 188 25.29 12.63 41.96
CA GLU G 188 26.37 12.13 41.12
C GLU G 188 26.82 10.77 41.65
N HIS G 189 27.19 9.89 40.73
CA HIS G 189 27.72 8.57 41.06
C HIS G 189 29.05 8.37 40.34
N TYR G 190 30.06 7.92 41.08
CA TYR G 190 31.36 7.58 40.52
C TYR G 190 31.63 6.10 40.76
N MET G 191 31.88 5.35 39.70
CA MET G 191 32.20 3.93 39.78
C MET G 191 33.54 3.68 39.12
N LEU G 192 34.48 3.09 39.88
CA LEU G 192 35.77 2.71 39.34
C LEU G 192 35.62 1.35 38.64
N LEU G 193 35.42 1.40 37.33
CA LEU G 193 35.21 0.19 36.53
C LEU G 193 36.42 -0.24 35.74
N GLY G 194 37.35 0.67 35.46
CA GLY G 194 38.50 0.35 34.66
C GLY G 194 38.36 0.86 33.25
N GLU G 195 39.50 1.19 32.64
CA GLU G 195 39.50 1.76 31.30
C GLU G 195 38.87 0.79 30.30
N GLY G 196 37.85 1.27 29.59
CA GLY G 196 37.23 0.50 28.54
C GLY G 196 36.09 -0.41 28.96
N SER G 197 35.68 -0.35 30.23
CA SER G 197 34.62 -1.24 30.69
C SER G 197 33.30 -0.93 30.02
N GLU G 198 32.48 -1.97 29.88
CA GLU G 198 31.14 -1.80 29.35
C GLU G 198 30.25 -1.09 30.38
N VAL G 199 29.52 -0.09 29.94
CA VAL G 199 28.50 0.54 30.76
C VAL G 199 27.15 0.05 30.28
N PHE G 200 26.11 0.27 31.10
CA PHE G 200 24.79 -0.32 30.87
C PHE G 200 23.72 0.78 30.86
N PRO G 201 23.53 1.44 29.72
CA PRO G 201 22.39 2.34 29.56
C PRO G 201 21.10 1.53 29.48
N SER G 202 19.98 2.26 29.55
CA SER G 202 18.69 1.60 29.46
C SER G 202 18.48 1.02 28.06
N GLN G 203 17.79 -0.12 28.01
CA GLN G 203 17.48 -0.78 26.75
C GLN G 203 16.13 -0.31 26.23
N GLU G 204 16.08 0.02 24.95
CA GLU G 204 14.85 0.46 24.32
C GLU G 204 14.11 -0.76 23.74
N PHE G 205 13.03 -0.49 23.01
CA PHE G 205 12.27 -1.49 22.28
C PHE G 205 12.47 -1.27 20.79
N VAL G 206 12.56 -2.34 20.03
CA VAL G 206 12.72 -2.23 18.59
C VAL G 206 12.21 -3.46 17.86
N GLU G 207 11.21 -3.27 16.98
CA GLU G 207 10.74 -4.30 16.06
C GLU G 207 10.90 -3.90 14.60
N ASN G 208 10.92 -2.59 14.29
CA ASN G 208 11.41 -2.13 13.00
C ASN G 208 12.71 -2.83 12.63
N SER G 209 13.55 -3.12 13.63
CA SER G 209 14.84 -3.78 13.43
C SER G 209 15.81 -3.02 12.52
N LYS G 210 16.71 -3.78 11.89
CA LYS G 210 18.02 -3.34 11.40
C LYS G 210 18.93 -3.13 12.61
N LEU G 211 18.33 -2.83 13.77
CA LEU G 211 18.93 -3.00 15.08
C LEU G 211 18.09 -4.00 15.86
N SER G 212 18.74 -5.01 16.44
CA SER G 212 18.03 -5.96 17.27
C SER G 212 18.02 -5.56 18.75
N LYS G 213 19.06 -4.86 19.18
CA LYS G 213 19.19 -4.37 20.54
C LYS G 213 19.53 -2.89 20.46
N GLN G 214 18.77 -2.07 21.16
CA GLN G 214 18.94 -0.62 21.08
C GLN G 214 19.13 -0.05 22.48
N LEU G 215 19.98 0.95 22.59
CA LEU G 215 20.26 1.61 23.86
C LEU G 215 19.63 2.99 23.90
N PHE G 216 19.28 3.43 25.10
CA PHE G 216 18.69 4.74 25.29
C PHE G 216 19.77 5.81 25.15
N ASP G 217 19.49 6.83 24.33
CA ASP G 217 20.45 7.89 24.08
C ASP G 217 19.75 9.23 24.02
N LEU G 218 20.46 10.27 24.45
CA LEU G 218 20.00 11.66 24.37
C LEU G 218 21.10 12.44 23.66
N ASN G 219 20.83 12.84 22.42
CA ASN G 219 21.86 13.41 21.54
C ASN G 219 23.04 12.46 21.39
N GLY G 220 22.72 11.17 21.27
CA GLY G 220 23.74 10.15 21.12
C GLY G 220 24.54 9.82 22.35
N GLN G 221 24.24 10.44 23.48
CA GLN G 221 24.93 10.14 24.74
C GLN G 221 24.15 9.11 25.52
N ALA G 222 24.86 8.07 25.98
CA ALA G 222 24.22 7.00 26.75
C ALA G 222 23.48 7.58 27.95
N ALA G 223 22.33 7.01 28.26
CA ALA G 223 21.48 7.55 29.32
C ALA G 223 20.61 6.44 29.90
N MET G 224 20.01 6.75 31.05
CA MET G 224 19.08 5.85 31.72
C MET G 224 17.73 6.52 31.86
N HIS G 225 16.67 5.76 31.56
CA HIS G 225 15.30 6.25 31.72
C HIS G 225 15.05 6.77 33.12
N ASP G 226 14.27 7.85 33.22
CA ASP G 226 13.87 8.33 34.53
C ASP G 226 13.10 7.26 35.30
N GLN G 227 12.30 6.45 34.60
CA GLN G 227 11.52 5.43 35.29
C GLN G 227 12.40 4.32 35.86
N LYS G 228 13.60 4.09 35.31
CA LYS G 228 14.46 3.05 35.85
C LYS G 228 15.06 3.47 37.19
N ILE G 229 15.63 4.67 37.24
CA ILE G 229 16.07 5.23 38.51
C ILE G 229 14.91 5.30 39.50
N GLY G 230 13.72 5.62 39.01
CA GLY G 230 12.55 5.64 39.88
C GLY G 230 12.27 4.28 40.50
N ASN G 231 12.15 3.24 39.66
CA ASN G 231 11.89 1.91 40.18
C ASN G 231 12.97 1.49 41.17
N ALA G 232 14.21 1.90 40.92
CA ALA G 232 15.28 1.63 41.87
C ALA G 232 14.99 2.29 43.23
N ILE G 233 14.65 3.58 43.21
CA ILE G 233 14.44 4.32 44.45
C ILE G 233 13.32 3.70 45.28
N ARG G 234 12.22 3.33 44.63
CA ARG G 234 11.04 2.83 45.33
C ARG G 234 11.20 1.42 45.85
N THR G 235 12.30 0.72 45.50
CA THR G 235 12.56 -0.61 46.04
C THR G 235 12.78 -0.55 47.54
N ILE G 236 11.70 -0.64 48.31
CA ILE G 236 11.75 -0.51 49.77
C ILE G 236 10.87 -1.56 50.41
N ASP G 237 10.07 -2.25 49.62
CA ASP G 237 9.08 -3.18 50.18
C ASP G 237 9.78 -4.40 50.76
N THR G 238 9.82 -4.48 52.08
CA THR G 238 10.29 -5.66 52.81
C THR G 238 9.19 -6.26 53.67
N TRP G 239 7.93 -6.01 53.33
CA TRP G 239 6.81 -6.37 54.18
C TRP G 239 5.85 -7.36 53.54
N TYR G 240 6.14 -7.85 52.34
CA TYR G 240 5.40 -8.97 51.80
C TYR G 240 5.67 -10.21 52.65
N GLU G 241 4.75 -11.17 52.59
CA GLU G 241 4.89 -12.35 53.43
C GLU G 241 6.06 -13.20 52.95
N ASP G 242 6.83 -13.74 53.91
CA ASP G 242 8.11 -14.39 53.65
C ASP G 242 9.06 -13.47 52.89
N ALA G 243 9.21 -12.24 53.40
CA ALA G 243 10.06 -11.25 52.75
C ALA G 243 11.53 -11.59 52.95
N THR G 244 12.31 -11.41 51.89
CA THR G 244 13.74 -11.67 51.89
C THR G 244 14.56 -10.43 51.54
N THR G 245 14.29 -9.81 50.41
CA THR G 245 14.99 -8.63 49.93
C THR G 245 13.99 -7.54 49.61
N PRO G 246 14.40 -6.28 49.65
CA PRO G 246 13.49 -5.20 49.24
C PRO G 246 13.12 -5.35 47.78
N ILE G 247 11.83 -5.15 47.49
CA ILE G 247 11.32 -5.16 46.14
C ILE G 247 10.65 -3.82 45.85
N ALA G 248 10.37 -3.59 44.57
CA ALA G 248 9.71 -2.35 44.17
C ALA G 248 8.28 -2.32 44.70
N VAL G 249 7.86 -1.15 45.18
CA VAL G 249 6.51 -0.96 45.67
C VAL G 249 5.56 -1.05 44.47
N GLU G 250 4.75 -2.10 44.43
CA GLU G 250 3.76 -2.30 43.39
C GLU G 250 2.46 -2.73 44.04
N PRO G 251 1.31 -2.34 43.48
CA PRO G 251 0.02 -2.75 44.07
C PRO G 251 -0.11 -4.26 44.30
N TYR G 252 0.45 -5.09 43.42
CA TYR G 252 0.44 -6.53 43.61
C TYR G 252 1.82 -7.09 43.93
N GLY G 253 2.77 -6.22 44.30
CA GLY G 253 4.13 -6.67 44.56
C GLY G 253 4.78 -7.36 43.37
N SER G 254 4.39 -7.00 42.16
CA SER G 254 4.81 -7.72 40.97
C SER G 254 6.29 -7.48 40.67
N VAL G 255 7.01 -8.56 40.41
CA VAL G 255 8.34 -8.49 39.84
C VAL G 255 8.29 -9.29 38.53
N VAL G 256 8.05 -8.59 37.42
CA VAL G 256 7.86 -9.27 36.14
C VAL G 256 9.13 -9.98 35.68
N ARG G 257 10.29 -9.53 36.16
CA ARG G 257 11.54 -10.16 35.76
C ARG G 257 11.62 -11.62 36.19
N ASN G 258 11.06 -11.95 37.35
CA ASN G 258 11.01 -13.33 37.81
C ASN G 258 9.63 -13.94 37.66
N GLY G 259 8.72 -13.28 36.95
CA GLY G 259 7.41 -13.83 36.67
C GLY G 259 6.57 -14.13 37.89
N VAL G 260 6.84 -13.46 39.01
CA VAL G 260 6.15 -13.73 40.27
C VAL G 260 5.56 -12.44 40.82
N ALA G 261 4.60 -12.60 41.72
CA ALA G 261 3.93 -11.48 42.40
C ALA G 261 3.83 -11.83 43.88
N TYR G 262 4.75 -11.27 44.68
CA TYR G 262 4.82 -11.61 46.10
C TYR G 262 3.66 -11.05 46.91
N ARG G 263 2.64 -10.46 46.27
CA ARG G 263 1.48 -9.91 46.97
C ARG G 263 0.19 -10.25 46.25
N ALA G 264 0.16 -11.38 45.54
CA ALA G 264 -1.00 -11.75 44.74
C ALA G 264 -1.84 -12.80 45.46
N GLY G 265 -3.13 -12.50 45.63
CA GLY G 265 -4.10 -13.49 46.05
C GLY G 265 -3.98 -13.96 47.49
N ASN G 266 -3.50 -13.11 48.40
CA ASN G 266 -3.40 -13.47 49.81
C ASN G 266 -3.88 -12.34 50.71
N LYS G 267 -4.72 -11.45 50.19
CA LYS G 267 -5.30 -10.33 50.94
C LYS G 267 -4.23 -9.42 51.53
N THR G 268 -3.11 -9.26 50.82
CA THR G 268 -2.04 -8.36 51.25
C THR G 268 -1.65 -7.39 50.15
N ASP G 269 -2.51 -7.19 49.15
CA ASP G 269 -2.24 -6.27 48.05
C ASP G 269 -2.73 -4.87 48.41
N LEU G 270 -2.48 -3.92 47.50
CA LEU G 270 -2.83 -2.53 47.76
C LEU G 270 -4.33 -2.34 47.86
N PHE G 271 -5.10 -3.03 47.00
CA PHE G 271 -6.53 -2.77 46.95
C PHE G 271 -7.27 -3.35 48.14
N THR G 272 -6.89 -4.56 48.57
CA THR G 272 -7.48 -5.13 49.77
C THR G 272 -7.19 -4.26 50.98
N LEU G 273 -5.93 -3.87 51.16
CA LEU G 273 -5.56 -3.00 52.28
C LEU G 273 -6.25 -1.65 52.20
N MET G 274 -6.45 -1.14 50.98
CA MET G 274 -7.10 0.17 50.81
C MET G 274 -8.57 0.10 51.21
N ASP G 275 -9.29 -0.90 50.71
CA ASP G 275 -10.67 -1.10 51.12
C ASP G 275 -10.79 -1.33 52.62
N GLY G 276 -9.79 -2.00 53.20
CA GLY G 276 -9.79 -2.17 54.65
C GLY G 276 -9.63 -0.85 55.39
N ALA G 277 -8.61 -0.07 55.01
CA ALA G 277 -8.33 1.18 55.70
C ALA G 277 -9.49 2.16 55.58
N VAL G 278 -10.12 2.20 54.42
CA VAL G 278 -11.23 3.15 54.23
C VAL G 278 -12.44 2.72 55.04
N ASN G 279 -12.75 1.43 55.05
CA ASN G 279 -14.01 0.94 55.65
C ASN G 279 -13.85 0.50 57.09
N GLY G 280 -13.10 1.23 57.90
CA GLY G 280 -13.06 1.03 59.33
C GLY G 280 -11.93 0.14 59.82
N LYS G 281 -11.54 -0.87 59.05
CA LYS G 281 -10.49 -1.79 59.48
C LYS G 281 -9.17 -1.04 59.69
N SER G 282 -8.37 -1.53 60.63
CA SER G 282 -7.11 -0.91 61.00
C SER G 282 -5.95 -1.58 60.27
N LEU G 283 -4.90 -0.79 60.01
CA LEU G 283 -3.73 -1.25 59.31
C LEU G 283 -2.53 -1.27 60.24
N THR G 284 -1.64 -2.24 60.02
CA THR G 284 -0.36 -2.24 60.71
C THR G 284 0.49 -1.07 60.22
N GLU G 285 1.54 -0.76 60.98
CA GLU G 285 2.50 0.23 60.53
C GLU G 285 3.08 -0.15 59.17
N GLU G 286 3.34 -1.45 58.97
CA GLU G 286 3.85 -1.91 57.69
C GLU G 286 2.84 -1.70 56.57
N ASP G 287 1.56 -2.01 56.84
CA ASP G 287 0.53 -1.80 55.82
C ASP G 287 0.31 -0.31 55.55
N GLN G 288 0.38 0.52 56.60
CA GLN G 288 0.32 1.96 56.39
C GLN G 288 1.43 2.42 55.46
N MET G 289 2.67 2.01 55.75
CA MET G 289 3.79 2.42 54.91
C MET G 289 3.64 1.92 53.49
N PHE G 290 3.12 0.71 53.32
CA PHE G 290 2.94 0.16 51.98
C PHE G 290 1.91 0.96 51.19
N VAL G 291 0.76 1.24 51.79
CA VAL G 291 -0.29 1.98 51.07
C VAL G 291 0.17 3.39 50.78
N THR G 292 0.86 4.03 51.73
CA THR G 292 1.36 5.38 51.48
C THR G 292 2.42 5.39 50.37
N ALA G 293 3.30 4.39 50.35
CA ALA G 293 4.29 4.33 49.28
C ALA G 293 3.63 4.06 47.94
N ASN G 294 2.51 3.33 47.92
CA ASN G 294 1.77 3.18 46.68
C ASN G 294 1.18 4.51 46.23
N LEU G 295 0.66 5.29 47.17
CA LEU G 295 0.14 6.62 46.81
C LEU G 295 1.25 7.54 46.34
N ILE G 296 2.46 7.37 46.87
CA ILE G 296 3.59 8.18 46.42
C ILE G 296 4.06 7.73 45.04
N ARG G 297 3.94 6.43 44.74
CA ARG G 297 4.28 5.96 43.41
C ARG G 297 3.32 6.50 42.36
N GLY G 298 2.07 6.73 42.74
CA GLY G 298 1.04 7.06 41.78
C GLY G 298 0.53 5.82 41.07
N GLY G 299 -0.55 6.00 40.34
CA GLY G 299 -1.15 4.90 39.62
C GLY G 299 -2.65 5.06 39.53
N VAL G 300 -3.26 4.13 38.82
CA VAL G 300 -4.70 4.14 38.59
C VAL G 300 -5.31 3.08 39.52
N PHE G 301 -6.23 3.49 40.38
CA PHE G 301 -6.78 2.64 41.43
C PHE G 301 -8.30 2.70 41.37
N GLY G 302 -8.89 2.23 40.26
CA GLY G 302 -10.30 2.34 40.05
C GLY G 302 -10.94 1.01 39.75
N GLY G 303 -12.27 0.97 39.92
CA GLY G 303 -13.04 -0.24 39.67
C GLY G 303 -13.21 -0.55 38.19
N MET H 1 6.82 -33.62 45.80
CA MET H 1 7.41 -34.75 46.49
C MET H 1 8.43 -35.49 45.63
N THR H 2 8.60 -35.04 44.39
CA THR H 2 9.50 -35.73 43.45
C THR H 2 10.26 -34.77 42.54
N LYS H 3 9.69 -34.47 41.37
CA LYS H 3 10.40 -33.86 40.26
C LYS H 3 10.84 -32.43 40.59
N LEU H 4 11.71 -31.89 39.72
CA LEU H 4 12.19 -30.52 39.85
C LEU H 4 12.67 -30.04 38.48
N LYS H 5 11.92 -29.13 37.89
CA LYS H 5 12.26 -28.52 36.61
C LYS H 5 12.97 -27.18 36.85
N ALA H 6 13.39 -26.54 35.74
CA ALA H 6 14.08 -25.27 35.87
C ALA H 6 13.13 -24.11 35.59
N PRO H 7 13.37 -22.96 36.21
CA PRO H 7 12.55 -21.77 35.93
C PRO H 7 12.56 -21.41 34.46
N ALA H 8 11.51 -20.69 34.05
CA ALA H 8 11.36 -20.35 32.63
C ALA H 8 12.41 -19.33 32.19
N VAL H 9 12.77 -18.40 33.07
CA VAL H 9 13.73 -17.36 32.74
C VAL H 9 14.98 -17.52 33.58
N LEU H 10 15.46 -18.75 33.73
CA LEU H 10 16.75 -18.98 34.36
C LEU H 10 17.85 -18.42 33.47
N ALA H 11 18.57 -17.42 33.97
CA ALA H 11 19.60 -16.76 33.18
C ALA H 11 20.78 -16.41 34.08
N TYR H 12 21.97 -16.46 33.49
CA TYR H 12 23.21 -16.13 34.19
C TYR H 12 23.91 -15.00 33.45
N SER H 13 24.50 -14.09 34.21
CA SER H 13 25.28 -13.01 33.61
C SER H 13 26.68 -13.50 33.27
N ARG H 14 27.25 -12.96 32.21
CA ARG H 14 28.61 -13.34 31.83
C ARG H 14 29.58 -12.93 32.92
N LYS H 15 30.61 -13.75 33.12
CA LYS H 15 31.58 -13.51 34.18
C LYS H 15 32.98 -13.20 33.66
N ILE H 16 33.30 -13.57 32.42
CA ILE H 16 34.54 -13.16 31.76
C ILE H 16 34.20 -11.98 30.87
N ASN H 17 34.60 -10.77 31.29
CA ASN H 17 34.21 -9.54 30.60
C ASN H 17 35.45 -8.91 29.96
N PRO H 18 35.71 -9.17 28.69
CA PRO H 18 36.76 -8.43 27.99
C PRO H 18 36.24 -7.13 27.42
N THR H 19 37.11 -6.12 27.41
CA THR H 19 36.79 -4.88 26.72
C THR H 19 37.02 -5.06 25.23
N ASN H 20 36.78 -4.01 24.46
CA ASN H 20 37.17 -4.02 23.06
C ASN H 20 38.68 -3.89 22.95
N ALA H 21 39.23 -4.42 21.87
CA ALA H 21 40.68 -4.40 21.63
C ALA H 21 41.03 -3.31 20.64
N LEU H 22 41.99 -2.47 21.00
CA LEU H 22 42.50 -1.43 20.11
C LEU H 22 43.80 -1.87 19.46
N MET H 23 44.04 -1.39 18.24
CA MET H 23 45.16 -1.82 17.41
C MET H 23 46.06 -0.62 17.11
N PHE H 24 47.34 -0.75 17.44
CA PHE H 24 48.36 0.26 17.27
C PHE H 24 49.52 -0.32 16.50
N ALA H 25 50.47 0.56 16.13
CA ALA H 25 51.70 0.15 15.49
C ALA H 25 52.88 0.71 16.26
N VAL H 26 53.88 -0.14 16.51
CA VAL H 26 55.12 0.25 17.15
C VAL H 26 56.27 -0.43 16.41
N ASN H 27 57.49 -0.10 16.80
CA ASN H 27 58.65 -0.87 16.40
C ASN H 27 59.05 -1.80 17.54
N TRP H 28 59.58 -2.97 17.17
CA TRP H 28 59.83 -3.99 18.18
C TRP H 28 60.82 -3.53 19.24
N SER H 29 61.74 -2.63 18.88
CA SER H 29 62.71 -2.07 19.82
C SER H 29 62.41 -0.61 20.15
N ASP H 30 61.13 -0.20 20.05
CA ASP H 30 60.68 1.19 20.25
C ASP H 30 59.19 1.11 20.60
N ARG H 31 58.89 0.48 21.74
CA ARG H 31 57.52 0.21 22.14
C ARG H 31 56.85 1.39 22.85
N ASP H 32 57.55 2.51 23.02
CA ASP H 32 56.95 3.68 23.64
C ASP H 32 56.37 4.66 22.63
N ASN H 33 56.83 4.64 21.38
CA ASN H 33 56.29 5.50 20.33
C ASN H 33 55.17 4.77 19.62
N THR H 34 54.01 4.74 20.28
CA THR H 34 52.83 4.09 19.72
C THR H 34 52.12 5.02 18.75
N THR H 35 51.58 4.45 17.68
CA THR H 35 50.75 5.18 16.73
C THR H 35 49.52 4.35 16.42
N ALA H 36 48.40 5.02 16.23
CA ALA H 36 47.12 4.34 16.06
C ALA H 36 46.97 3.79 14.65
N VAL H 37 46.46 2.56 14.56
CA VAL H 37 46.13 1.95 13.27
C VAL H 37 44.75 2.42 12.85
N MET H 38 44.68 3.17 11.74
CA MET H 38 43.42 3.70 11.26
C MET H 38 42.78 2.77 10.25
N VAL H 39 41.45 2.65 10.32
CA VAL H 39 40.74 1.85 9.33
C VAL H 39 40.76 2.59 7.99
N GLY H 40 40.80 1.81 6.91
CA GLY H 40 41.02 2.35 5.57
C GLY H 40 39.77 2.25 4.72
N THR H 41 39.44 3.35 4.06
CA THR H 41 38.33 3.42 3.12
C THR H 41 38.88 3.77 1.74
N LYS H 42 38.72 2.87 0.78
CA LYS H 42 38.95 3.21 -0.62
C LYS H 42 38.00 2.38 -1.47
N THR H 43 37.76 2.86 -2.68
CA THR H 43 36.57 2.50 -3.44
C THR H 43 36.83 1.38 -4.46
N VAL H 44 35.80 0.56 -4.65
CA VAL H 44 35.67 -0.31 -5.82
C VAL H 44 34.18 -0.41 -6.13
N ALA H 45 33.84 -0.32 -7.41
CA ALA H 45 32.45 -0.23 -7.87
C ALA H 45 31.69 0.88 -7.16
N THR H 64 32.53 -0.38 -2.36
CA THR H 64 33.59 0.21 -1.55
C THR H 64 33.81 -0.59 -0.27
N VAL H 65 35.03 -1.09 -0.08
CA VAL H 65 35.36 -1.98 1.02
C VAL H 65 36.41 -1.33 1.91
N ASN H 66 36.60 -1.92 3.09
CA ASN H 66 37.54 -1.41 4.08
C ASN H 66 38.83 -2.21 4.10
N PHE H 67 39.88 -1.58 4.61
CA PHE H 67 41.16 -2.25 4.81
C PHE H 67 41.80 -1.71 6.07
N ALA H 68 42.84 -2.39 6.54
CA ALA H 68 43.59 -1.94 7.71
C ALA H 68 45.02 -2.45 7.59
N ASN H 69 45.98 -1.53 7.47
CA ASN H 69 47.37 -1.87 7.28
C ASN H 69 48.23 -1.24 8.37
N LEU H 70 49.44 -1.79 8.54
CA LEU H 70 50.46 -1.13 9.33
C LEU H 70 51.09 0.00 8.52
N PRO H 71 51.54 1.06 9.18
CA PRO H 71 52.24 2.13 8.46
C PRO H 71 53.53 1.61 7.83
N HIS H 72 54.06 2.38 6.90
CA HIS H 72 55.26 1.97 6.19
C HIS H 72 56.54 2.29 6.95
N ASN H 73 56.45 2.67 8.23
CA ASN H 73 57.62 2.93 9.04
C ASN H 73 57.53 2.26 10.41
N LYS H 74 56.60 1.32 10.60
CA LYS H 74 56.49 0.54 11.82
C LYS H 74 56.29 -0.93 11.45
N ASN H 75 56.82 -1.82 12.28
CA ASN H 75 56.90 -3.24 11.95
C ASN H 75 56.23 -4.17 12.93
N THR H 76 55.63 -3.65 14.01
CA THR H 76 55.02 -4.48 15.04
C THR H 76 53.60 -4.03 15.32
N LEU H 77 52.67 -4.96 15.26
CA LEU H 77 51.29 -4.70 15.64
C LEU H 77 51.13 -4.84 17.15
N LEU H 78 50.39 -3.90 17.75
CA LEU H 78 50.16 -3.88 19.19
C LEU H 78 48.66 -3.90 19.45
N VAL H 79 48.19 -4.95 20.12
CA VAL H 79 46.77 -5.11 20.44
C VAL H 79 46.61 -4.95 21.94
N LYS H 80 45.86 -3.93 22.36
CA LYS H 80 45.62 -3.66 23.77
C LYS H 80 44.17 -3.95 24.12
N TYR H 81 43.96 -4.58 25.27
CA TYR H 81 42.61 -4.76 25.81
C TYR H 81 42.70 -5.11 27.29
N ASN H 82 41.57 -5.47 27.89
CA ASN H 82 41.51 -5.83 29.30
C ASN H 82 40.44 -6.91 29.47
N VAL H 83 40.59 -7.70 30.53
CA VAL H 83 39.63 -8.76 30.85
C VAL H 83 39.37 -8.72 32.35
N LYS H 84 38.10 -8.60 32.74
CA LYS H 84 37.69 -8.59 34.14
C LYS H 84 36.99 -9.90 34.46
N PHE H 85 37.48 -10.60 35.47
CA PHE H 85 36.87 -11.83 35.95
C PHE H 85 36.05 -11.52 37.20
N VAL H 86 34.80 -11.98 37.21
CA VAL H 86 33.81 -11.63 38.22
C VAL H 86 33.34 -12.92 38.90
N GLY H 87 33.26 -12.88 40.23
CA GLY H 87 32.92 -14.06 41.00
C GLY H 87 31.43 -14.31 41.12
N ASP H 88 31.05 -15.06 42.16
CA ASP H 88 29.66 -15.43 42.42
C ASP H 88 29.02 -16.09 41.20
N VAL H 89 29.77 -16.97 40.55
CA VAL H 89 29.36 -17.50 39.25
C VAL H 89 28.10 -18.35 39.31
N PHE H 90 27.60 -18.66 40.51
CA PHE H 90 26.40 -19.47 40.64
C PHE H 90 25.15 -18.66 40.95
N LYS H 91 25.30 -17.40 41.39
CA LYS H 91 24.16 -16.55 41.64
C LYS H 91 23.52 -16.15 40.31
N ALA H 92 22.33 -16.68 40.05
CA ALA H 92 21.67 -16.46 38.77
C ALA H 92 21.24 -15.00 38.62
N GLU H 93 21.05 -14.59 37.37
CA GLU H 93 20.61 -13.24 37.05
C GLU H 93 19.09 -13.11 37.12
N LEU H 94 18.37 -14.11 36.65
CA LEU H 94 16.91 -14.14 36.78
C LEU H 94 16.37 -15.47 37.30
N GLY H 95 17.16 -16.54 37.29
CA GLY H 95 16.68 -17.80 37.83
C GLY H 95 16.31 -17.69 39.29
N GLY H 96 15.40 -18.57 39.71
CA GLY H 96 14.86 -18.51 41.06
C GLY H 96 15.84 -18.94 42.14
N GLY H 97 15.36 -19.74 43.10
CA GLY H 97 16.19 -20.14 44.20
C GLY H 97 16.54 -21.61 44.22
N GLU H 98 15.51 -22.47 44.24
CA GLU H 98 15.73 -23.89 44.51
C GLU H 98 16.61 -24.53 43.44
N TYR H 99 16.18 -24.45 42.17
CA TYR H 99 16.93 -25.10 41.10
C TYR H 99 18.36 -24.59 41.05
N SER H 100 18.52 -23.26 41.04
CA SER H 100 19.86 -22.68 40.90
C SER H 100 20.73 -22.99 42.12
N ASN H 101 20.15 -22.97 43.32
CA ASN H 101 20.95 -23.24 44.51
C ASN H 101 21.35 -24.70 44.62
N THR H 102 20.45 -25.63 44.26
CA THR H 102 20.82 -27.03 44.28
C THR H 102 21.83 -27.37 43.18
N LEU H 103 21.76 -26.67 42.04
CA LEU H 103 22.81 -26.82 41.04
C LEU H 103 24.12 -26.26 41.53
N GLN H 104 24.08 -25.15 42.26
CA GLN H 104 25.30 -24.61 42.89
C GLN H 104 25.91 -25.60 43.86
N THR H 105 25.06 -26.29 44.64
CA THR H 105 25.56 -27.32 45.55
C THR H 105 26.16 -28.50 44.78
N ALA H 106 25.49 -28.92 43.70
CA ALA H 106 25.97 -30.05 42.92
C ALA H 106 27.27 -29.76 42.17
N LEU H 107 27.69 -28.50 42.08
CA LEU H 107 28.89 -28.14 41.33
C LEU H 107 29.96 -27.50 42.21
N GLU H 108 29.81 -27.55 43.53
CA GLU H 108 30.78 -26.89 44.40
C GLU H 108 32.14 -27.57 44.38
N ASN H 109 32.21 -28.83 43.94
CA ASN H 109 33.47 -29.55 43.84
C ASN H 109 34.02 -29.53 42.41
N THR H 110 33.80 -28.45 41.68
CA THR H 110 34.30 -28.32 40.32
C THR H 110 35.75 -27.88 40.35
N ASP H 111 36.56 -28.43 39.43
CA ASP H 111 37.97 -28.08 39.33
C ASP H 111 38.12 -26.68 38.74
N PHE H 112 38.08 -25.66 39.61
CA PHE H 112 38.20 -24.28 39.14
C PHE H 112 39.63 -23.96 38.73
N GLY H 113 40.62 -24.65 39.29
CA GLY H 113 42.00 -24.38 38.91
C GLY H 113 42.25 -24.59 37.44
N THR H 114 41.72 -25.69 36.88
CA THR H 114 41.90 -25.98 35.46
C THR H 114 41.21 -24.93 34.58
N LEU H 115 39.96 -24.57 34.93
CA LEU H 115 39.24 -23.56 34.17
C LEU H 115 40.00 -22.24 34.14
N ALA H 116 40.45 -21.79 35.32
CA ALA H 116 41.22 -20.55 35.39
C ALA H 116 42.50 -20.66 34.57
N TYR H 117 43.19 -21.80 34.66
CA TYR H 117 44.43 -21.97 33.92
C TYR H 117 44.20 -21.85 32.42
N ARG H 118 43.16 -22.52 31.92
CA ARG H 118 42.93 -22.52 30.48
C ARG H 118 42.49 -21.15 29.99
N TYR H 119 41.62 -20.46 30.75
CA TYR H 119 41.24 -19.10 30.39
C TYR H 119 42.48 -18.19 30.31
N VAL H 120 43.26 -18.15 31.40
CA VAL H 120 44.40 -17.24 31.44
C VAL H 120 45.45 -17.63 30.39
N TYR H 121 45.54 -18.92 30.06
CA TYR H 121 46.51 -19.33 29.05
C TYR H 121 46.07 -18.88 27.66
N ASN H 122 44.81 -19.11 27.31
CA ASN H 122 44.27 -18.56 26.07
C ASN H 122 44.53 -17.07 25.98
N ILE H 123 44.48 -16.37 27.11
CA ILE H 123 44.82 -14.96 27.11
C ILE H 123 46.31 -14.76 26.82
N ALA H 124 47.16 -15.53 27.50
CA ALA H 124 48.61 -15.33 27.42
C ALA H 124 49.20 -15.87 26.12
N ALA H 125 48.69 -17.02 25.66
CA ALA H 125 49.18 -17.60 24.41
C ALA H 125 48.78 -16.76 23.20
N GLY H 126 47.82 -15.86 23.35
CA GLY H 126 47.44 -14.97 22.27
C GLY H 126 46.46 -15.54 21.28
N ARG H 127 45.62 -16.50 21.70
CA ARG H 127 44.59 -17.00 20.79
C ARG H 127 43.65 -15.88 20.37
N THR H 128 43.38 -14.92 21.28
CA THR H 128 42.54 -13.77 21.01
C THR H 128 43.00 -12.94 19.82
N LEU H 129 44.22 -13.14 19.32
CA LEU H 129 44.69 -12.39 18.17
C LEU H 129 44.15 -12.94 16.85
N TRP H 130 43.70 -14.20 16.82
CA TRP H 130 43.18 -14.84 15.62
C TRP H 130 44.12 -14.65 14.42
N ARG H 131 43.63 -14.01 13.35
CA ARG H 131 44.42 -13.85 12.14
C ARG H 131 45.68 -13.03 12.35
N ASN H 132 45.78 -12.28 13.44
CA ASN H 132 46.92 -11.40 13.63
C ASN H 132 48.17 -12.13 14.10
N ARG H 133 48.03 -13.34 14.65
CA ARG H 133 49.19 -14.12 15.06
C ARG H 133 49.80 -14.92 13.92
N VAL H 134 49.05 -15.13 12.84
CA VAL H 134 49.53 -15.93 11.71
C VAL H 134 50.61 -15.14 10.96
N GLY H 135 51.78 -15.74 10.82
CA GLY H 135 52.87 -15.10 10.08
C GLY H 135 53.70 -14.15 10.90
N ALA H 136 53.78 -14.34 12.21
CA ALA H 136 54.50 -13.42 13.09
C ALA H 136 55.91 -13.94 13.34
N GLU H 137 56.90 -13.06 13.17
CA GLU H 137 58.27 -13.42 13.49
C GLU H 137 58.42 -13.78 14.96
N SER H 138 57.80 -13.00 15.85
CA SER H 138 57.81 -13.27 17.28
C SER H 138 56.62 -12.57 17.92
N ILE H 139 56.10 -13.17 18.99
CA ILE H 139 54.92 -12.66 19.68
C ILE H 139 55.24 -12.52 21.16
N GLU H 140 54.78 -11.43 21.76
CA GLU H 140 55.05 -11.15 23.17
C GLU H 140 53.79 -10.59 23.82
N THR H 141 53.33 -11.24 24.89
CA THR H 141 52.17 -10.82 25.65
C THR H 141 52.63 -10.22 26.98
N VAL H 142 52.09 -9.05 27.33
CA VAL H 142 52.44 -8.34 28.56
C VAL H 142 51.16 -8.15 29.36
N ILE H 143 51.10 -8.77 30.54
CA ILE H 143 49.88 -8.78 31.37
C ILE H 143 50.16 -8.08 32.69
N THR H 144 49.31 -7.10 33.03
CA THR H 144 49.37 -6.43 34.32
C THR H 144 48.19 -6.89 35.17
N VAL H 145 48.45 -7.21 36.44
CA VAL H 145 47.38 -7.59 37.35
C VAL H 145 47.86 -7.43 38.79
N ASN H 146 47.09 -6.68 39.58
CA ASN H 146 47.40 -6.43 40.99
C ASN H 146 48.83 -5.89 41.16
N ASP H 147 49.16 -4.90 40.34
CA ASP H 147 50.46 -4.23 40.35
C ASP H 147 51.62 -5.19 40.02
N GLN H 148 51.33 -6.37 39.50
CA GLN H 148 52.34 -7.33 39.09
C GLN H 148 52.35 -7.45 37.57
N THR H 149 53.54 -7.39 36.98
CA THR H 149 53.70 -7.47 35.53
C THR H 149 54.29 -8.81 35.13
N PHE H 150 53.70 -9.44 34.12
CA PHE H 150 54.13 -10.72 33.60
C PHE H 150 54.39 -10.58 32.10
N THR H 151 55.41 -11.28 31.62
CA THR H 151 55.73 -11.30 30.20
C THR H 151 55.76 -12.75 29.71
N PHE H 152 55.20 -12.97 28.53
CA PHE H 152 55.15 -14.27 27.88
C PHE H 152 55.64 -14.10 26.44
N SER H 153 56.46 -15.03 25.98
CA SER H 153 57.09 -14.92 24.67
C SER H 153 56.89 -16.20 23.89
N ASP H 154 56.30 -16.08 22.69
CA ASP H 154 56.24 -17.15 21.69
C ASP H 154 55.68 -18.44 22.27
N LEU H 155 54.64 -18.33 23.09
CA LEU H 155 53.98 -19.52 23.61
C LEU H 155 53.25 -20.25 22.49
N LEU H 156 52.98 -21.53 22.72
CA LEU H 156 52.23 -22.35 21.79
C LEU H 156 50.75 -22.25 22.10
N VAL H 157 49.93 -22.14 21.06
CA VAL H 157 48.50 -21.92 21.25
C VAL H 157 47.73 -23.23 21.35
N ASN H 158 48.07 -24.21 20.54
CA ASN H 158 47.24 -25.40 20.36
C ASN H 158 47.34 -26.41 21.51
N GLU H 159 48.23 -26.19 22.47
CA GLU H 159 48.32 -27.00 23.67
C GLU H 159 48.41 -26.09 24.89
N PHE H 160 47.94 -26.59 26.03
CA PHE H 160 48.04 -25.86 27.29
C PHE H 160 49.36 -26.20 27.97
N ASP H 161 50.42 -25.56 27.48
CA ASP H 161 51.75 -25.80 28.03
C ASP H 161 51.85 -25.27 29.45
N GLU H 162 52.80 -25.83 30.20
CA GLU H 162 53.00 -25.49 31.61
C GLU H 162 53.91 -24.27 31.72
N ASP H 163 53.40 -23.20 32.32
CA ASP H 163 54.18 -22.01 32.61
C ASP H 163 53.87 -21.59 34.04
N VAL H 164 54.91 -21.19 34.78
CA VAL H 164 54.70 -20.84 36.18
C VAL H 164 53.96 -19.51 36.30
N ASP H 165 54.13 -18.61 35.33
CA ASP H 165 53.44 -17.32 35.40
C ASP H 165 51.96 -17.47 35.07
N VAL H 166 51.62 -18.34 34.11
CA VAL H 166 50.22 -18.60 33.79
C VAL H 166 49.51 -19.15 35.00
N ALA H 167 50.11 -20.13 35.68
CA ALA H 167 49.50 -20.67 36.89
C ALA H 167 49.46 -19.63 38.01
N GLU H 168 50.47 -18.75 38.08
CA GLU H 168 50.48 -17.72 39.12
C GLU H 168 49.32 -16.75 38.95
N ILE H 169 48.98 -16.41 37.70
CA ILE H 169 47.85 -15.51 37.45
C ILE H 169 46.52 -16.25 37.56
N ALA H 170 46.47 -17.49 37.06
CA ALA H 170 45.27 -18.30 37.16
C ALA H 170 44.93 -18.63 38.61
N ASP H 171 45.89 -18.55 39.53
CA ASP H 171 45.56 -18.71 40.93
C ASP H 171 44.64 -17.59 41.41
N MET H 172 44.99 -16.34 41.11
CA MET H 172 44.12 -15.22 41.45
C MET H 172 42.78 -15.35 40.73
N VAL H 173 42.81 -15.73 39.46
CA VAL H 173 41.56 -15.86 38.70
C VAL H 173 40.66 -16.92 39.30
N ALA H 174 41.23 -18.06 39.71
CA ALA H 174 40.44 -19.13 40.31
C ALA H 174 39.95 -18.76 41.70
N GLY H 175 40.72 -17.95 42.42
CA GLY H 175 40.22 -17.41 43.67
C GLY H 175 39.00 -16.54 43.48
N VAL H 176 38.99 -15.73 42.42
CA VAL H 176 37.82 -14.90 42.13
C VAL H 176 36.64 -15.77 41.71
N LEU H 177 36.86 -16.66 40.73
CA LEU H 177 35.76 -17.43 40.16
C LEU H 177 35.10 -18.33 41.20
N SER H 178 35.90 -18.97 42.05
CA SER H 178 35.37 -19.87 43.06
C SER H 178 34.75 -19.14 44.25
N GLY H 179 34.88 -17.81 44.31
CA GLY H 179 34.34 -17.06 45.42
C GLY H 179 33.65 -15.77 45.01
N GLU H 180 34.17 -14.65 45.50
CA GLU H 180 33.54 -13.35 45.32
C GLU H 180 34.59 -12.33 44.88
N GLY H 181 34.10 -11.19 44.41
CA GLY H 181 34.96 -10.12 43.96
C GLY H 181 35.21 -10.16 42.47
N PHE H 182 36.32 -9.54 42.07
CA PHE H 182 36.71 -9.49 40.67
C PHE H 182 38.19 -9.15 40.59
N VAL H 183 38.74 -9.33 39.40
CA VAL H 183 40.14 -9.00 39.14
C VAL H 183 40.31 -8.67 37.66
N THR H 184 41.19 -7.72 37.36
CA THR H 184 41.34 -7.16 36.02
C THR H 184 42.74 -7.44 35.47
N LEU H 185 42.81 -8.23 34.41
CA LEU H 185 44.05 -8.44 33.66
C LEU H 185 44.11 -7.43 32.53
N LYS H 186 45.16 -6.59 32.53
CA LYS H 186 45.36 -5.58 31.52
C LYS H 186 46.39 -6.11 30.52
N VAL H 187 45.96 -6.38 29.29
CA VAL H 187 46.70 -7.20 28.34
C VAL H 187 47.18 -6.34 27.18
N GLU H 188 48.46 -6.50 26.84
CA GLU H 188 49.05 -5.99 25.61
C GLU H 188 49.65 -7.14 24.82
N HIS H 189 49.59 -7.03 23.49
CA HIS H 189 50.18 -8.01 22.59
C HIS H 189 51.05 -7.29 21.57
N TYR H 190 52.27 -7.78 21.38
CA TYR H 190 53.18 -7.30 20.36
C TYR H 190 53.45 -8.42 19.37
N MET H 191 53.34 -8.11 18.08
CA MET H 191 53.53 -9.10 17.02
C MET H 191 54.42 -8.50 15.94
N LEU H 192 55.54 -9.16 15.67
CA LEU H 192 56.48 -8.71 14.65
C LEU H 192 55.97 -9.19 13.29
N LEU H 193 55.47 -8.25 12.48
CA LEU H 193 54.80 -8.58 11.23
C LEU H 193 55.44 -7.95 10.00
N GLY H 194 56.14 -6.84 10.14
CA GLY H 194 56.77 -6.21 9.00
C GLY H 194 56.02 -4.97 8.53
N GLU H 195 56.76 -4.04 7.95
CA GLU H 195 56.18 -2.75 7.58
C GLU H 195 55.10 -2.93 6.51
N GLY H 196 54.04 -2.14 6.64
CA GLY H 196 52.94 -2.17 5.69
C GLY H 196 52.09 -3.42 5.70
N SER H 197 52.24 -4.27 6.72
CA SER H 197 51.55 -5.54 6.73
C SER H 197 50.04 -5.36 6.94
N GLU H 198 49.28 -6.33 6.47
CA GLU H 198 47.84 -6.34 6.66
C GLU H 198 47.49 -6.77 8.07
N VAL H 199 46.72 -5.94 8.77
CA VAL H 199 46.22 -6.28 10.09
C VAL H 199 44.73 -6.57 9.97
N PHE H 200 44.21 -7.34 10.92
CA PHE H 200 42.90 -7.99 10.80
C PHE H 200 41.97 -7.58 11.93
N PRO H 201 41.23 -6.48 11.77
CA PRO H 201 40.19 -6.14 12.76
C PRO H 201 38.97 -7.04 12.63
N SER H 202 37.96 -6.81 13.46
CA SER H 202 36.72 -7.57 13.36
C SER H 202 35.92 -7.12 12.14
N GLN H 203 35.14 -8.05 11.59
CA GLN H 203 34.34 -7.80 10.41
C GLN H 203 32.91 -7.44 10.81
N GLU H 204 32.36 -6.44 10.12
CA GLU H 204 31.00 -5.96 10.37
C GLU H 204 30.02 -6.63 9.41
N PHE H 205 28.82 -6.08 9.32
CA PHE H 205 27.75 -6.73 8.56
C PHE H 205 27.87 -6.44 7.08
N VAL H 206 27.59 -7.45 6.27
CA VAL H 206 27.55 -7.37 4.82
C VAL H 206 26.24 -8.01 4.36
N GLU H 207 25.39 -7.21 3.72
CA GLU H 207 24.08 -7.70 3.29
C GLU H 207 24.20 -8.59 2.06
N ASN H 208 24.83 -8.07 1.01
CA ASN H 208 25.11 -8.84 -0.20
C ASN H 208 26.58 -8.68 -0.56
N SER H 209 27.06 -9.59 -1.41
CA SER H 209 28.50 -9.69 -1.65
C SER H 209 29.07 -8.44 -2.33
N LYS H 210 28.29 -7.81 -3.21
CA LYS H 210 28.83 -6.72 -4.03
C LYS H 210 28.82 -5.38 -3.31
N LEU H 211 27.92 -5.19 -2.34
CA LEU H 211 27.81 -3.90 -1.65
C LEU H 211 29.00 -3.73 -0.70
N SER H 212 28.93 -2.71 0.14
CA SER H 212 30.09 -2.25 0.89
C SER H 212 30.47 -3.24 1.99
N LYS H 213 31.77 -3.52 2.08
CA LYS H 213 32.35 -4.21 3.22
C LYS H 213 32.77 -3.17 4.26
N GLN H 214 32.83 -3.60 5.52
CA GLN H 214 33.14 -2.66 6.60
C GLN H 214 33.95 -3.36 7.69
N LEU H 215 34.89 -2.62 8.25
CA LEU H 215 35.69 -3.06 9.39
C LEU H 215 35.29 -2.29 10.64
N PHE H 216 35.38 -2.95 11.78
CA PHE H 216 34.98 -2.35 13.04
C PHE H 216 36.07 -1.39 13.53
N ASP H 217 35.66 -0.20 13.96
CA ASP H 217 36.60 0.80 14.44
C ASP H 217 36.06 1.44 15.71
N LEU H 218 36.87 2.33 16.29
CA LEU H 218 36.48 3.16 17.42
C LEU H 218 37.15 4.51 17.22
N ASN H 219 36.36 5.53 16.86
CA ASN H 219 36.89 6.84 16.49
C ASN H 219 37.85 6.73 15.31
N GLY H 220 37.56 5.81 14.38
CA GLY H 220 38.37 5.61 13.20
C GLY H 220 39.53 4.66 13.36
N GLN H 221 39.85 4.25 14.60
CA GLN H 221 40.98 3.36 14.86
C GLN H 221 40.51 1.91 14.79
N ALA H 222 41.28 1.08 14.07
CA ALA H 222 40.95 -0.34 13.93
C ALA H 222 40.81 -0.98 15.30
N ALA H 223 39.91 -1.97 15.39
CA ALA H 223 39.58 -2.58 16.67
C ALA H 223 38.99 -3.96 16.44
N MET H 224 38.78 -4.68 17.54
CA MET H 224 38.18 -6.01 17.51
C MET H 224 37.04 -6.06 18.52
N HIS H 225 35.97 -6.76 18.15
CA HIS H 225 34.81 -6.89 19.02
C HIS H 225 35.17 -7.62 20.30
N ASP H 226 34.57 -7.18 21.42
CA ASP H 226 34.81 -7.84 22.70
C ASP H 226 34.34 -9.29 22.68
N GLN H 227 33.26 -9.59 21.96
CA GLN H 227 32.76 -10.96 21.93
C GLN H 227 33.67 -11.89 21.15
N LYS H 228 34.51 -11.37 20.24
CA LYS H 228 35.48 -12.23 19.57
C LYS H 228 36.59 -12.65 20.53
N ILE H 229 37.17 -11.69 21.24
CA ILE H 229 38.13 -12.02 22.29
C ILE H 229 37.49 -12.96 23.30
N GLY H 230 36.19 -12.79 23.55
CA GLY H 230 35.50 -13.69 24.47
C GLY H 230 35.41 -15.11 23.94
N ASN H 231 35.07 -15.27 22.67
CA ASN H 231 35.06 -16.59 22.06
C ASN H 231 36.44 -17.22 22.10
N ALA H 232 37.48 -16.39 22.01
CA ALA H 232 38.84 -16.92 22.10
C ALA H 232 39.15 -17.41 23.50
N ILE H 233 38.91 -16.58 24.52
CA ILE H 233 39.21 -16.94 25.90
C ILE H 233 38.37 -18.15 26.35
N ARG H 234 37.15 -18.25 25.83
CA ARG H 234 36.24 -19.32 26.22
C ARG H 234 36.61 -20.68 25.61
N THR H 235 37.58 -20.71 24.70
CA THR H 235 37.96 -21.94 23.99
C THR H 235 38.76 -22.84 24.93
N ILE H 236 38.06 -23.72 25.64
CA ILE H 236 38.70 -24.61 26.61
C ILE H 236 38.07 -25.98 26.58
N ASP H 237 36.94 -26.13 25.88
CA ASP H 237 36.20 -27.38 25.91
C ASP H 237 36.95 -28.45 25.13
N THR H 238 37.51 -29.42 25.86
CA THR H 238 38.13 -30.61 25.27
C THR H 238 37.47 -31.88 25.77
N TRP H 239 36.30 -31.74 26.39
CA TRP H 239 35.65 -32.92 27.01
C TRP H 239 34.45 -33.34 26.19
N TYR H 240 34.40 -32.92 24.93
CA TYR H 240 33.31 -33.36 24.02
C TYR H 240 33.68 -34.73 23.44
N GLU H 241 32.68 -35.54 23.09
CA GLU H 241 32.96 -36.91 22.59
C GLU H 241 33.89 -36.84 21.38
N ASP H 242 34.75 -37.86 21.23
CA ASP H 242 35.72 -37.87 20.10
C ASP H 242 36.38 -36.49 20.06
N ALA H 243 36.92 -36.07 21.19
CA ALA H 243 37.51 -34.71 21.28
C ALA H 243 38.76 -34.61 20.42
N THR H 244 39.29 -33.40 20.29
CA THR H 244 40.51 -33.18 19.48
C THR H 244 41.10 -31.83 19.88
N THR H 245 40.83 -30.79 19.09
CA THR H 245 41.28 -29.42 19.45
C THR H 245 40.30 -28.85 20.48
N PRO H 246 40.65 -27.76 21.19
CA PRO H 246 39.72 -27.15 22.13
C PRO H 246 38.69 -26.26 21.42
N ILE H 247 37.41 -26.42 21.74
CA ILE H 247 36.38 -25.58 21.15
C ILE H 247 35.93 -24.57 22.21
N ALA H 248 35.11 -23.61 21.77
CA ALA H 248 34.52 -22.65 22.69
C ALA H 248 33.38 -23.29 23.47
N VAL H 249 33.16 -22.79 24.68
CA VAL H 249 32.10 -23.33 25.55
C VAL H 249 30.76 -22.82 25.04
N GLU H 250 29.98 -23.72 24.47
CA GLU H 250 28.59 -23.47 24.09
C GLU H 250 27.74 -24.56 24.72
N PRO H 251 26.49 -24.25 25.08
CA PRO H 251 25.62 -25.29 25.67
C PRO H 251 25.48 -26.53 24.79
N TYR H 252 25.54 -26.39 23.46
CA TYR H 252 25.51 -27.52 22.56
C TYR H 252 26.85 -27.75 21.87
N GLY H 253 27.91 -27.09 22.33
CA GLY H 253 29.21 -27.22 21.68
C GLY H 253 29.19 -26.85 20.22
N SER H 254 28.42 -25.83 19.87
CA SER H 254 28.20 -25.49 18.46
C SER H 254 29.37 -24.70 17.90
N VAL H 255 29.91 -25.18 16.78
CA VAL H 255 30.87 -24.42 15.98
C VAL H 255 30.24 -24.28 14.60
N VAL H 256 29.52 -23.18 14.38
CA VAL H 256 28.78 -23.00 13.14
C VAL H 256 29.72 -22.88 11.93
N ARG H 257 30.96 -22.47 12.15
CA ARG H 257 31.93 -22.43 11.05
C ARG H 257 32.12 -23.82 10.44
N ASN H 258 31.97 -24.86 11.25
CA ASN H 258 32.07 -26.24 10.78
C ASN H 258 30.71 -26.88 10.57
N GLY H 259 29.62 -26.14 10.78
CA GLY H 259 28.29 -26.67 10.51
C GLY H 259 27.92 -27.87 11.35
N VAL H 260 28.53 -28.02 12.53
CA VAL H 260 28.25 -29.14 13.42
C VAL H 260 28.15 -28.62 14.85
N ALA H 261 27.56 -29.45 15.71
CA ALA H 261 27.47 -29.18 17.14
C ALA H 261 27.93 -30.44 17.86
N TYR H 262 29.17 -30.44 18.34
CA TYR H 262 29.80 -31.64 18.89
C TYR H 262 29.18 -32.10 20.21
N ARG H 263 28.11 -31.46 20.68
CA ARG H 263 27.39 -31.90 21.87
C ARG H 263 25.89 -31.93 21.63
N ALA H 264 25.48 -32.19 20.38
CA ALA H 264 24.07 -32.15 19.99
C ALA H 264 23.52 -33.56 19.91
N GLY H 265 22.48 -33.83 20.69
CA GLY H 265 21.76 -35.08 20.58
C GLY H 265 22.51 -36.31 21.03
N ASN H 266 23.44 -36.16 21.98
CA ASN H 266 24.18 -37.29 22.54
C ASN H 266 24.23 -37.24 24.06
N LYS H 267 23.29 -36.55 24.69
CA LYS H 267 23.16 -36.45 26.14
C LYS H 267 24.41 -35.88 26.80
N THR H 268 25.22 -35.13 26.06
CA THR H 268 26.37 -34.41 26.60
C THR H 268 26.19 -32.90 26.53
N ASP H 269 24.95 -32.43 26.41
CA ASP H 269 24.66 -31.01 26.33
C ASP H 269 24.55 -30.40 27.73
N LEU H 270 24.51 -29.07 27.78
CA LEU H 270 24.48 -28.35 29.04
C LEU H 270 23.17 -28.59 29.79
N PHE H 271 22.05 -28.60 29.07
CA PHE H 271 20.75 -28.67 29.73
C PHE H 271 20.50 -30.06 30.33
N THR H 272 20.90 -31.11 29.61
CA THR H 272 20.73 -32.47 30.14
C THR H 272 21.58 -32.68 31.39
N LEU H 273 22.84 -32.25 31.35
CA LEU H 273 23.73 -32.40 32.50
C LEU H 273 23.25 -31.55 33.67
N MET H 274 22.73 -30.35 33.40
CA MET H 274 22.17 -29.51 34.45
C MET H 274 21.00 -30.19 35.13
N ASP H 275 20.00 -30.60 34.33
CA ASP H 275 18.83 -31.26 34.89
C ASP H 275 19.22 -32.52 35.66
N GLY H 276 20.24 -33.24 35.19
CA GLY H 276 20.71 -34.40 35.91
C GLY H 276 21.32 -34.03 37.25
N ALA H 277 22.20 -33.02 37.26
CA ALA H 277 22.83 -32.60 38.51
C ALA H 277 21.80 -32.14 39.54
N VAL H 278 20.72 -31.52 39.09
CA VAL H 278 19.70 -31.08 40.03
C VAL H 278 18.83 -32.25 40.48
N ASN H 279 18.62 -33.25 39.62
CA ASN H 279 17.72 -34.36 39.93
C ASN H 279 18.51 -35.63 40.27
N GLY H 280 19.41 -35.50 41.25
CA GLY H 280 20.04 -36.62 41.91
C GLY H 280 21.26 -37.21 41.22
N LYS H 281 21.33 -37.14 39.90
CA LYS H 281 22.39 -37.81 39.16
C LYS H 281 23.76 -37.19 39.50
N SER H 282 24.82 -37.91 39.18
CA SER H 282 26.18 -37.50 39.46
C SER H 282 26.86 -36.98 38.19
N LEU H 283 27.90 -36.16 38.40
CA LEU H 283 28.64 -35.56 37.30
C LEU H 283 30.13 -35.84 37.46
N THR H 284 30.78 -36.11 36.33
CA THR H 284 32.23 -36.24 36.31
C THR H 284 32.87 -34.88 36.53
N GLU H 285 34.20 -34.90 36.69
CA GLU H 285 34.92 -33.63 36.79
C GLU H 285 34.89 -32.88 35.47
N GLU H 286 34.93 -33.60 34.35
CA GLU H 286 34.81 -32.97 33.04
C GLU H 286 33.43 -32.32 32.88
N ASP H 287 32.37 -33.04 33.25
CA ASP H 287 31.02 -32.49 33.15
C ASP H 287 30.84 -31.29 34.06
N GLN H 288 31.35 -31.38 35.29
CA GLN H 288 31.24 -30.24 36.21
C GLN H 288 31.97 -29.02 35.67
N MET H 289 33.18 -29.22 35.13
CA MET H 289 33.91 -28.10 34.55
C MET H 289 33.16 -27.51 33.37
N PHE H 290 32.52 -28.36 32.55
CA PHE H 290 31.77 -27.87 31.41
C PHE H 290 30.58 -27.03 31.85
N VAL H 291 29.82 -27.52 32.83
CA VAL H 291 28.63 -26.79 33.28
C VAL H 291 29.01 -25.48 33.93
N THR H 292 30.07 -25.48 34.74
CA THR H 292 30.49 -24.23 35.36
C THR H 292 31.07 -23.25 34.33
N ALA H 293 31.75 -23.75 33.30
CA ALA H 293 32.20 -22.87 32.23
C ALA H 293 31.01 -22.27 31.48
N ASN H 294 29.92 -23.04 31.34
CA ASN H 294 28.71 -22.48 30.75
C ASN H 294 28.13 -21.37 31.63
N LEU H 295 28.01 -21.62 32.94
CA LEU H 295 27.49 -20.60 33.84
C LEU H 295 28.38 -19.36 33.85
N ILE H 296 29.67 -19.53 33.61
CA ILE H 296 30.56 -18.38 33.49
C ILE H 296 30.37 -17.69 32.14
N ARG H 297 29.98 -18.46 31.10
CA ARG H 297 29.69 -17.85 29.81
C ARG H 297 28.47 -16.95 29.90
N GLY H 298 27.40 -17.45 30.54
CA GLY H 298 26.15 -16.74 30.61
C GLY H 298 25.15 -17.28 29.61
N GLY H 299 23.97 -16.67 29.62
CA GLY H 299 22.89 -17.01 28.72
C GLY H 299 21.64 -17.42 29.48
N VAL H 300 20.59 -17.70 28.72
CA VAL H 300 19.33 -18.17 29.27
C VAL H 300 19.28 -19.69 29.12
N PHE H 301 19.13 -20.39 30.25
CA PHE H 301 19.07 -21.84 30.25
C PHE H 301 17.70 -22.31 30.75
N GLY H 302 16.64 -21.88 30.08
CA GLY H 302 15.29 -22.24 30.51
C GLY H 302 14.31 -22.12 29.38
N GLY H 303 13.06 -22.45 29.69
CA GLY H 303 11.99 -22.42 28.70
C GLY H 303 11.79 -23.74 27.99
N MET I 1 62.57 -39.22 -12.84
CA MET I 1 61.66 -38.89 -11.75
C MET I 1 61.87 -37.46 -11.24
N TYR I 2 61.15 -37.12 -10.19
CA TYR I 2 61.23 -35.82 -9.53
C TYR I 2 61.77 -36.01 -8.11
N ASN I 3 61.58 -34.99 -7.27
CA ASN I 3 61.89 -35.05 -5.84
C ASN I 3 60.82 -34.23 -5.13
N THR I 4 59.93 -34.91 -4.40
CA THR I 4 58.75 -34.26 -3.85
C THR I 4 58.82 -34.23 -2.33
N ILE I 5 58.26 -33.15 -1.76
CA ILE I 5 58.09 -33.03 -0.31
C ILE I 5 56.84 -32.21 -0.04
N SER I 6 56.02 -32.68 0.89
CA SER I 6 54.68 -32.14 1.11
C SER I 6 54.63 -31.38 2.43
N ILE I 7 54.04 -30.19 2.40
CA ILE I 7 53.71 -29.42 3.59
C ILE I 7 52.19 -29.47 3.75
N THR I 8 51.72 -30.04 4.85
CA THR I 8 50.30 -30.13 5.12
C THR I 8 49.93 -29.13 6.22
N VAL I 9 48.85 -28.38 6.00
CA VAL I 9 48.36 -27.44 6.98
C VAL I 9 47.47 -28.18 7.97
N VAL I 10 47.77 -28.04 9.26
CA VAL I 10 47.04 -28.74 10.31
C VAL I 10 46.80 -27.78 11.47
N ASP I 11 45.63 -27.92 12.11
CA ASP I 11 45.27 -27.12 13.29
C ASP I 11 45.29 -25.63 12.98
N ALA I 12 44.57 -25.23 11.94
CA ALA I 12 44.44 -23.84 11.56
C ALA I 12 42.97 -23.44 11.36
N ASP I 13 42.03 -24.20 11.94
CA ASP I 13 40.62 -23.87 11.82
C ASP I 13 40.27 -22.58 12.56
N ASP I 14 41.09 -22.17 13.52
CA ASP I 14 40.98 -20.82 14.08
C ASP I 14 41.01 -19.80 12.95
N VAL I 15 41.95 -19.96 12.02
CA VAL I 15 42.30 -18.95 11.04
C VAL I 15 42.01 -19.42 9.61
N GLY I 16 41.38 -20.57 9.45
CA GLY I 16 40.99 -21.02 8.13
C GLY I 16 42.12 -21.61 7.30
N VAL I 17 41.88 -22.78 6.73
CA VAL I 17 42.95 -23.53 6.06
C VAL I 17 43.49 -22.73 4.87
N ASN I 18 42.60 -22.27 3.99
CA ASN I 18 43.03 -21.63 2.75
C ASN I 18 43.83 -20.37 3.02
N PHE I 19 43.51 -19.63 4.08
CA PHE I 19 44.30 -18.45 4.42
C PHE I 19 45.73 -18.85 4.77
N VAL I 20 45.89 -19.92 5.54
CA VAL I 20 47.23 -20.41 5.85
C VAL I 20 47.95 -20.82 4.57
N VAL I 21 47.31 -21.68 3.76
CA VAL I 21 47.87 -22.16 2.50
C VAL I 21 48.39 -21.00 1.66
N SER I 22 47.58 -19.94 1.55
CA SER I 22 48.02 -18.76 0.81
C SER I 22 49.22 -18.10 1.48
N LYS I 23 49.20 -18.01 2.82
CA LYS I 23 50.34 -17.42 3.52
C LYS I 23 51.62 -18.23 3.28
N VAL I 24 51.48 -19.55 3.24
CA VAL I 24 52.63 -20.44 3.08
C VAL I 24 53.22 -20.28 1.69
N LEU I 25 52.38 -20.43 0.66
CA LEU I 25 52.84 -20.25 -0.70
C LEU I 25 53.43 -18.86 -0.92
N SER I 26 52.82 -17.85 -0.30
CA SER I 26 53.35 -16.50 -0.36
C SER I 26 54.76 -16.45 0.22
N THR I 27 54.92 -16.85 1.49
CA THR I 27 56.24 -16.80 2.12
C THR I 27 57.28 -17.56 1.31
N LEU I 28 56.88 -18.68 0.71
CA LEU I 28 57.77 -19.40 -0.19
C LEU I 28 58.25 -18.48 -1.31
N HIS I 29 57.31 -17.92 -2.06
CA HIS I 29 57.68 -17.11 -3.22
C HIS I 29 58.44 -15.85 -2.83
N ASN I 30 58.10 -15.24 -1.69
CA ASN I 30 58.55 -13.90 -1.38
C ASN I 30 60.08 -13.82 -1.30
N LYS I 31 60.71 -14.80 -0.69
CA LYS I 31 62.16 -14.80 -0.56
C LYS I 31 62.66 -16.23 -0.71
N GLY I 32 63.37 -16.49 -1.81
CA GLY I 32 64.09 -17.73 -1.97
C GLY I 32 63.55 -18.71 -2.99
N ILE I 33 62.69 -19.61 -2.53
CA ILE I 33 62.30 -20.81 -3.27
C ILE I 33 61.61 -20.43 -4.58
N PHE I 34 61.39 -21.43 -5.44
CA PHE I 34 60.89 -21.23 -6.80
C PHE I 34 61.90 -20.40 -7.61
N ASN I 35 63.13 -20.91 -7.65
CA ASN I 35 64.22 -20.34 -8.44
C ASN I 35 64.22 -20.84 -9.87
N GLY I 36 63.05 -21.18 -10.41
CA GLY I 36 62.94 -21.78 -11.71
C GLY I 36 63.00 -23.29 -11.72
N GLU I 37 63.51 -23.91 -10.66
CA GLU I 37 63.67 -25.35 -10.61
C GLU I 37 62.73 -26.01 -9.61
N VAL I 38 61.90 -25.24 -8.93
CA VAL I 38 60.85 -25.78 -8.08
C VAL I 38 59.51 -25.35 -8.63
N GLY I 39 58.50 -26.21 -8.44
CA GLY I 39 57.13 -25.83 -8.69
C GLY I 39 56.25 -26.40 -7.61
N VAL I 40 54.94 -26.17 -7.74
CA VAL I 40 53.98 -26.46 -6.69
C VAL I 40 52.85 -27.30 -7.25
N THR I 41 52.28 -28.14 -6.40
CA THR I 41 51.20 -29.05 -6.76
C THR I 41 50.43 -29.40 -5.49
N PHE I 42 49.12 -29.57 -5.65
CA PHE I 42 48.21 -29.74 -4.52
C PHE I 42 47.47 -31.06 -4.67
N PRO I 43 47.90 -32.12 -4.00
CA PRO I 43 47.31 -33.45 -4.22
C PRO I 43 45.94 -33.65 -3.57
N ARG I 44 45.42 -32.67 -2.85
CA ARG I 44 44.07 -32.74 -2.29
C ARG I 44 43.19 -31.60 -2.78
N MET I 45 43.60 -30.91 -3.84
CA MET I 45 42.82 -29.80 -4.38
C MET I 45 41.49 -30.30 -4.92
N ASP I 46 40.42 -29.61 -4.54
CA ASP I 46 39.11 -29.82 -5.14
C ASP I 46 38.52 -28.45 -5.48
N LYS I 47 38.32 -27.62 -4.46
CA LYS I 47 37.95 -26.22 -4.64
C LYS I 47 38.78 -25.40 -3.67
N ASN I 48 39.37 -24.33 -4.18
CA ASN I 48 40.30 -23.53 -3.35
C ASN I 48 41.42 -24.45 -2.89
N VAL I 49 42.31 -24.86 -3.80
CA VAL I 49 43.46 -25.74 -3.47
C VAL I 49 43.02 -26.76 -2.43
N GLY I 50 43.77 -26.92 -1.35
CA GLY I 50 43.31 -27.83 -0.28
C GLY I 50 44.21 -27.83 0.94
N ASP I 51 44.39 -28.99 1.56
CA ASP I 51 45.20 -29.10 2.81
C ASP I 51 46.67 -29.39 2.50
N ILE I 52 47.00 -29.86 1.29
CA ILE I 52 48.41 -30.28 1.03
C ILE I 52 49.08 -29.43 -0.07
N ILE I 53 50.30 -28.96 0.19
CA ILE I 53 51.10 -28.25 -0.80
C ILE I 53 52.40 -29.03 -0.97
N THR I 54 52.55 -29.71 -2.10
CA THR I 54 53.78 -30.42 -2.38
C THR I 54 54.68 -29.57 -3.28
N LEU I 55 55.98 -29.68 -3.06
CA LEU I 55 56.98 -29.11 -3.95
C LEU I 55 57.73 -30.25 -4.62
N PHE I 56 58.04 -30.08 -5.90
CA PHE I 56 58.81 -31.06 -6.63
C PHE I 56 60.01 -30.40 -7.29
N SER I 57 60.99 -31.22 -7.64
CA SER I 57 62.18 -30.79 -8.36
C SER I 57 62.96 -32.02 -8.78
N LYS I 58 63.80 -31.86 -9.79
CA LYS I 58 64.72 -32.95 -10.14
C LYS I 58 66.02 -32.87 -9.37
N THR I 59 66.28 -31.76 -8.68
CA THR I 59 67.53 -31.56 -7.97
C THR I 59 67.32 -31.46 -6.46
N GLY I 60 66.45 -32.31 -5.91
CA GLY I 60 66.32 -32.48 -4.47
C GLY I 60 65.92 -31.26 -3.67
N VAL I 61 64.74 -31.30 -3.04
CA VAL I 61 64.28 -30.18 -2.24
C VAL I 61 65.04 -30.14 -0.92
N ASP I 62 65.57 -28.98 -0.58
CA ASP I 62 66.31 -28.84 0.67
C ASP I 62 65.34 -28.88 1.84
N ARG I 63 65.14 -30.07 2.40
CA ARG I 63 64.18 -30.28 3.49
C ARG I 63 64.45 -29.38 4.70
N LYS I 64 65.68 -28.92 4.88
CA LYS I 64 66.06 -28.19 6.08
C LYS I 64 65.96 -26.67 5.93
N VAL I 65 66.16 -26.13 4.73
CA VAL I 65 65.96 -24.69 4.55
C VAL I 65 64.48 -24.36 4.54
N LEU I 66 63.64 -25.31 4.14
CA LEU I 66 62.19 -25.15 4.30
C LEU I 66 61.84 -24.83 5.75
N THR I 67 62.22 -25.73 6.67
CA THR I 67 61.82 -25.62 8.06
C THR I 67 62.29 -24.32 8.71
N SER I 68 63.22 -23.59 8.09
CA SER I 68 63.68 -22.33 8.62
C SER I 68 63.22 -21.12 7.80
N THR I 69 62.68 -21.34 6.60
CA THR I 69 62.00 -20.26 5.88
C THR I 69 60.51 -20.22 6.18
N LEU I 70 59.91 -21.37 6.51
CA LEU I 70 58.56 -21.42 7.04
C LEU I 70 58.54 -21.31 8.55
N ASN I 71 59.53 -20.64 9.13
CA ASN I 71 59.64 -20.60 10.58
C ASN I 71 58.61 -19.67 11.21
N THR I 72 58.06 -18.72 10.43
CA THR I 72 57.02 -17.83 10.92
C THR I 72 55.66 -18.50 11.02
N LEU I 73 55.45 -19.60 10.28
CA LEU I 73 54.17 -20.29 10.26
C LEU I 73 54.27 -21.73 10.74
N THR I 74 55.44 -22.15 11.22
CA THR I 74 55.68 -23.55 11.54
C THR I 74 54.67 -24.17 12.50
N ASP I 75 53.85 -23.35 13.18
CA ASP I 75 52.90 -23.91 14.13
C ASP I 75 51.63 -24.43 13.46
N PHE I 76 51.33 -23.99 12.24
CA PHE I 76 50.19 -24.50 11.48
C PHE I 76 50.63 -25.44 10.36
N ILE I 77 51.84 -25.99 10.46
CA ILE I 77 52.49 -26.63 9.33
C ILE I 77 53.11 -27.95 9.79
N HIS I 78 52.96 -28.98 8.95
CA HIS I 78 53.62 -30.26 9.14
C HIS I 78 54.34 -30.58 7.85
N ILE I 79 55.68 -30.49 7.88
CA ILE I 79 56.49 -30.80 6.71
C ILE I 79 56.80 -32.29 6.70
N GLY I 80 56.56 -32.94 5.57
CA GLY I 80 56.75 -34.38 5.47
C GLY I 80 58.17 -34.75 5.06
N LYS I 81 58.44 -36.05 5.11
CA LYS I 81 59.74 -36.55 4.69
C LYS I 81 59.84 -36.51 3.17
N PRO I 82 61.07 -36.40 2.64
CA PRO I 82 61.22 -36.47 1.17
C PRO I 82 60.85 -37.84 0.65
N LYS I 83 59.66 -37.95 0.05
CA LYS I 83 59.24 -39.17 -0.60
C LYS I 83 59.35 -39.02 -2.11
N GLU I 84 59.19 -40.08 -2.89
CA GLU I 84 59.41 -39.83 -4.34
C GLU I 84 58.34 -40.50 -5.21
N ALA I 85 58.05 -39.91 -6.36
CA ALA I 85 57.08 -40.51 -7.32
C ALA I 85 57.29 -39.90 -8.70
N ASP I 86 57.08 -40.69 -9.76
CA ASP I 86 57.18 -40.16 -11.14
C ASP I 86 55.76 -39.87 -11.64
N LYS I 87 55.35 -38.59 -11.59
CA LYS I 87 54.00 -38.16 -12.04
C LYS I 87 53.55 -37.04 -11.12
N VAL I 88 53.28 -35.86 -11.67
CA VAL I 88 52.90 -34.69 -10.82
C VAL I 88 51.90 -33.83 -11.58
N LYS I 89 50.63 -33.84 -11.17
CA LYS I 89 49.67 -32.92 -11.83
C LYS I 89 50.27 -31.52 -11.73
N THR I 90 50.57 -30.91 -12.87
CA THR I 90 51.23 -29.57 -12.84
C THR I 90 50.19 -28.50 -13.16
N TYR I 91 50.28 -27.34 -12.50
CA TYR I 91 49.30 -26.28 -12.68
C TYR I 91 49.95 -24.98 -13.15
N ARG I 92 49.11 -24.09 -13.66
CA ARG I 92 49.55 -22.79 -14.16
C ARG I 92 48.46 -21.76 -13.91
N LYS I 93 48.87 -20.51 -13.73
CA LYS I 93 47.93 -19.46 -13.34
C LYS I 93 47.22 -18.87 -14.57
N VAL I 94 45.95 -18.51 -14.38
CA VAL I 94 45.07 -18.02 -15.44
C VAL I 94 44.73 -16.57 -15.13
N ASP I 95 45.06 -15.67 -16.06
CA ASP I 95 44.82 -14.25 -15.87
C ASP I 95 43.50 -13.83 -16.53
N THR I 96 42.75 -12.98 -15.84
CA THR I 96 41.59 -12.30 -16.41
C THR I 96 41.64 -10.85 -15.96
N LYS I 97 41.83 -9.93 -16.91
CA LYS I 97 41.93 -8.52 -16.60
C LYS I 97 40.59 -7.84 -16.79
N SER I 98 40.35 -6.81 -15.97
CA SER I 98 39.12 -6.04 -16.08
C SER I 98 39.15 -5.19 -17.35
N LYS I 99 38.02 -4.54 -17.63
CA LYS I 99 37.88 -3.80 -18.88
C LYS I 99 38.55 -2.44 -18.78
N GLY I 100 38.51 -1.81 -17.60
CA GLY I 100 39.19 -0.54 -17.42
C GLY I 100 40.69 -0.64 -17.67
N LYS I 101 41.30 -1.75 -17.25
CA LYS I 101 42.69 -2.01 -17.60
C LYS I 101 42.86 -2.09 -19.11
N LEU I 102 42.04 -2.93 -19.77
CA LEU I 102 42.09 -3.08 -21.22
C LEU I 102 42.01 -1.74 -21.93
N ILE I 103 41.18 -0.82 -21.41
CA ILE I 103 40.93 0.44 -22.10
C ILE I 103 42.14 1.37 -21.98
N ARG I 104 42.84 1.33 -20.85
CA ARG I 104 44.03 2.17 -20.67
C ARG I 104 45.14 1.79 -21.65
N ARG I 105 45.37 0.48 -21.85
CA ARG I 105 46.31 0.07 -22.89
C ARG I 105 45.81 0.47 -24.26
N CYS I 106 44.50 0.37 -24.48
CA CYS I 106 43.95 0.72 -25.79
C CYS I 106 43.96 2.22 -26.03
N ILE I 107 44.13 3.05 -24.99
CA ILE I 107 44.27 4.49 -25.18
C ILE I 107 45.75 4.84 -25.32
N LYS I 108 46.55 4.44 -24.32
CA LYS I 108 47.99 4.73 -24.34
C LYS I 108 48.66 4.14 -25.58
N ARG I 109 48.37 2.87 -25.88
CA ARG I 109 48.79 2.24 -27.12
C ARG I 109 47.55 1.73 -27.85
N LYS I 110 47.72 0.81 -28.79
CA LYS I 110 46.59 0.25 -29.54
C LYS I 110 45.71 1.36 -30.11
N GLY I 111 46.35 2.48 -30.45
CA GLY I 111 45.77 3.66 -31.10
C GLY I 111 44.31 3.99 -30.87
N VAL I 112 44.06 5.00 -30.03
CA VAL I 112 42.67 5.42 -29.71
C VAL I 112 42.80 6.61 -28.74
N SER I 113 41.70 7.32 -28.49
CA SER I 113 41.76 8.42 -27.50
C SER I 113 40.35 8.91 -27.15
N ALA I 114 40.22 9.58 -26.01
CA ALA I 114 38.92 10.19 -25.65
C ALA I 114 37.88 9.12 -25.32
N GLU I 115 36.66 9.55 -25.01
CA GLU I 115 35.60 8.60 -24.63
C GLU I 115 35.11 7.85 -25.87
N THR I 116 34.85 8.57 -26.97
CA THR I 116 34.27 7.84 -28.10
C THR I 116 35.03 6.54 -28.36
N ALA I 117 36.32 6.53 -28.05
CA ALA I 117 37.13 5.35 -28.26
C ALA I 117 36.98 4.33 -27.14
N GLU I 118 36.69 4.79 -25.91
CA GLU I 118 36.30 3.86 -24.85
C GLU I 118 35.06 3.08 -25.26
N SER I 119 34.02 3.79 -25.72
CA SER I 119 32.77 3.14 -26.12
C SER I 119 32.98 2.19 -27.29
N LEU I 120 33.96 2.47 -28.16
CA LEU I 120 34.26 1.56 -29.26
C LEU I 120 34.67 0.19 -28.73
N TYR I 121 35.66 0.15 -27.85
CA TYR I 121 36.08 -1.11 -27.27
C TYR I 121 35.21 -1.52 -26.09
N GLY I 122 34.68 -0.53 -25.36
CA GLY I 122 33.87 -0.81 -24.18
C GLY I 122 32.50 -1.34 -24.56
N ASN I 123 32.34 -1.60 -25.86
CA ASN I 123 31.05 -2.12 -26.38
C ASN I 123 30.50 -3.19 -25.42
N TYR I 124 31.01 -4.42 -25.51
CA TYR I 124 30.56 -5.50 -24.59
C TYR I 124 31.73 -5.93 -23.71
N LYS I 125 31.55 -5.86 -22.40
CA LYS I 125 32.64 -6.21 -21.45
C LYS I 125 32.72 -7.72 -21.31
N GLY I 126 33.49 -8.20 -20.32
CA GLY I 126 33.66 -9.66 -20.13
C GLY I 126 32.32 -10.33 -19.90
N GLU I 127 31.31 -9.56 -19.50
CA GLU I 127 29.96 -10.13 -19.32
C GLU I 127 29.96 -11.12 -18.15
N LYS I 128 31.01 -11.93 -18.01
CA LYS I 128 31.01 -12.96 -16.97
C LYS I 128 32.27 -13.82 -17.03
N CYS I 129 33.42 -13.16 -16.81
CA CYS I 129 34.70 -13.84 -16.71
C CYS I 129 34.84 -14.48 -15.33
N LYS I 130 33.96 -15.43 -15.06
CA LYS I 130 34.05 -16.19 -13.78
C LYS I 130 35.30 -17.07 -13.84
N LEU I 131 35.83 -17.49 -12.70
CA LEU I 131 37.00 -18.40 -12.71
C LEU I 131 36.94 -19.36 -11.52
N PRO I 132 37.80 -20.40 -11.45
CA PRO I 132 37.88 -21.29 -10.28
C PRO I 132 39.27 -21.45 -9.69
N TYR I 133 39.39 -22.14 -8.55
CA TYR I 133 40.72 -22.44 -7.96
C TYR I 133 41.50 -21.16 -7.65
N ILE I 134 41.19 -20.53 -6.51
CA ILE I 134 41.88 -19.32 -6.08
C ILE I 134 42.96 -19.63 -5.05
N VAL I 135 44.04 -18.84 -5.11
CA VAL I 135 44.97 -18.62 -4.02
C VAL I 135 45.34 -17.15 -4.04
N VAL I 136 45.26 -16.49 -2.89
CA VAL I 136 45.37 -15.03 -2.83
C VAL I 136 46.77 -14.65 -2.37
N ASN I 137 47.36 -13.65 -3.02
CA ASN I 137 48.59 -13.04 -2.55
C ASN I 137 48.73 -11.65 -3.17
N SER I 138 49.20 -10.70 -2.36
CA SER I 138 49.44 -9.33 -2.79
C SER I 138 50.85 -9.23 -3.36
N LYS I 139 50.95 -8.81 -4.62
CA LYS I 139 52.22 -8.84 -5.32
C LYS I 139 53.14 -7.71 -4.85
N SER I 140 54.31 -7.63 -5.47
CA SER I 140 55.31 -6.60 -5.08
C SER I 140 54.90 -5.24 -5.62
N THR I 141 54.15 -5.23 -6.72
CA THR I 141 53.67 -3.95 -7.31
C THR I 141 52.79 -3.22 -6.30
N GLY I 142 51.80 -3.92 -5.73
CA GLY I 142 50.96 -3.30 -4.69
C GLY I 142 49.48 -3.55 -4.94
N GLN I 143 49.12 -4.76 -5.35
CA GLN I 143 47.70 -5.10 -5.60
C GLN I 143 47.45 -6.51 -5.08
N ARG I 144 46.20 -6.96 -5.12
CA ARG I 144 45.86 -8.30 -4.57
C ARG I 144 45.11 -9.11 -5.62
N PHE I 145 45.83 -9.73 -6.53
CA PHE I 145 45.17 -10.60 -7.55
C PHE I 145 44.57 -11.82 -6.86
N SER I 146 43.71 -12.55 -7.57
CA SER I 146 43.19 -13.82 -7.02
C SER I 146 43.67 -14.94 -7.94
N MET I 147 44.87 -15.47 -7.68
CA MET I 147 45.47 -16.48 -8.59
C MET I 147 44.49 -17.61 -8.91
N PHE I 148 44.48 -18.03 -10.18
CA PHE I 148 43.61 -19.16 -10.61
C PHE I 148 44.53 -20.28 -11.09
N LEU I 149 44.27 -21.51 -10.66
CA LEU I 149 45.13 -22.65 -10.95
C LEU I 149 44.43 -23.58 -11.92
N GLU I 150 44.89 -23.62 -13.17
CA GLU I 150 44.39 -24.53 -14.18
C GLU I 150 45.40 -25.65 -14.40
N GLU I 151 44.88 -26.88 -14.49
CA GLU I 151 45.75 -28.03 -14.71
C GLU I 151 46.25 -28.05 -16.14
N CYS I 152 47.57 -28.00 -16.31
CA CYS I 152 48.23 -28.19 -17.59
C CYS I 152 49.14 -29.40 -17.47
N GLU I 153 49.43 -30.02 -18.61
CA GLU I 153 50.41 -31.09 -18.55
C GLU I 153 51.82 -30.51 -18.51
N ASN I 154 52.79 -31.35 -18.15
CA ASN I 154 54.11 -30.89 -17.74
C ASN I 154 54.78 -30.03 -18.81
N SER I 155 55.03 -28.76 -18.45
CA SER I 155 55.86 -27.90 -19.29
C SER I 155 57.34 -28.09 -19.00
N GLU I 156 57.68 -28.64 -17.82
CA GLU I 156 59.05 -28.82 -17.35
C GLU I 156 59.85 -27.52 -17.30
N LYS I 157 59.19 -26.37 -17.41
CA LYS I 157 59.81 -25.08 -17.13
C LYS I 157 58.82 -24.27 -16.31
N PHE I 158 59.23 -23.88 -15.11
CA PHE I 158 58.38 -23.12 -14.20
C PHE I 158 59.05 -21.81 -13.82
N ASN I 159 58.24 -20.78 -13.62
CA ASN I 159 58.68 -19.54 -13.02
C ASN I 159 57.81 -19.24 -11.81
N SER I 160 58.44 -18.89 -10.69
CA SER I 160 57.78 -18.82 -9.39
C SER I 160 56.90 -20.03 -9.18
N TYR I 161 55.60 -19.81 -9.02
CA TYR I 161 54.68 -20.88 -8.65
C TYR I 161 54.52 -21.91 -9.76
N GLY I 162 54.08 -21.48 -10.95
CA GLY I 162 53.60 -22.41 -11.95
C GLY I 162 54.35 -22.48 -13.27
N LEU I 163 53.75 -23.16 -14.25
CA LEU I 163 54.38 -23.54 -15.52
C LEU I 163 54.62 -22.33 -16.43
N CYS I 164 55.29 -22.60 -17.55
CA CYS I 164 55.52 -21.63 -18.63
C CYS I 164 55.67 -22.31 -19.98
N ILE I 165 56.42 -21.68 -20.90
CA ILE I 165 56.50 -22.14 -22.28
C ILE I 165 57.91 -21.96 -22.83
N VAL I 166 58.30 -22.88 -23.72
CA VAL I 166 59.49 -22.74 -24.55
C VAL I 166 59.48 -23.81 -25.63
#